data_2AJ6
# 
_entry.id   2AJ6 
# 
_audit_conform.dict_name       mmcif_pdbx.dic 
_audit_conform.dict_version    5.398 
_audit_conform.dict_location   http://mmcif.pdb.org/dictionaries/ascii/mmcif_pdbx.dic 
# 
loop_
_database_2.database_id 
_database_2.database_code 
_database_2.pdbx_database_accession 
_database_2.pdbx_DOI 
PDB   2AJ6         pdb_00002aj6 10.2210/pdb2aj6/pdb 
RCSB  RCSB033955   ?            ?                   
WWPDB D_1000033955 ?            ?                   
# 
loop_
_pdbx_audit_revision_history.ordinal 
_pdbx_audit_revision_history.data_content_type 
_pdbx_audit_revision_history.major_revision 
_pdbx_audit_revision_history.minor_revision 
_pdbx_audit_revision_history.revision_date 
1 'Structure model' 1 0 2005-08-09 
2 'Structure model' 1 1 2008-04-30 
3 'Structure model' 1 2 2011-07-13 
4 'Structure model' 1 3 2023-01-25 
5 'Structure model' 1 4 2024-11-06 
# 
_pdbx_audit_revision_details.ordinal             1 
_pdbx_audit_revision_details.revision_ordinal    1 
_pdbx_audit_revision_details.data_content_type   'Structure model' 
_pdbx_audit_revision_details.provider            repository 
_pdbx_audit_revision_details.type                'Initial release' 
_pdbx_audit_revision_details.description         ? 
_pdbx_audit_revision_details.details             ? 
# 
loop_
_pdbx_audit_revision_group.ordinal 
_pdbx_audit_revision_group.revision_ordinal 
_pdbx_audit_revision_group.data_content_type 
_pdbx_audit_revision_group.group 
1 2 'Structure model' 'Version format compliance' 
2 3 'Structure model' Advisory                    
3 3 'Structure model' 'Source and taxonomy'       
4 3 'Structure model' 'Version format compliance' 
5 4 'Structure model' 'Database references'       
6 4 'Structure model' 'Derived calculations'      
7 5 'Structure model' 'Data collection'           
8 5 'Structure model' 'Structure summary'         
# 
loop_
_pdbx_audit_revision_category.ordinal 
_pdbx_audit_revision_category.revision_ordinal 
_pdbx_audit_revision_category.data_content_type 
_pdbx_audit_revision_category.category 
1 4 'Structure model' database_2                
2 4 'Structure model' struct_conn               
3 4 'Structure model' struct_ref_seq_dif        
4 4 'Structure model' struct_site               
5 5 'Structure model' chem_comp_atom            
6 5 'Structure model' chem_comp_bond            
7 5 'Structure model' pdbx_entry_details        
8 5 'Structure model' pdbx_modification_feature 
# 
loop_
_pdbx_audit_revision_item.ordinal 
_pdbx_audit_revision_item.revision_ordinal 
_pdbx_audit_revision_item.data_content_type 
_pdbx_audit_revision_item.item 
1 4 'Structure model' '_database_2.pdbx_DOI'                
2 4 'Structure model' '_database_2.pdbx_database_accession' 
3 4 'Structure model' '_struct_conn.pdbx_leaving_atom_flag' 
4 4 'Structure model' '_struct_ref_seq_dif.details'         
5 4 'Structure model' '_struct_site.pdbx_auth_asym_id'      
6 4 'Structure model' '_struct_site.pdbx_auth_comp_id'      
7 4 'Structure model' '_struct_site.pdbx_auth_seq_id'       
# 
_pdbx_database_status.SG_entry                        Y 
_pdbx_database_status.entry_id                        2AJ6 
_pdbx_database_status.deposit_site                    RCSB 
_pdbx_database_status.process_site                    RCSB 
_pdbx_database_status.recvd_initial_deposition_date   2005-08-01 
_pdbx_database_status.status_code                     REL 
_pdbx_database_status.status_code_sf                  REL 
_pdbx_database_status.status_code_mr                  ? 
_pdbx_database_status.status_code_cs                  ? 
_pdbx_database_status.pdb_format_compatible           Y 
_pdbx_database_status.status_code_nmr_data            ? 
_pdbx_database_status.methods_development_category    ? 
# 
_pdbx_database_related.db_name        TargetDB 
_pdbx_database_related.db_id          358652 
_pdbx_database_related.details        . 
_pdbx_database_related.content_type   unspecified 
# 
_audit_author.name           'Joint Center for Structural Genomics (JCSG)' 
_audit_author.pdbx_ordinal   1 
# 
_citation.id                        primary 
_citation.title                     
'Crystal structure of hypothetical protein MW0638 from Staphylococcus aureus MW2 at 1.63 A resolution' 
_citation.journal_abbrev            'To be published' 
_citation.journal_volume            ? 
_citation.page_first                ? 
_citation.page_last                 ? 
_citation.year                      ? 
_citation.journal_id_ASTM           ? 
_citation.country                   ? 
_citation.journal_id_ISSN           ? 
_citation.journal_id_CSD            0353 
_citation.book_publisher            ? 
_citation.pdbx_database_id_PubMed   ? 
_citation.pdbx_database_id_DOI      ? 
# 
_citation_author.citation_id        primary 
_citation_author.name               'Joint Center for Structural Genomics (JCSG)' 
_citation_author.ordinal            1 
_citation_author.identifier_ORCID   ? 
# 
loop_
_entity.id 
_entity.type 
_entity.src_method 
_entity.pdbx_description 
_entity.formula_weight 
_entity.pdbx_number_of_molecules 
_entity.pdbx_ec 
_entity.pdbx_mutation 
_entity.pdbx_fragment 
_entity.details 
1 polymer     man 'hypothetical protein MW0638' 19136.014 1   ? ? ? ? 
2 non-polymer syn 'SULFATE ION'                 96.063    1   ? ? ? ? 
3 non-polymer syn 'UNKNOWN LIGAND'              ?         1   ? ? ? ? 
4 water       nat water                         18.015    122 ? ? ? ? 
# 
_entity_poly.entity_id                      1 
_entity_poly.type                           'polypeptide(L)' 
_entity_poly.nstd_linkage                   no 
_entity_poly.nstd_monomer                   yes 
_entity_poly.pdbx_seq_one_letter_code       
;(MSE)GSDKIHHHHHH(MSE)RTLNKDEHNYIKQIANIHETLLSQVESNYKCTKLSIALRYE(MSE)ICSRLEHTNDKIY
IYENEGQLIAFIWGHFSNEKS(MSE)VNIELLYVEPQFRKLGIATQLKIALEKWAKT(MSE)NAKRISNTIHKNNLP
(MSE)ISLNKDLGYQVSHVK(MSE)YKDID
;
_entity_poly.pdbx_seq_one_letter_code_can   
;MGSDKIHHHHHHMRTLNKDEHNYIKQIANIHETLLSQVESNYKCTKLSIALRYEMICSRLEHTNDKIYIYENEGQLIAFI
WGHFSNEKSMVNIELLYVEPQFRKLGIATQLKIALEKWAKTMNAKRISNTIHKNNLPMISLNKDLGYQVSHVKMYKDID
;
_entity_poly.pdbx_strand_id                 A 
_entity_poly.pdbx_target_identifier         358652 
# 
loop_
_pdbx_entity_nonpoly.entity_id 
_pdbx_entity_nonpoly.name 
_pdbx_entity_nonpoly.comp_id 
2 'SULFATE ION'    SO4 
3 'UNKNOWN LIGAND' UNL 
4 water            HOH 
# 
loop_
_entity_poly_seq.entity_id 
_entity_poly_seq.num 
_entity_poly_seq.mon_id 
_entity_poly_seq.hetero 
1 1   MSE n 
1 2   GLY n 
1 3   SER n 
1 4   ASP n 
1 5   LYS n 
1 6   ILE n 
1 7   HIS n 
1 8   HIS n 
1 9   HIS n 
1 10  HIS n 
1 11  HIS n 
1 12  HIS n 
1 13  MSE n 
1 14  ARG n 
1 15  THR n 
1 16  LEU n 
1 17  ASN n 
1 18  LYS n 
1 19  ASP n 
1 20  GLU n 
1 21  HIS n 
1 22  ASN n 
1 23  TYR n 
1 24  ILE n 
1 25  LYS n 
1 26  GLN n 
1 27  ILE n 
1 28  ALA n 
1 29  ASN n 
1 30  ILE n 
1 31  HIS n 
1 32  GLU n 
1 33  THR n 
1 34  LEU n 
1 35  LEU n 
1 36  SER n 
1 37  GLN n 
1 38  VAL n 
1 39  GLU n 
1 40  SER n 
1 41  ASN n 
1 42  TYR n 
1 43  LYS n 
1 44  CYS n 
1 45  THR n 
1 46  LYS n 
1 47  LEU n 
1 48  SER n 
1 49  ILE n 
1 50  ALA n 
1 51  LEU n 
1 52  ARG n 
1 53  TYR n 
1 54  GLU n 
1 55  MSE n 
1 56  ILE n 
1 57  CYS n 
1 58  SER n 
1 59  ARG n 
1 60  LEU n 
1 61  GLU n 
1 62  HIS n 
1 63  THR n 
1 64  ASN n 
1 65  ASP n 
1 66  LYS n 
1 67  ILE n 
1 68  TYR n 
1 69  ILE n 
1 70  TYR n 
1 71  GLU n 
1 72  ASN n 
1 73  GLU n 
1 74  GLY n 
1 75  GLN n 
1 76  LEU n 
1 77  ILE n 
1 78  ALA n 
1 79  PHE n 
1 80  ILE n 
1 81  TRP n 
1 82  GLY n 
1 83  HIS n 
1 84  PHE n 
1 85  SER n 
1 86  ASN n 
1 87  GLU n 
1 88  LYS n 
1 89  SER n 
1 90  MSE n 
1 91  VAL n 
1 92  ASN n 
1 93  ILE n 
1 94  GLU n 
1 95  LEU n 
1 96  LEU n 
1 97  TYR n 
1 98  VAL n 
1 99  GLU n 
1 100 PRO n 
1 101 GLN n 
1 102 PHE n 
1 103 ARG n 
1 104 LYS n 
1 105 LEU n 
1 106 GLY n 
1 107 ILE n 
1 108 ALA n 
1 109 THR n 
1 110 GLN n 
1 111 LEU n 
1 112 LYS n 
1 113 ILE n 
1 114 ALA n 
1 115 LEU n 
1 116 GLU n 
1 117 LYS n 
1 118 TRP n 
1 119 ALA n 
1 120 LYS n 
1 121 THR n 
1 122 MSE n 
1 123 ASN n 
1 124 ALA n 
1 125 LYS n 
1 126 ARG n 
1 127 ILE n 
1 128 SER n 
1 129 ASN n 
1 130 THR n 
1 131 ILE n 
1 132 HIS n 
1 133 LYS n 
1 134 ASN n 
1 135 ASN n 
1 136 LEU n 
1 137 PRO n 
1 138 MSE n 
1 139 ILE n 
1 140 SER n 
1 141 LEU n 
1 142 ASN n 
1 143 LYS n 
1 144 ASP n 
1 145 LEU n 
1 146 GLY n 
1 147 TYR n 
1 148 GLN n 
1 149 VAL n 
1 150 SER n 
1 151 HIS n 
1 152 VAL n 
1 153 LYS n 
1 154 MSE n 
1 155 TYR n 
1 156 LYS n 
1 157 ASP n 
1 158 ILE n 
1 159 ASP n 
# 
_entity_src_gen.entity_id                          1 
_entity_src_gen.pdbx_src_id                        1 
_entity_src_gen.pdbx_alt_source_flag               sample 
_entity_src_gen.pdbx_seq_type                      ? 
_entity_src_gen.pdbx_beg_seq_num                   ? 
_entity_src_gen.pdbx_end_seq_num                   ? 
_entity_src_gen.gene_src_common_name               ? 
_entity_src_gen.gene_src_genus                     Staphylococcus 
_entity_src_gen.pdbx_gene_src_gene                 np_645455.1 
_entity_src_gen.gene_src_species                   'Staphylococcus aureus' 
_entity_src_gen.gene_src_strain                    MW2 
_entity_src_gen.gene_src_tissue                    ? 
_entity_src_gen.gene_src_tissue_fraction           ? 
_entity_src_gen.gene_src_details                   ? 
_entity_src_gen.pdbx_gene_src_fragment             ? 
_entity_src_gen.pdbx_gene_src_scientific_name      'Staphylococcus aureus subsp. aureus' 
_entity_src_gen.pdbx_gene_src_ncbi_taxonomy_id     196620 
_entity_src_gen.pdbx_gene_src_variant              ? 
_entity_src_gen.pdbx_gene_src_cell_line            ? 
_entity_src_gen.pdbx_gene_src_atcc                 ? 
_entity_src_gen.pdbx_gene_src_organ                ? 
_entity_src_gen.pdbx_gene_src_organelle            ? 
_entity_src_gen.pdbx_gene_src_cell                 ? 
_entity_src_gen.pdbx_gene_src_cellular_location    ? 
_entity_src_gen.host_org_common_name               ? 
_entity_src_gen.pdbx_host_org_scientific_name      'Escherichia coli' 
_entity_src_gen.pdbx_host_org_ncbi_taxonomy_id     562 
_entity_src_gen.host_org_genus                     Escherichia 
_entity_src_gen.pdbx_host_org_gene                 ? 
_entity_src_gen.pdbx_host_org_organ                ? 
_entity_src_gen.host_org_species                   ? 
_entity_src_gen.pdbx_host_org_tissue               ? 
_entity_src_gen.pdbx_host_org_tissue_fraction      ? 
_entity_src_gen.pdbx_host_org_strain               HK100 
_entity_src_gen.pdbx_host_org_variant              ? 
_entity_src_gen.pdbx_host_org_cell_line            ? 
_entity_src_gen.pdbx_host_org_atcc                 ? 
_entity_src_gen.pdbx_host_org_culture_collection   ? 
_entity_src_gen.pdbx_host_org_cell                 ? 
_entity_src_gen.pdbx_host_org_organelle            ? 
_entity_src_gen.pdbx_host_org_cellular_location    ? 
_entity_src_gen.pdbx_host_org_vector_type          Plasmid 
_entity_src_gen.pdbx_host_org_vector               ? 
_entity_src_gen.host_org_details                   ? 
_entity_src_gen.expression_system_id               ? 
_entity_src_gen.plasmid_name                       ? 
_entity_src_gen.plasmid_details                    ? 
_entity_src_gen.pdbx_description                   ? 
# 
loop_
_chem_comp.id 
_chem_comp.type 
_chem_comp.mon_nstd_flag 
_chem_comp.name 
_chem_comp.pdbx_synonyms 
_chem_comp.formula 
_chem_comp.formula_weight 
ALA 'L-peptide linking' y ALANINE          ? 'C3 H7 N O2'     89.093  
ARG 'L-peptide linking' y ARGININE         ? 'C6 H15 N4 O2 1' 175.209 
ASN 'L-peptide linking' y ASPARAGINE       ? 'C4 H8 N2 O3'    132.118 
ASP 'L-peptide linking' y 'ASPARTIC ACID'  ? 'C4 H7 N O4'     133.103 
CYS 'L-peptide linking' y CYSTEINE         ? 'C3 H7 N O2 S'   121.158 
GLN 'L-peptide linking' y GLUTAMINE        ? 'C5 H10 N2 O3'   146.144 
GLU 'L-peptide linking' y 'GLUTAMIC ACID'  ? 'C5 H9 N O4'     147.129 
GLY 'peptide linking'   y GLYCINE          ? 'C2 H5 N O2'     75.067  
HIS 'L-peptide linking' y HISTIDINE        ? 'C6 H10 N3 O2 1' 156.162 
HOH non-polymer         . WATER            ? 'H2 O'           18.015  
ILE 'L-peptide linking' y ISOLEUCINE       ? 'C6 H13 N O2'    131.173 
LEU 'L-peptide linking' y LEUCINE          ? 'C6 H13 N O2'    131.173 
LYS 'L-peptide linking' y LYSINE           ? 'C6 H15 N2 O2 1' 147.195 
MET 'L-peptide linking' y METHIONINE       ? 'C5 H11 N O2 S'  149.211 
MSE 'L-peptide linking' n SELENOMETHIONINE ? 'C5 H11 N O2 Se' 196.106 
PHE 'L-peptide linking' y PHENYLALANINE    ? 'C9 H11 N O2'    165.189 
PRO 'L-peptide linking' y PROLINE          ? 'C5 H9 N O2'     115.130 
SER 'L-peptide linking' y SERINE           ? 'C3 H7 N O3'     105.093 
SO4 non-polymer         . 'SULFATE ION'    ? 'O4 S -2'        96.063  
THR 'L-peptide linking' y THREONINE        ? 'C4 H9 N O3'     119.119 
TRP 'L-peptide linking' y TRYPTOPHAN       ? 'C11 H12 N2 O2'  204.225 
TYR 'L-peptide linking' y TYROSINE         ? 'C9 H11 N O3'    181.189 
UNL non-polymer         . 'UNKNOWN LIGAND' ? ?                ?       
VAL 'L-peptide linking' y VALINE           ? 'C5 H11 N O2'    117.146 
# 
loop_
_pdbx_poly_seq_scheme.asym_id 
_pdbx_poly_seq_scheme.entity_id 
_pdbx_poly_seq_scheme.seq_id 
_pdbx_poly_seq_scheme.mon_id 
_pdbx_poly_seq_scheme.ndb_seq_num 
_pdbx_poly_seq_scheme.pdb_seq_num 
_pdbx_poly_seq_scheme.auth_seq_num 
_pdbx_poly_seq_scheme.pdb_mon_id 
_pdbx_poly_seq_scheme.auth_mon_id 
_pdbx_poly_seq_scheme.pdb_strand_id 
_pdbx_poly_seq_scheme.pdb_ins_code 
_pdbx_poly_seq_scheme.hetero 
A 1 1   MSE 1   -11 ?   ?   ?   A . n 
A 1 2   GLY 2   -10 ?   ?   ?   A . n 
A 1 3   SER 3   -9  ?   ?   ?   A . n 
A 1 4   ASP 4   -8  ?   ?   ?   A . n 
A 1 5   LYS 5   -7  ?   ?   ?   A . n 
A 1 6   ILE 6   -6  ?   ?   ?   A . n 
A 1 7   HIS 7   -5  ?   ?   ?   A . n 
A 1 8   HIS 8   -4  ?   ?   ?   A . n 
A 1 9   HIS 9   -3  ?   ?   ?   A . n 
A 1 10  HIS 10  -2  ?   ?   ?   A . n 
A 1 11  HIS 11  -1  -1  HIS HIS A . n 
A 1 12  HIS 12  0   0   HIS HIS A . n 
A 1 13  MSE 13  1   1   MSE MSE A . n 
A 1 14  ARG 14  2   2   ARG ARG A . n 
A 1 15  THR 15  3   3   THR THR A . n 
A 1 16  LEU 16  4   4   LEU LEU A . n 
A 1 17  ASN 17  5   5   ASN ASN A . n 
A 1 18  LYS 18  6   6   LYS LYS A . n 
A 1 19  ASP 19  7   7   ASP ASP A . n 
A 1 20  GLU 20  8   8   GLU GLU A . n 
A 1 21  HIS 21  9   9   HIS HIS A . n 
A 1 22  ASN 22  10  10  ASN ASN A . n 
A 1 23  TYR 23  11  11  TYR TYR A . n 
A 1 24  ILE 24  12  12  ILE ILE A . n 
A 1 25  LYS 25  13  13  LYS LYS A . n 
A 1 26  GLN 26  14  14  GLN GLN A . n 
A 1 27  ILE 27  15  15  ILE ILE A . n 
A 1 28  ALA 28  16  16  ALA ALA A . n 
A 1 29  ASN 29  17  17  ASN ASN A . n 
A 1 30  ILE 30  18  18  ILE ILE A . n 
A 1 31  HIS 31  19  19  HIS HIS A . n 
A 1 32  GLU 32  20  20  GLU GLU A . n 
A 1 33  THR 33  21  21  THR THR A . n 
A 1 34  LEU 34  22  22  LEU LEU A . n 
A 1 35  LEU 35  23  23  LEU LEU A . n 
A 1 36  SER 36  24  24  SER SER A . n 
A 1 37  GLN 37  25  25  GLN GLN A . n 
A 1 38  VAL 38  26  26  VAL VAL A . n 
A 1 39  GLU 39  27  27  GLU GLU A . n 
A 1 40  SER 40  28  28  SER SER A . n 
A 1 41  ASN 41  29  29  ASN ASN A . n 
A 1 42  TYR 42  30  30  TYR TYR A . n 
A 1 43  LYS 43  31  31  LYS LYS A . n 
A 1 44  CYS 44  32  32  CYS CYS A . n 
A 1 45  THR 45  33  33  THR THR A . n 
A 1 46  LYS 46  34  34  LYS LYS A . n 
A 1 47  LEU 47  35  35  LEU LEU A . n 
A 1 48  SER 48  36  36  SER SER A . n 
A 1 49  ILE 49  37  37  ILE ILE A . n 
A 1 50  ALA 50  38  38  ALA ALA A . n 
A 1 51  LEU 51  39  39  LEU LEU A . n 
A 1 52  ARG 52  40  40  ARG ARG A . n 
A 1 53  TYR 53  41  41  TYR TYR A . n 
A 1 54  GLU 54  42  42  GLU GLU A . n 
A 1 55  MSE 55  43  43  MSE MSE A . n 
A 1 56  ILE 56  44  44  ILE ILE A . n 
A 1 57  CYS 57  45  45  CYS CYS A . n 
A 1 58  SER 58  46  46  SER SER A . n 
A 1 59  ARG 59  47  47  ARG ARG A . n 
A 1 60  LEU 60  48  48  LEU LEU A . n 
A 1 61  GLU 61  49  49  GLU GLU A . n 
A 1 62  HIS 62  50  50  HIS HIS A . n 
A 1 63  THR 63  51  51  THR THR A . n 
A 1 64  ASN 64  52  52  ASN ASN A . n 
A 1 65  ASP 65  53  53  ASP ASP A . n 
A 1 66  LYS 66  54  54  LYS LYS A . n 
A 1 67  ILE 67  55  55  ILE ILE A . n 
A 1 68  TYR 68  56  56  TYR TYR A . n 
A 1 69  ILE 69  57  57  ILE ILE A . n 
A 1 70  TYR 70  58  58  TYR TYR A . n 
A 1 71  GLU 71  59  59  GLU GLU A . n 
A 1 72  ASN 72  60  60  ASN ASN A . n 
A 1 73  GLU 73  61  61  GLU GLU A . n 
A 1 74  GLY 74  62  62  GLY GLY A . n 
A 1 75  GLN 75  63  63  GLN GLN A . n 
A 1 76  LEU 76  64  64  LEU LEU A . n 
A 1 77  ILE 77  65  65  ILE ILE A . n 
A 1 78  ALA 78  66  66  ALA ALA A . n 
A 1 79  PHE 79  67  67  PHE PHE A . n 
A 1 80  ILE 80  68  68  ILE ILE A . n 
A 1 81  TRP 81  69  69  TRP TRP A . n 
A 1 82  GLY 82  70  70  GLY GLY A . n 
A 1 83  HIS 83  71  71  HIS HIS A . n 
A 1 84  PHE 84  72  72  PHE PHE A . n 
A 1 85  SER 85  73  73  SER SER A . n 
A 1 86  ASN 86  74  74  ASN ASN A . n 
A 1 87  GLU 87  75  75  GLU GLU A . n 
A 1 88  LYS 88  76  76  LYS LYS A . n 
A 1 89  SER 89  77  77  SER SER A . n 
A 1 90  MSE 90  78  78  MSE MSE A . n 
A 1 91  VAL 91  79  79  VAL VAL A . n 
A 1 92  ASN 92  80  80  ASN ASN A . n 
A 1 93  ILE 93  81  81  ILE ILE A . n 
A 1 94  GLU 94  82  82  GLU GLU A . n 
A 1 95  LEU 95  83  83  LEU LEU A . n 
A 1 96  LEU 96  84  84  LEU LEU A . n 
A 1 97  TYR 97  85  85  TYR TYR A . n 
A 1 98  VAL 98  86  86  VAL VAL A . n 
A 1 99  GLU 99  87  87  GLU GLU A . n 
A 1 100 PRO 100 88  88  PRO PRO A . n 
A 1 101 GLN 101 89  89  GLN GLN A . n 
A 1 102 PHE 102 90  90  PHE PHE A . n 
A 1 103 ARG 103 91  91  ARG ARG A . n 
A 1 104 LYS 104 92  92  LYS LYS A . n 
A 1 105 LEU 105 93  93  LEU LEU A . n 
A 1 106 GLY 106 94  94  GLY GLY A . n 
A 1 107 ILE 107 95  95  ILE ILE A . n 
A 1 108 ALA 108 96  96  ALA ALA A . n 
A 1 109 THR 109 97  97  THR THR A . n 
A 1 110 GLN 110 98  98  GLN GLN A . n 
A 1 111 LEU 111 99  99  LEU LEU A . n 
A 1 112 LYS 112 100 100 LYS LYS A . n 
A 1 113 ILE 113 101 101 ILE ILE A . n 
A 1 114 ALA 114 102 102 ALA ALA A . n 
A 1 115 LEU 115 103 103 LEU LEU A . n 
A 1 116 GLU 116 104 104 GLU GLU A . n 
A 1 117 LYS 117 105 105 LYS LYS A . n 
A 1 118 TRP 118 106 106 TRP TRP A . n 
A 1 119 ALA 119 107 107 ALA ALA A . n 
A 1 120 LYS 120 108 108 LYS LYS A . n 
A 1 121 THR 121 109 109 THR THR A . n 
A 1 122 MSE 122 110 110 MSE MSE A . n 
A 1 123 ASN 123 111 111 ASN ASN A . n 
A 1 124 ALA 124 112 112 ALA ALA A . n 
A 1 125 LYS 125 113 113 LYS LYS A . n 
A 1 126 ARG 126 114 114 ARG ARG A . n 
A 1 127 ILE 127 115 115 ILE ILE A . n 
A 1 128 SER 128 116 116 SER SER A . n 
A 1 129 ASN 129 117 117 ASN ASN A . n 
A 1 130 THR 130 118 118 THR THR A . n 
A 1 131 ILE 131 119 ?   ?   ?   A . n 
A 1 132 HIS 132 120 ?   ?   ?   A . n 
A 1 133 LYS 133 121 ?   ?   ?   A . n 
A 1 134 ASN 134 122 ?   ?   ?   A . n 
A 1 135 ASN 135 123 ?   ?   ?   A . n 
A 1 136 LEU 136 124 ?   ?   ?   A . n 
A 1 137 PRO 137 125 ?   ?   ?   A . n 
A 1 138 MSE 138 126 ?   ?   ?   A . n 
A 1 139 ILE 139 127 ?   ?   ?   A . n 
A 1 140 SER 140 128 ?   ?   ?   A . n 
A 1 141 LEU 141 129 ?   ?   ?   A . n 
A 1 142 ASN 142 130 ?   ?   ?   A . n 
A 1 143 LYS 143 131 ?   ?   ?   A . n 
A 1 144 ASP 144 132 ?   ?   ?   A . n 
A 1 145 LEU 145 133 ?   ?   ?   A . n 
A 1 146 GLY 146 134 ?   ?   ?   A . n 
A 1 147 TYR 147 135 ?   ?   ?   A . n 
A 1 148 GLN 148 136 ?   ?   ?   A . n 
A 1 149 VAL 149 137 ?   ?   ?   A . n 
A 1 150 SER 150 138 ?   ?   ?   A . n 
A 1 151 HIS 151 139 ?   ?   ?   A . n 
A 1 152 VAL 152 140 ?   ?   ?   A . n 
A 1 153 LYS 153 141 ?   ?   ?   A . n 
A 1 154 MSE 154 142 ?   ?   ?   A . n 
A 1 155 TYR 155 143 ?   ?   ?   A . n 
A 1 156 LYS 156 144 ?   ?   ?   A . n 
A 1 157 ASP 157 145 ?   ?   ?   A . n 
A 1 158 ILE 158 146 ?   ?   ?   A . n 
A 1 159 ASP 159 147 ?   ?   ?   A . n 
# 
loop_
_pdbx_nonpoly_scheme.asym_id 
_pdbx_nonpoly_scheme.entity_id 
_pdbx_nonpoly_scheme.mon_id 
_pdbx_nonpoly_scheme.ndb_seq_num 
_pdbx_nonpoly_scheme.pdb_seq_num 
_pdbx_nonpoly_scheme.auth_seq_num 
_pdbx_nonpoly_scheme.pdb_mon_id 
_pdbx_nonpoly_scheme.auth_mon_id 
_pdbx_nonpoly_scheme.pdb_strand_id 
_pdbx_nonpoly_scheme.pdb_ins_code 
B 2 SO4 1   148 2   SO4 SO4 A . 
C 3 UNL 1   149 1   UNL UNL A . 
D 4 HOH 1   150 3   HOH HOH A . 
D 4 HOH 2   151 4   HOH HOH A . 
D 4 HOH 3   152 5   HOH HOH A . 
D 4 HOH 4   153 6   HOH HOH A . 
D 4 HOH 5   154 7   HOH HOH A . 
D 4 HOH 6   155 8   HOH HOH A . 
D 4 HOH 7   156 9   HOH HOH A . 
D 4 HOH 8   157 10  HOH HOH A . 
D 4 HOH 9   158 11  HOH HOH A . 
D 4 HOH 10  159 12  HOH HOH A . 
D 4 HOH 11  160 13  HOH HOH A . 
D 4 HOH 12  161 14  HOH HOH A . 
D 4 HOH 13  162 15  HOH HOH A . 
D 4 HOH 14  163 16  HOH HOH A . 
D 4 HOH 15  164 17  HOH HOH A . 
D 4 HOH 16  165 18  HOH HOH A . 
D 4 HOH 17  166 19  HOH HOH A . 
D 4 HOH 18  167 20  HOH HOH A . 
D 4 HOH 19  168 21  HOH HOH A . 
D 4 HOH 20  169 22  HOH HOH A . 
D 4 HOH 21  170 23  HOH HOH A . 
D 4 HOH 22  171 24  HOH HOH A . 
D 4 HOH 23  172 25  HOH HOH A . 
D 4 HOH 24  173 26  HOH HOH A . 
D 4 HOH 25  174 27  HOH HOH A . 
D 4 HOH 26  175 28  HOH HOH A . 
D 4 HOH 27  176 29  HOH HOH A . 
D 4 HOH 28  177 30  HOH HOH A . 
D 4 HOH 29  178 31  HOH HOH A . 
D 4 HOH 30  179 32  HOH HOH A . 
D 4 HOH 31  180 33  HOH HOH A . 
D 4 HOH 32  181 34  HOH HOH A . 
D 4 HOH 33  182 35  HOH HOH A . 
D 4 HOH 34  183 36  HOH HOH A . 
D 4 HOH 35  184 37  HOH HOH A . 
D 4 HOH 36  185 38  HOH HOH A . 
D 4 HOH 37  186 39  HOH HOH A . 
D 4 HOH 38  187 40  HOH HOH A . 
D 4 HOH 39  188 41  HOH HOH A . 
D 4 HOH 40  189 42  HOH HOH A . 
D 4 HOH 41  190 43  HOH HOH A . 
D 4 HOH 42  191 44  HOH HOH A . 
D 4 HOH 43  192 45  HOH HOH A . 
D 4 HOH 44  193 46  HOH HOH A . 
D 4 HOH 45  194 47  HOH HOH A . 
D 4 HOH 46  195 48  HOH HOH A . 
D 4 HOH 47  196 49  HOH HOH A . 
D 4 HOH 48  197 50  HOH HOH A . 
D 4 HOH 49  198 51  HOH HOH A . 
D 4 HOH 50  199 52  HOH HOH A . 
D 4 HOH 51  200 53  HOH HOH A . 
D 4 HOH 52  201 54  HOH HOH A . 
D 4 HOH 53  202 55  HOH HOH A . 
D 4 HOH 54  203 56  HOH HOH A . 
D 4 HOH 55  204 57  HOH HOH A . 
D 4 HOH 56  205 58  HOH HOH A . 
D 4 HOH 57  206 59  HOH HOH A . 
D 4 HOH 58  207 60  HOH HOH A . 
D 4 HOH 59  208 61  HOH HOH A . 
D 4 HOH 60  209 62  HOH HOH A . 
D 4 HOH 61  210 63  HOH HOH A . 
D 4 HOH 62  211 64  HOH HOH A . 
D 4 HOH 63  212 65  HOH HOH A . 
D 4 HOH 64  213 66  HOH HOH A . 
D 4 HOH 65  214 67  HOH HOH A . 
D 4 HOH 66  215 68  HOH HOH A . 
D 4 HOH 67  216 69  HOH HOH A . 
D 4 HOH 68  217 70  HOH HOH A . 
D 4 HOH 69  218 71  HOH HOH A . 
D 4 HOH 70  219 72  HOH HOH A . 
D 4 HOH 71  220 73  HOH HOH A . 
D 4 HOH 72  221 74  HOH HOH A . 
D 4 HOH 73  222 75  HOH HOH A . 
D 4 HOH 74  223 76  HOH HOH A . 
D 4 HOH 75  224 77  HOH HOH A . 
D 4 HOH 76  225 78  HOH HOH A . 
D 4 HOH 77  226 79  HOH HOH A . 
D 4 HOH 78  227 80  HOH HOH A . 
D 4 HOH 79  228 81  HOH HOH A . 
D 4 HOH 80  229 82  HOH HOH A . 
D 4 HOH 81  230 83  HOH HOH A . 
D 4 HOH 82  231 84  HOH HOH A . 
D 4 HOH 83  232 85  HOH HOH A . 
D 4 HOH 84  233 86  HOH HOH A . 
D 4 HOH 85  234 87  HOH HOH A . 
D 4 HOH 86  235 88  HOH HOH A . 
D 4 HOH 87  236 89  HOH HOH A . 
D 4 HOH 88  237 90  HOH HOH A . 
D 4 HOH 89  238 91  HOH HOH A . 
D 4 HOH 90  239 92  HOH HOH A . 
D 4 HOH 91  240 93  HOH HOH A . 
D 4 HOH 92  241 94  HOH HOH A . 
D 4 HOH 93  242 95  HOH HOH A . 
D 4 HOH 94  243 96  HOH HOH A . 
D 4 HOH 95  244 97  HOH HOH A . 
D 4 HOH 96  245 98  HOH HOH A . 
D 4 HOH 97  246 99  HOH HOH A . 
D 4 HOH 98  247 100 HOH HOH A . 
D 4 HOH 99  248 101 HOH HOH A . 
D 4 HOH 100 249 102 HOH HOH A . 
D 4 HOH 101 250 103 HOH HOH A . 
D 4 HOH 102 251 104 HOH HOH A . 
D 4 HOH 103 252 105 HOH HOH A . 
D 4 HOH 104 253 106 HOH HOH A . 
D 4 HOH 105 254 107 HOH HOH A . 
D 4 HOH 106 255 108 HOH HOH A . 
D 4 HOH 107 256 109 HOH HOH A . 
D 4 HOH 108 257 110 HOH HOH A . 
D 4 HOH 109 258 111 HOH HOH A . 
D 4 HOH 110 259 112 HOH HOH A . 
D 4 HOH 111 260 113 HOH HOH A . 
D 4 HOH 112 261 114 HOH HOH A . 
D 4 HOH 113 262 115 HOH HOH A . 
D 4 HOH 114 263 116 HOH HOH A . 
D 4 HOH 115 264 117 HOH HOH A . 
D 4 HOH 116 265 118 HOH HOH A . 
D 4 HOH 117 266 119 HOH HOH A . 
D 4 HOH 118 267 120 HOH HOH A . 
D 4 HOH 119 268 121 HOH HOH A . 
D 4 HOH 120 269 122 HOH HOH A . 
D 4 HOH 121 270 123 HOH HOH A . 
D 4 HOH 122 271 124 HOH HOH A . 
# 
loop_
_pdbx_unobs_or_zero_occ_atoms.id 
_pdbx_unobs_or_zero_occ_atoms.PDB_model_num 
_pdbx_unobs_or_zero_occ_atoms.polymer_flag 
_pdbx_unobs_or_zero_occ_atoms.occupancy_flag 
_pdbx_unobs_or_zero_occ_atoms.auth_asym_id 
_pdbx_unobs_or_zero_occ_atoms.auth_comp_id 
_pdbx_unobs_or_zero_occ_atoms.auth_seq_id 
_pdbx_unobs_or_zero_occ_atoms.PDB_ins_code 
_pdbx_unobs_or_zero_occ_atoms.auth_atom_id 
_pdbx_unobs_or_zero_occ_atoms.label_alt_id 
_pdbx_unobs_or_zero_occ_atoms.label_asym_id 
_pdbx_unobs_or_zero_occ_atoms.label_comp_id 
_pdbx_unobs_or_zero_occ_atoms.label_seq_id 
_pdbx_unobs_or_zero_occ_atoms.label_atom_id 
1  1 Y 1 A ASN 29  ? CG  ? A ASN 41  CG  
2  1 Y 1 A ASN 29  ? OD1 ? A ASN 41  OD1 
3  1 Y 1 A ASN 29  ? ND2 ? A ASN 41  ND2 
4  1 Y 1 A LYS 31  ? CD  ? A LYS 43  CD  
5  1 Y 1 A LYS 31  ? CE  ? A LYS 43  CE  
6  1 Y 1 A LYS 31  ? NZ  ? A LYS 43  NZ  
7  1 Y 1 A LYS 34  ? CD  ? A LYS 46  CD  
8  1 Y 1 A LYS 34  ? CE  ? A LYS 46  CE  
9  1 Y 1 A LYS 34  ? NZ  ? A LYS 46  NZ  
10 1 Y 1 A GLU 75  ? CG  ? A GLU 87  CG  
11 1 Y 1 A GLU 75  ? CD  ? A GLU 87  CD  
12 1 Y 1 A GLU 75  ? OE1 ? A GLU 87  OE1 
13 1 Y 1 A GLU 75  ? OE2 ? A GLU 87  OE2 
14 1 Y 1 A LYS 76  ? CE  ? A LYS 88  CE  
15 1 Y 1 A LYS 76  ? NZ  ? A LYS 88  NZ  
16 1 Y 1 A ILE 115 ? CG1 ? A ILE 127 CG1 
17 1 Y 1 A ILE 115 ? CD1 ? A ILE 127 CD1 
# 
loop_
_software.name 
_software.version 
_software.date 
_software.type 
_software.contact_author 
_software.contact_author_email 
_software.classification 
_software.location 
_software.language 
_software.citation_id 
_software.pdbx_ordinal 
REFMAC      5.2.0005  ?               ?       'Murshudov, G.N.' ccp4@dl.ac.uk            refinement        
http://www.ccp4.ac.uk/main.html            Fortran ? 1 
SCALA       .         ?               ?       'Phil Evans'      pre@mrc-lmb.cam.ac.uk    'data scaling'    
http://www.ccp4.ac.uk/dist/html/INDEX.html Fortran ? 2 
PDB_EXTRACT 1.601     'Jan. 30, 2005' package PDB               sw-help@rcsb.rutgers.edu 'data extraction' 
http://pdb.rutgers.edu/software/           C++     ? 3 
MOSFLM      .         ?               ?       ?                 ?                        'data reduction'  ? ?       ? 4 
CCP4        '(SCALA)' ?               ?       ?                 ?                        'data scaling'    ? ?       ? 5 
SOLVE       .         ?               ?       ?                 ?                        phasing           ? ?       ? 6 
# 
_cell.length_a           40.058 
_cell.length_b           74.856 
_cell.length_c           90.716 
_cell.angle_alpha        90.000 
_cell.angle_beta         90.000 
_cell.angle_gamma        90.000 
_cell.entry_id           2AJ6 
_cell.pdbx_unique_axis   ? 
_cell.Z_PDB              8 
# 
_symmetry.Int_Tables_number                23 
_symmetry.space_group_name_H-M             'I 2 2 2' 
_symmetry.entry_id                         2AJ6 
_symmetry.pdbx_full_space_group_name_H-M   ? 
_symmetry.cell_setting                     ? 
_symmetry.space_group_name_Hall            ? 
# 
_exptl.crystals_number   1 
_exptl.method            'X-RAY DIFFRACTION' 
_exptl.entry_id          2AJ6 
# 
_exptl_crystal.id                    1 
_exptl_crystal.density_percent_sol   41.15 
_exptl_crystal.density_Matthews      1.8 
_exptl_crystal.description           ? 
_exptl_crystal.density_meas          ? 
_exptl_crystal.F_000                 ? 
_exptl_crystal.preparation           ? 
# 
_exptl_crystal_grow.crystal_id      1 
_exptl_crystal_grow.method          'VAPOR DIFFUSION, SITTING DROP, NANODROP' 
_exptl_crystal_grow.pH              5.9 
_exptl_crystal_grow.temp            277 
_exptl_crystal_grow.pdbx_details    
'0.2M MgSO4, 20.0% PEG-3350, No Buffer, pH 5.9, VAPOR DIFFUSION, SITTING DROP, NANODROP, temperature 277K' 
_exptl_crystal_grow.temp_details    ? 
_exptl_crystal_grow.pdbx_pH_range   . 
# 
_diffrn.id                     1 
_diffrn.ambient_temp           100 
_diffrn.ambient_temp_details   ? 
_diffrn.crystal_id             1 
# 
_diffrn_detector.diffrn_id              1 
_diffrn_detector.detector               CCD 
_diffrn_detector.type                   'MARMOSAIC 325 mm CCD' 
_diffrn_detector.details                ? 
_diffrn_detector.pdbx_collection_date   2005-06-05 
# 
_diffrn_radiation.diffrn_id                        1 
_diffrn_radiation.wavelength_id                    1 
_diffrn_radiation.pdbx_diffrn_protocol             MAD 
_diffrn_radiation.monochromator                    ? 
_diffrn_radiation.pdbx_monochromatic_or_laue_m_l   M 
_diffrn_radiation.pdbx_scattering_type             x-ray 
# 
loop_
_diffrn_radiation_wavelength.id 
_diffrn_radiation_wavelength.wavelength 
_diffrn_radiation_wavelength.wt 
1 0.91162 1.0 
2 0.97934 1.0 
# 
_diffrn_source.diffrn_id                   1 
_diffrn_source.source                      SYNCHROTRON 
_diffrn_source.pdbx_synchrotron_beamline   BL9-2 
_diffrn_source.type                        'SSRL BEAMLINE BL9-2' 
_diffrn_source.pdbx_wavelength             ? 
_diffrn_source.pdbx_wavelength_list        '0.91162, 0.97934' 
_diffrn_source.pdbx_synchrotron_site       SSRL 
# 
_reflns.entry_id                     2AJ6 
_reflns.d_resolution_low             28.87 
_reflns.d_resolution_high            1.50 
_reflns.number_obs                   17165 
_reflns.percent_possible_obs         98.600 
_reflns.pdbx_Rmerge_I_obs            0.056 
_reflns.pdbx_chi_squared             ? 
_reflns.pdbx_redundancy              3.500 
_reflns.pdbx_scaling_rejects         ? 
_reflns.pdbx_netI_over_sigmaI        4.900 
_reflns.pdbx_Rsym_value              0.056 
_reflns.observed_criterion_sigma_F   ? 
_reflns.observed_criterion_sigma_I   ? 
_reflns.number_all                   ? 
_reflns.B_iso_Wilson_estimate        ? 
_reflns.R_free_details               ? 
_reflns.limit_h_max                  ? 
_reflns.limit_h_min                  ? 
_reflns.limit_k_max                  ? 
_reflns.limit_k_min                  ? 
_reflns.limit_l_max                  ? 
_reflns.limit_l_min                  ? 
_reflns.observed_criterion_F_max     ? 
_reflns.observed_criterion_F_min     ? 
_reflns.pdbx_ordinal                 1 
_reflns.pdbx_diffrn_id               1 
# 
loop_
_reflns_shell.d_res_low 
_reflns_shell.d_res_high 
_reflns_shell.number_measured_obs 
_reflns_shell.percent_possible_obs 
_reflns_shell.Rmerge_I_obs 
_reflns_shell.pdbx_chi_squared 
_reflns_shell.pdbx_redundancy 
_reflns_shell.number_unique_obs 
_reflns_shell.meanI_over_sigI_obs 
_reflns_shell.pdbx_Rsym_value 
_reflns_shell.percent_possible_all 
_reflns_shell.number_unique_all 
_reflns_shell.number_measured_all 
_reflns_shell.pdbx_ordinal 
_reflns_shell.pdbx_diffrn_id 
1.67  1.63 1098 87.700  0.551 ? 2.500 ? 1.400  0.551 ? ? ? 1  1 
1.72  1.67 1147 94.000  0.465 ? 2.900 ? 1.600  0.465 ? ? ? 2  1 
1.77  1.72 1204 99.700  0.354 ? 3.500 ? 2.200  0.354 ? ? ? 3  1 
1.82  1.77 1180 100.000 0.31  ? 3.700 ? 2.400  0.31  ? ? ? 4  1 
1.88  1.82 1137 100.000 0.223 ? 3.600 ? 3.400  0.223 ? ? ? 5  1 
1.95  1.88 1093 100.000 0.163 ? 3.600 ? 4.400  0.163 ? ? ? 6  1 
2.02  1.95 1063 100.000 0.122 ? 3.600 ? 5.800  0.122 ? ? ? 7  1 
2.10  2.02 1026 100.000 0.1   ? 3.700 ? 6.900  0.1   ? ? ? 8  1 
2.20  2.10 977  100.000 0.081 ? 3.600 ? 8.800  0.081 ? ? ? 9  1 
2.31  2.20 954  100.000 0.078 ? 3.600 ? 8.500  0.078 ? ? ? 10 1 
2.43  2.31 891  100.000 0.07  ? 3.600 ? 9.600  0.07  ? ? ? 11 1 
2.58  2.43 860  100.000 0.059 ? 3.600 ? 11.400 0.059 ? ? ? 12 1 
2.76  2.58 800  100.000 0.056 ? 3.600 ? 11.400 0.056 ? ? ? 13 1 
2.98  2.76 757  100.000 0.056 ? 3.600 ? 11.100 0.056 ? ? ? 14 1 
3.26  2.98 712  100.000 0.054 ? 3.600 ? 11.300 0.054 ? ? ? 15 1 
3.64  3.26 628  100.000 0.039 ? 3.600 ? 15.100 0.039 ? ? ? 16 1 
4.21  3.64 559  99.900  0.038 ? 3.500 ? 16.000 0.038 ? ? ? 17 1 
5.15  4.21 477  99.500  0.037 ? 3.500 ? 16.700 0.037 ? ? ? 18 1 
7.29  5.15 380  99.400  0.041 ? 3.400 ? 14.100 0.041 ? ? ? 19 1 
28.87 7.29 222  96.400  0.062 ? 3.100 ? 4.600  0.062 ? ? ? 20 1 
# 
_refine.ls_d_res_high                            1.630 
_refine.ls_d_res_low                             28.870 
_refine.ls_percent_reflns_obs                    98.420 
_refine.ls_number_reflns_obs                     16334 
_refine.pdbx_ls_cross_valid_method               THROUGHOUT 
_refine.pdbx_R_Free_selection_details            RANDOM 
_refine.ls_R_factor_all                          0.183 
_refine.ls_R_factor_R_work                       0.181 
_refine.ls_R_factor_R_free                       0.217 
_refine.ls_percent_reflns_R_free                 4.800 
_refine.ls_number_reflns_R_free                  830 
_refine.B_iso_mean                               28.222 
_refine.aniso_B[1][1]                            1.570 
_refine.aniso_B[2][2]                            0.060 
_refine.aniso_B[3][3]                            -1.640 
_refine.aniso_B[1][2]                            0.000 
_refine.aniso_B[1][3]                            0.000 
_refine.aniso_B[2][3]                            0.000 
_refine.correlation_coeff_Fo_to_Fc               0.967 
_refine.correlation_coeff_Fo_to_Fc_free          0.958 
_refine.pdbx_overall_ESU_R                       0.094 
_refine.pdbx_overall_ESU_R_Free                  0.096 
_refine.overall_SU_ML                            0.077 
_refine.overall_SU_B                             4.553 
_refine.solvent_model_details                    MASK 
_refine.pdbx_solvent_vdw_probe_radii             1.200 
_refine.pdbx_solvent_ion_probe_radii             0.800 
_refine.pdbx_solvent_shrinkage_radii             0.800 
_refine.pdbx_stereochemistry_target_values       'MAXIMUM LIKELIHOOD WITH PHASES' 
_refine.pdbx_method_to_determine_struct          MAD 
_refine.entry_id                                 2AJ6 
_refine.pdbx_ls_sigma_F                          ? 
_refine.pdbx_ls_sigma_I                          ? 
_refine.ls_number_reflns_all                     ? 
_refine.ls_R_factor_obs                          ? 
_refine.ls_redundancy_reflns_obs                 ? 
_refine.pdbx_data_cutoff_high_absF               ? 
_refine.pdbx_data_cutoff_low_absF                ? 
_refine.ls_number_parameters                     ? 
_refine.ls_number_restraints                     ? 
_refine.ls_R_factor_R_free_error                 ? 
_refine.ls_R_factor_R_free_error_details         ? 
_refine.pdbx_starting_model                      ? 
_refine.pdbx_stereochem_target_val_spec_case     ? 
_refine.solvent_model_param_bsol                 ? 
_refine.solvent_model_param_ksol                 ? 
_refine.occupancy_max                            ? 
_refine.occupancy_min                            ? 
_refine.pdbx_isotropic_thermal_model             ? 
_refine.details                                  
;1.HYDROGENS HAVE BEEN ADDED IN THE RIDING POSITIONS. 2.NO DENSITY OBSERVED FOR RESIDUES 119-147. 3.EXTRA DENSITY OBSERVED BETWEEN RESIDUES 87-92 HAS BEEN MODELED UNKNOWN LIGAND. HOMOLOGY SEARCHES INDICATE THAT THIS IS A PUTA COENZYME-A BINDING SITE. 4.ONE SULPHATE GROUP WAS FOUND IN THE MODEL DURING THE REFINEMEN FROMTHE CRYSTALLIZATION CONDITION WITH MGSO4.
;
_refine.B_iso_min                                ? 
_refine.B_iso_max                                ? 
_refine.overall_SU_R_Cruickshank_DPI             ? 
_refine.overall_SU_R_free                        ? 
_refine.pdbx_data_cutoff_high_rms_absF           ? 
_refine.ls_wR_factor_R_free                      ? 
_refine.ls_wR_factor_R_work                      ? 
_refine.overall_FOM_free_R_set                   ? 
_refine.overall_FOM_work_R_set                   ? 
_refine.pdbx_refine_id                           'X-RAY DIFFRACTION' 
_refine.pdbx_TLS_residual_ADP_flag               'LIKELY RESIDUAL' 
_refine.pdbx_diffrn_id                           1 
_refine.pdbx_overall_phase_error                 ? 
_refine.pdbx_overall_SU_R_free_Cruickshank_DPI   ? 
_refine.pdbx_overall_SU_R_Blow_DPI               ? 
_refine.pdbx_overall_SU_R_free_Blow_DPI          ? 
# 
_refine_hist.pdbx_refine_id                   'X-RAY DIFFRACTION' 
_refine_hist.cycle_id                         LAST 
_refine_hist.pdbx_number_atoms_protein        980 
_refine_hist.pdbx_number_atoms_nucleic_acid   0 
_refine_hist.pdbx_number_atoms_ligand         15 
_refine_hist.number_atoms_solvent             122 
_refine_hist.number_atoms_total               1117 
_refine_hist.d_res_high                       1.630 
_refine_hist.d_res_low                        28.870 
# 
loop_
_refine_ls_restr.type 
_refine_ls_restr.number 
_refine_ls_restr.dev_ideal 
_refine_ls_restr.dev_ideal_target 
_refine_ls_restr.weight 
_refine_ls_restr.pdbx_refine_id 
_refine_ls_restr.pdbx_restraint_function 
r_bond_refined_d         1047 0.018  0.022  ? 'X-RAY DIFFRACTION' ? 
r_bond_other_d           928  0.001  0.020  ? 'X-RAY DIFFRACTION' ? 
r_angle_refined_deg      1423 1.586  1.931  ? 'X-RAY DIFFRACTION' ? 
r_angle_other_deg        2170 1.215  3.000  ? 'X-RAY DIFFRACTION' ? 
r_dihedral_angle_1_deg   130  5.383  5.000  ? 'X-RAY DIFFRACTION' ? 
r_dihedral_angle_2_deg   52   43.896 24.615 ? 'X-RAY DIFFRACTION' ? 
r_dihedral_angle_3_deg   198  12.472 15.000 ? 'X-RAY DIFFRACTION' ? 
r_dihedral_angle_4_deg   5    14.146 15.000 ? 'X-RAY DIFFRACTION' ? 
r_chiral_restr           157  0.086  0.200  ? 'X-RAY DIFFRACTION' ? 
r_gen_planes_refined     1165 0.006  0.020  ? 'X-RAY DIFFRACTION' ? 
r_gen_planes_other       210  0.001  0.020  ? 'X-RAY DIFFRACTION' ? 
r_nbd_refined            236  0.304  0.200  ? 'X-RAY DIFFRACTION' ? 
r_nbd_other              960  0.185  0.200  ? 'X-RAY DIFFRACTION' ? 
r_nbtor_refined          513  0.180  0.200  ? 'X-RAY DIFFRACTION' ? 
r_nbtor_other            597  0.085  0.200  ? 'X-RAY DIFFRACTION' ? 
r_xyhbond_nbd_refined    97   0.170  0.200  ? 'X-RAY DIFFRACTION' ? 
r_symmetry_vdw_refined   13   0.218  0.200  ? 'X-RAY DIFFRACTION' ? 
r_symmetry_vdw_other     46   0.276  0.200  ? 'X-RAY DIFFRACTION' ? 
r_symmetry_hbond_refined 13   0.167  0.200  ? 'X-RAY DIFFRACTION' ? 
r_mcbond_it              649  2.142  3.000  ? 'X-RAY DIFFRACTION' ? 
r_mcbond_other           253  0.510  3.000  ? 'X-RAY DIFFRACTION' ? 
r_mcangle_it             1015 2.909  5.000  ? 'X-RAY DIFFRACTION' ? 
r_scbond_it              465  5.513  8.000  ? 'X-RAY DIFFRACTION' ? 
r_scangle_it             404  7.261  11.000 ? 'X-RAY DIFFRACTION' ? 
# 
_refine_ls_shell.d_res_high                       1.630 
_refine_ls_shell.d_res_low                        1.672 
_refine_ls_shell.pdbx_total_number_of_bins_used   20 
_refine_ls_shell.percent_reflns_obs               87.040 
_refine_ls_shell.number_reflns_R_work             1034 
_refine_ls_shell.R_factor_R_work                  0.289 
_refine_ls_shell.R_factor_R_free                  0.299 
_refine_ls_shell.percent_reflns_R_free            ? 
_refine_ls_shell.number_reflns_R_free             61 
_refine_ls_shell.R_factor_R_free_error            ? 
_refine_ls_shell.number_reflns_obs                ? 
_refine_ls_shell.redundancy_reflns_obs            ? 
_refine_ls_shell.number_reflns_all                ? 
_refine_ls_shell.pdbx_refine_id                   'X-RAY DIFFRACTION' 
_refine_ls_shell.R_factor_all                     ? 
# 
_struct.entry_id                  2AJ6 
_struct.title                     
;Crystal structure of a putative gnat family acetyltransferase (mw0638) from staphylococcus aureus subsp. aureus at 1.63 A resolution
;
_struct.pdbx_model_details        ? 
_struct.pdbx_CASP_flag            ? 
_struct.pdbx_model_type_details   ? 
# 
_struct_keywords.text            
'Structural genomics, Joint Center for Structural Genomics, JCSG, Protein Structure Initiative, PSI-2, transferase' 
_struct_keywords.pdbx_keywords   TRANSFERASE 
_struct_keywords.entry_id        2AJ6 
# 
loop_
_struct_asym.id 
_struct_asym.pdbx_blank_PDB_chainid_flag 
_struct_asym.pdbx_modified 
_struct_asym.entity_id 
_struct_asym.details 
A N N 1 ? 
B N N 2 ? 
C N N 3 ? 
D N N 4 ? 
# 
_struct_ref.id                         1 
_struct_ref.db_name                    UNP 
_struct_ref.db_code                    Q8NXQ8_STAAW 
_struct_ref.pdbx_db_accession          Q8NXQ8 
_struct_ref.entity_id                  1 
_struct_ref.pdbx_seq_one_letter_code   
;MRTLNKDEHNYIKQIANIHETLLSQVESNYKCTKLSIALRYEMICSRLEHTNDKIYIYENEGQLIAFIWGHFSNEKSMVN
IELLYVEPQFRKLGIATQLKIALEKWAKTMNAKRISNTIHKNNLPMISLNKDLGYQVSHVKMYKDID
;
_struct_ref.pdbx_align_begin           1 
_struct_ref.pdbx_db_isoform            ? 
# 
_struct_ref_seq.align_id                      1 
_struct_ref_seq.ref_id                        1 
_struct_ref_seq.pdbx_PDB_id_code              2AJ6 
_struct_ref_seq.pdbx_strand_id                A 
_struct_ref_seq.seq_align_beg                 13 
_struct_ref_seq.pdbx_seq_align_beg_ins_code   ? 
_struct_ref_seq.seq_align_end                 159 
_struct_ref_seq.pdbx_seq_align_end_ins_code   ? 
_struct_ref_seq.pdbx_db_accession             Q8NXQ8 
_struct_ref_seq.db_align_beg                  1 
_struct_ref_seq.pdbx_db_align_beg_ins_code    ? 
_struct_ref_seq.db_align_end                  147 
_struct_ref_seq.pdbx_db_align_end_ins_code    ? 
_struct_ref_seq.pdbx_auth_seq_align_beg       1 
_struct_ref_seq.pdbx_auth_seq_align_end       147 
# 
loop_
_struct_ref_seq_dif.align_id 
_struct_ref_seq_dif.pdbx_pdb_id_code 
_struct_ref_seq_dif.mon_id 
_struct_ref_seq_dif.pdbx_pdb_strand_id 
_struct_ref_seq_dif.seq_num 
_struct_ref_seq_dif.pdbx_pdb_ins_code 
_struct_ref_seq_dif.pdbx_seq_db_name 
_struct_ref_seq_dif.pdbx_seq_db_accession_code 
_struct_ref_seq_dif.db_mon_id 
_struct_ref_seq_dif.pdbx_seq_db_seq_num 
_struct_ref_seq_dif.details 
_struct_ref_seq_dif.pdbx_auth_seq_num 
_struct_ref_seq_dif.pdbx_ordinal 
1 2AJ6 MSE A 1   ? UNP Q8NXQ8 ?   ?   'expression tag'   -11 1  
1 2AJ6 GLY A 2   ? UNP Q8NXQ8 ?   ?   'expression tag'   -10 2  
1 2AJ6 SER A 3   ? UNP Q8NXQ8 ?   ?   'expression tag'   -9  3  
1 2AJ6 ASP A 4   ? UNP Q8NXQ8 ?   ?   'expression tag'   -8  4  
1 2AJ6 LYS A 5   ? UNP Q8NXQ8 ?   ?   'expression tag'   -7  5  
1 2AJ6 ILE A 6   ? UNP Q8NXQ8 ?   ?   'expression tag'   -6  6  
1 2AJ6 HIS A 7   ? UNP Q8NXQ8 ?   ?   'expression tag'   -5  7  
1 2AJ6 HIS A 8   ? UNP Q8NXQ8 ?   ?   'expression tag'   -4  8  
1 2AJ6 HIS A 9   ? UNP Q8NXQ8 ?   ?   'expression tag'   -3  9  
1 2AJ6 HIS A 10  ? UNP Q8NXQ8 ?   ?   'expression tag'   -2  10 
1 2AJ6 HIS A 11  ? UNP Q8NXQ8 ?   ?   'expression tag'   -1  11 
1 2AJ6 HIS A 12  ? UNP Q8NXQ8 ?   ?   'expression tag'   0   12 
1 2AJ6 MSE A 13  ? UNP Q8NXQ8 MET 1   'modified residue' 1   13 
1 2AJ6 MSE A 55  ? UNP Q8NXQ8 MET 43  'modified residue' 43  14 
1 2AJ6 MSE A 90  ? UNP Q8NXQ8 MET 78  'modified residue' 78  15 
1 2AJ6 MSE A 122 ? UNP Q8NXQ8 MET 110 'modified residue' 110 16 
1 2AJ6 MSE A 138 ? UNP Q8NXQ8 MET 126 'modified residue' 126 17 
1 2AJ6 MSE A 154 ? UNP Q8NXQ8 MET 142 'modified residue' 142 18 
# 
_pdbx_struct_assembly.id                   1 
_pdbx_struct_assembly.details              author_defined_assembly 
_pdbx_struct_assembly.method_details       ? 
_pdbx_struct_assembly.oligomeric_details   monomeric 
_pdbx_struct_assembly.oligomeric_count     1 
# 
_pdbx_struct_assembly_gen.assembly_id       1 
_pdbx_struct_assembly_gen.oper_expression   1 
_pdbx_struct_assembly_gen.asym_id_list      A,B,C,D 
# 
_pdbx_struct_oper_list.id                   1 
_pdbx_struct_oper_list.type                 'identity operation' 
_pdbx_struct_oper_list.name                 1_555 
_pdbx_struct_oper_list.symmetry_operation   x,y,z 
_pdbx_struct_oper_list.matrix[1][1]         1.0000000000 
_pdbx_struct_oper_list.matrix[1][2]         0.0000000000 
_pdbx_struct_oper_list.matrix[1][3]         0.0000000000 
_pdbx_struct_oper_list.vector[1]            0.0000000000 
_pdbx_struct_oper_list.matrix[2][1]         0.0000000000 
_pdbx_struct_oper_list.matrix[2][2]         1.0000000000 
_pdbx_struct_oper_list.matrix[2][3]         0.0000000000 
_pdbx_struct_oper_list.vector[2]            0.0000000000 
_pdbx_struct_oper_list.matrix[3][1]         0.0000000000 
_pdbx_struct_oper_list.matrix[3][2]         0.0000000000 
_pdbx_struct_oper_list.matrix[3][3]         1.0000000000 
_pdbx_struct_oper_list.vector[3]            0.0000000000 
# 
_struct_biol.id   1 
# 
loop_
_struct_conf.conf_type_id 
_struct_conf.id 
_struct_conf.pdbx_PDB_helix_id 
_struct_conf.beg_label_comp_id 
_struct_conf.beg_label_asym_id 
_struct_conf.beg_label_seq_id 
_struct_conf.pdbx_beg_PDB_ins_code 
_struct_conf.end_label_comp_id 
_struct_conf.end_label_asym_id 
_struct_conf.end_label_seq_id 
_struct_conf.pdbx_end_PDB_ins_code 
_struct_conf.beg_auth_comp_id 
_struct_conf.beg_auth_asym_id 
_struct_conf.beg_auth_seq_id 
_struct_conf.end_auth_comp_id 
_struct_conf.end_auth_asym_id 
_struct_conf.end_auth_seq_id 
_struct_conf.pdbx_PDB_helix_class 
_struct_conf.details 
_struct_conf.pdbx_PDB_helix_length 
HELX_P HELX_P1 1 GLU A 20  ? VAL A 38  ? GLU A 8  VAL A 26  1 ? 19 
HELX_P HELX_P2 2 THR A 45  ? HIS A 62  ? THR A 33 HIS A 50  1 ? 18 
HELX_P HELX_P3 3 PRO A 100 ? ARG A 103 ? PRO A 88 ARG A 91  5 ? 4  
HELX_P HELX_P4 4 GLY A 106 ? MSE A 122 ? GLY A 94 MSE A 110 1 ? 17 
# 
_struct_conf_type.id          HELX_P 
_struct_conf_type.criteria    ? 
_struct_conf_type.reference   ? 
# 
loop_
_struct_conn.id 
_struct_conn.conn_type_id 
_struct_conn.pdbx_leaving_atom_flag 
_struct_conn.pdbx_PDB_id 
_struct_conn.ptnr1_label_asym_id 
_struct_conn.ptnr1_label_comp_id 
_struct_conn.ptnr1_label_seq_id 
_struct_conn.ptnr1_label_atom_id 
_struct_conn.pdbx_ptnr1_label_alt_id 
_struct_conn.pdbx_ptnr1_PDB_ins_code 
_struct_conn.pdbx_ptnr1_standard_comp_id 
_struct_conn.ptnr1_symmetry 
_struct_conn.ptnr2_label_asym_id 
_struct_conn.ptnr2_label_comp_id 
_struct_conn.ptnr2_label_seq_id 
_struct_conn.ptnr2_label_atom_id 
_struct_conn.pdbx_ptnr2_label_alt_id 
_struct_conn.pdbx_ptnr2_PDB_ins_code 
_struct_conn.ptnr1_auth_asym_id 
_struct_conn.ptnr1_auth_comp_id 
_struct_conn.ptnr1_auth_seq_id 
_struct_conn.ptnr2_auth_asym_id 
_struct_conn.ptnr2_auth_comp_id 
_struct_conn.ptnr2_auth_seq_id 
_struct_conn.ptnr2_symmetry 
_struct_conn.pdbx_ptnr3_label_atom_id 
_struct_conn.pdbx_ptnr3_label_seq_id 
_struct_conn.pdbx_ptnr3_label_comp_id 
_struct_conn.pdbx_ptnr3_label_asym_id 
_struct_conn.pdbx_ptnr3_label_alt_id 
_struct_conn.pdbx_ptnr3_PDB_ins_code 
_struct_conn.details 
_struct_conn.pdbx_dist_value 
_struct_conn.pdbx_value_order 
_struct_conn.pdbx_role 
covale1 covale both ? A HIS 12  C ? ? ? 1_555 A MSE 13  N ? ? A HIS 0   A MSE 1   1_555 ? ? ? ? ? ? ? 1.342 ? ? 
covale2 covale both ? A MSE 13  C ? ? ? 1_555 A ARG 14  N ? ? A MSE 1   A ARG 2   1_555 ? ? ? ? ? ? ? 1.321 ? ? 
covale3 covale both ? A GLU 54  C ? ? ? 1_555 A MSE 55  N ? ? A GLU 42  A MSE 43  1_555 ? ? ? ? ? ? ? 1.325 ? ? 
covale4 covale both ? A MSE 55  C ? ? ? 1_555 A ILE 56  N ? ? A MSE 43  A ILE 44  1_555 ? ? ? ? ? ? ? 1.327 ? ? 
covale5 covale both ? A SER 89  C ? ? ? 1_555 A MSE 90  N ? ? A SER 77  A MSE 78  1_555 ? ? ? ? ? ? ? 1.321 ? ? 
covale6 covale both ? A MSE 90  C ? ? ? 1_555 A VAL 91  N ? ? A MSE 78  A VAL 79  1_555 ? ? ? ? ? ? ? 1.332 ? ? 
covale7 covale both ? A THR 121 C ? ? ? 1_555 A MSE 122 N ? ? A THR 109 A MSE 110 1_555 ? ? ? ? ? ? ? 1.335 ? ? 
covale8 covale both ? A MSE 122 C ? ? ? 1_555 A ASN 123 N ? ? A MSE 110 A ASN 111 1_555 ? ? ? ? ? ? ? 1.333 ? ? 
# 
_struct_conn_type.id          covale 
_struct_conn_type.criteria    ? 
_struct_conn_type.reference   ? 
# 
loop_
_pdbx_modification_feature.ordinal 
_pdbx_modification_feature.label_comp_id 
_pdbx_modification_feature.label_asym_id 
_pdbx_modification_feature.label_seq_id 
_pdbx_modification_feature.label_alt_id 
_pdbx_modification_feature.modified_residue_label_comp_id 
_pdbx_modification_feature.modified_residue_label_asym_id 
_pdbx_modification_feature.modified_residue_label_seq_id 
_pdbx_modification_feature.modified_residue_label_alt_id 
_pdbx_modification_feature.auth_comp_id 
_pdbx_modification_feature.auth_asym_id 
_pdbx_modification_feature.auth_seq_id 
_pdbx_modification_feature.PDB_ins_code 
_pdbx_modification_feature.symmetry 
_pdbx_modification_feature.modified_residue_auth_comp_id 
_pdbx_modification_feature.modified_residue_auth_asym_id 
_pdbx_modification_feature.modified_residue_auth_seq_id 
_pdbx_modification_feature.modified_residue_PDB_ins_code 
_pdbx_modification_feature.modified_residue_symmetry 
_pdbx_modification_feature.comp_id_linking_atom 
_pdbx_modification_feature.modified_residue_id_linking_atom 
_pdbx_modification_feature.modified_residue_id 
_pdbx_modification_feature.ref_pcm_id 
_pdbx_modification_feature.ref_comp_id 
_pdbx_modification_feature.type 
_pdbx_modification_feature.category 
1 MSE A 13  ? . . . . MSE A 1   ? 1_555 . . . . . . . MET 1 MSE Selenomethionine 'Named protein modification' 
2 MSE A 55  ? . . . . MSE A 43  ? 1_555 . . . . . . . MET 1 MSE Selenomethionine 'Named protein modification' 
3 MSE A 90  ? . . . . MSE A 78  ? 1_555 . . . . . . . MET 1 MSE Selenomethionine 'Named protein modification' 
4 MSE A 122 ? . . . . MSE A 110 ? 1_555 . . . . . . . MET 1 MSE Selenomethionine 'Named protein modification' 
# 
_struct_sheet.id               A 
_struct_sheet.type             ? 
_struct_sheet.number_strands   4 
_struct_sheet.details          ? 
# 
loop_
_struct_sheet_order.sheet_id 
_struct_sheet_order.range_id_1 
_struct_sheet_order.range_id_2 
_struct_sheet_order.offset 
_struct_sheet_order.sense 
A 1 2 ? anti-parallel 
A 2 3 ? anti-parallel 
A 3 4 ? anti-parallel 
# 
loop_
_struct_sheet_range.sheet_id 
_struct_sheet_range.id 
_struct_sheet_range.beg_label_comp_id 
_struct_sheet_range.beg_label_asym_id 
_struct_sheet_range.beg_label_seq_id 
_struct_sheet_range.pdbx_beg_PDB_ins_code 
_struct_sheet_range.end_label_comp_id 
_struct_sheet_range.end_label_asym_id 
_struct_sheet_range.end_label_seq_id 
_struct_sheet_range.pdbx_end_PDB_ins_code 
_struct_sheet_range.beg_auth_comp_id 
_struct_sheet_range.beg_auth_asym_id 
_struct_sheet_range.beg_auth_seq_id 
_struct_sheet_range.end_auth_comp_id 
_struct_sheet_range.end_auth_asym_id 
_struct_sheet_range.end_auth_seq_id 
A 1 MSE A 13 ? THR A 15 ? MSE A 1  THR A 3  
A 2 ASP A 65 ? ASN A 72 ? ASP A 53 ASN A 60 
A 3 GLN A 75 ? SER A 85 ? GLN A 63 SER A 73 
A 4 MSE A 90 ? VAL A 98 ? MSE A 78 VAL A 86 
# 
loop_
_pdbx_struct_sheet_hbond.sheet_id 
_pdbx_struct_sheet_hbond.range_id_1 
_pdbx_struct_sheet_hbond.range_id_2 
_pdbx_struct_sheet_hbond.range_1_label_atom_id 
_pdbx_struct_sheet_hbond.range_1_label_comp_id 
_pdbx_struct_sheet_hbond.range_1_label_asym_id 
_pdbx_struct_sheet_hbond.range_1_label_seq_id 
_pdbx_struct_sheet_hbond.range_1_PDB_ins_code 
_pdbx_struct_sheet_hbond.range_1_auth_atom_id 
_pdbx_struct_sheet_hbond.range_1_auth_comp_id 
_pdbx_struct_sheet_hbond.range_1_auth_asym_id 
_pdbx_struct_sheet_hbond.range_1_auth_seq_id 
_pdbx_struct_sheet_hbond.range_2_label_atom_id 
_pdbx_struct_sheet_hbond.range_2_label_comp_id 
_pdbx_struct_sheet_hbond.range_2_label_asym_id 
_pdbx_struct_sheet_hbond.range_2_label_seq_id 
_pdbx_struct_sheet_hbond.range_2_PDB_ins_code 
_pdbx_struct_sheet_hbond.range_2_auth_atom_id 
_pdbx_struct_sheet_hbond.range_2_auth_comp_id 
_pdbx_struct_sheet_hbond.range_2_auth_asym_id 
_pdbx_struct_sheet_hbond.range_2_auth_seq_id 
A 1 2 N ARG A 14 ? N ARG A 2  O ILE A 69 ? O ILE A 57 
A 2 3 N LYS A 66 ? N LYS A 54 O GLY A 82 ? O GLY A 70 
A 3 4 N HIS A 83 ? N HIS A 71 O ASN A 92 ? O ASN A 80 
# 
loop_
_struct_site.id 
_struct_site.pdbx_evidence_code 
_struct_site.pdbx_auth_asym_id 
_struct_site.pdbx_auth_comp_id 
_struct_site.pdbx_auth_seq_id 
_struct_site.pdbx_auth_ins_code 
_struct_site.pdbx_num_residues 
_struct_site.details 
AC1 Software A SO4 148 ? 8  'BINDING SITE FOR RESIDUE SO4 A 148' 
AC2 Software A UNL 149 ? 12 'BINDING SITE FOR RESIDUE UNL A 149' 
# 
loop_
_struct_site_gen.id 
_struct_site_gen.site_id 
_struct_site_gen.pdbx_num_res 
_struct_site_gen.label_comp_id 
_struct_site_gen.label_asym_id 
_struct_site_gen.label_seq_id 
_struct_site_gen.pdbx_auth_ins_code 
_struct_site_gen.auth_comp_id 
_struct_site_gen.auth_asym_id 
_struct_site_gen.auth_seq_id 
_struct_site_gen.label_atom_id 
_struct_site_gen.label_alt_id 
_struct_site_gen.symmetry 
_struct_site_gen.details 
1  AC1 8  TYR A 97  ? TYR A 85  . ? 1_555 ? 
2  AC1 8  PRO A 100 ? PRO A 88  . ? 1_555 ? 
3  AC1 8  ARG A 103 ? ARG A 91  . ? 1_555 ? 
4  AC1 8  ARG A 126 ? ARG A 114 . ? 8_555 ? 
5  AC1 8  SER A 128 ? SER A 116 . ? 8_555 ? 
6  AC1 8  ASN A 129 ? ASN A 117 . ? 8_555 ? 
7  AC1 8  HOH D .   ? HOH A 190 . ? 8_555 ? 
8  AC1 8  HOH D .   ? HOH A 248 . ? 1_555 ? 
9  AC2 12 LYS A 46  ? LYS A 34  . ? 7_555 ? 
10 AC2 12 TYR A 97  ? TYR A 85  . ? 1_555 ? 
11 AC2 12 VAL A 98  ? VAL A 86  . ? 1_555 ? 
12 AC2 12 ARG A 103 ? ARG A 91  . ? 1_555 ? 
13 AC2 12 LYS A 104 ? LYS A 92  . ? 1_555 ? 
14 AC2 12 LEU A 105 ? LEU A 93  . ? 1_555 ? 
15 AC2 12 GLY A 106 ? GLY A 94  . ? 1_555 ? 
16 AC2 12 ILE A 107 ? ILE A 95  . ? 1_555 ? 
17 AC2 12 ALA A 108 ? ALA A 96  . ? 1_555 ? 
18 AC2 12 THR A 109 ? THR A 97  . ? 1_555 ? 
19 AC2 12 HOH D .   ? HOH A 154 . ? 1_555 ? 
20 AC2 12 HOH D .   ? HOH A 228 . ? 1_555 ? 
# 
_pdbx_entry_details.entry_id                   2AJ6 
_pdbx_entry_details.compound_details           ? 
_pdbx_entry_details.source_details             ? 
_pdbx_entry_details.nonpolymer_details         ? 
_pdbx_entry_details.sequence_details           ? 
_pdbx_entry_details.has_ligand_of_interest     ? 
_pdbx_entry_details.has_protein_modification   Y 
# 
_pdbx_validate_rmsd_bond.id                        1 
_pdbx_validate_rmsd_bond.PDB_model_num             1 
_pdbx_validate_rmsd_bond.auth_atom_id_1            CB 
_pdbx_validate_rmsd_bond.auth_asym_id_1            A 
_pdbx_validate_rmsd_bond.auth_comp_id_1            MSE 
_pdbx_validate_rmsd_bond.auth_seq_id_1             1 
_pdbx_validate_rmsd_bond.PDB_ins_code_1            ? 
_pdbx_validate_rmsd_bond.label_alt_id_1            ? 
_pdbx_validate_rmsd_bond.auth_atom_id_2            CG 
_pdbx_validate_rmsd_bond.auth_asym_id_2            A 
_pdbx_validate_rmsd_bond.auth_comp_id_2            MSE 
_pdbx_validate_rmsd_bond.auth_seq_id_2             1 
_pdbx_validate_rmsd_bond.PDB_ins_code_2            ? 
_pdbx_validate_rmsd_bond.label_alt_id_2            ? 
_pdbx_validate_rmsd_bond.bond_value                1.739 
_pdbx_validate_rmsd_bond.bond_target_value         1.520 
_pdbx_validate_rmsd_bond.bond_deviation            0.219 
_pdbx_validate_rmsd_bond.bond_standard_deviation   0.030 
_pdbx_validate_rmsd_bond.linker_flag               N 
# 
_pdbx_validate_rmsd_angle.id                         1 
_pdbx_validate_rmsd_angle.PDB_model_num              1 
_pdbx_validate_rmsd_angle.auth_atom_id_1             CA 
_pdbx_validate_rmsd_angle.auth_asym_id_1             A 
_pdbx_validate_rmsd_angle.auth_comp_id_1             CYS 
_pdbx_validate_rmsd_angle.auth_seq_id_1              32 
_pdbx_validate_rmsd_angle.PDB_ins_code_1             ? 
_pdbx_validate_rmsd_angle.label_alt_id_1             ? 
_pdbx_validate_rmsd_angle.auth_atom_id_2             CB 
_pdbx_validate_rmsd_angle.auth_asym_id_2             A 
_pdbx_validate_rmsd_angle.auth_comp_id_2             CYS 
_pdbx_validate_rmsd_angle.auth_seq_id_2              32 
_pdbx_validate_rmsd_angle.PDB_ins_code_2             ? 
_pdbx_validate_rmsd_angle.label_alt_id_2             ? 
_pdbx_validate_rmsd_angle.auth_atom_id_3             SG 
_pdbx_validate_rmsd_angle.auth_asym_id_3             A 
_pdbx_validate_rmsd_angle.auth_comp_id_3             CYS 
_pdbx_validate_rmsd_angle.auth_seq_id_3              32 
_pdbx_validate_rmsd_angle.PDB_ins_code_3             ? 
_pdbx_validate_rmsd_angle.label_alt_id_3             A 
_pdbx_validate_rmsd_angle.angle_value                125.92 
_pdbx_validate_rmsd_angle.angle_target_value         114.20 
_pdbx_validate_rmsd_angle.angle_deviation            11.72 
_pdbx_validate_rmsd_angle.angle_standard_deviation   1.10 
_pdbx_validate_rmsd_angle.linker_flag                N 
# 
loop_
_pdbx_validate_torsion.id 
_pdbx_validate_torsion.PDB_model_num 
_pdbx_validate_torsion.auth_comp_id 
_pdbx_validate_torsion.auth_asym_id 
_pdbx_validate_torsion.auth_seq_id 
_pdbx_validate_torsion.PDB_ins_code 
_pdbx_validate_torsion.label_alt_id 
_pdbx_validate_torsion.phi 
_pdbx_validate_torsion.psi 
1 1 SER A 28 ? ? -104.64 68.85   
2 1 HIS A 50 ? ? -98.95  -159.23 
# 
_pdbx_SG_project.project_name          'PSI, Protein Structure Initiative' 
_pdbx_SG_project.full_name_of_center   'Joint Center for Structural Genomics' 
_pdbx_SG_project.id                    1 
_pdbx_SG_project.initial_of_center     JCSG 
# 
loop_
_pdbx_struct_mod_residue.id 
_pdbx_struct_mod_residue.label_asym_id 
_pdbx_struct_mod_residue.label_comp_id 
_pdbx_struct_mod_residue.label_seq_id 
_pdbx_struct_mod_residue.auth_asym_id 
_pdbx_struct_mod_residue.auth_comp_id 
_pdbx_struct_mod_residue.auth_seq_id 
_pdbx_struct_mod_residue.PDB_ins_code 
_pdbx_struct_mod_residue.parent_comp_id 
_pdbx_struct_mod_residue.details 
1 A MSE 13  A MSE 1   ? MET SELENOMETHIONINE 
2 A MSE 55  A MSE 43  ? MET SELENOMETHIONINE 
3 A MSE 90  A MSE 78  ? MET SELENOMETHIONINE 
4 A MSE 122 A MSE 110 ? MET SELENOMETHIONINE 
# 
_pdbx_struct_special_symmetry.id              1 
_pdbx_struct_special_symmetry.PDB_model_num   1 
_pdbx_struct_special_symmetry.auth_asym_id    A 
_pdbx_struct_special_symmetry.auth_comp_id    HOH 
_pdbx_struct_special_symmetry.auth_seq_id     177 
_pdbx_struct_special_symmetry.PDB_ins_code    ? 
_pdbx_struct_special_symmetry.label_asym_id   D 
_pdbx_struct_special_symmetry.label_comp_id   HOH 
_pdbx_struct_special_symmetry.label_seq_id    . 
# 
_pdbx_refine_tls.id               1 
_pdbx_refine_tls.details          ? 
_pdbx_refine_tls.method           refined 
_pdbx_refine_tls.origin_x         0.1552 
_pdbx_refine_tls.origin_y         -0.0586 
_pdbx_refine_tls.origin_z         0.5669 
_pdbx_refine_tls.T[1][1]          -0.1309 
_pdbx_refine_tls.T[2][2]          -0.1601 
_pdbx_refine_tls.T[3][3]          -0.1595 
_pdbx_refine_tls.T[1][2]          0.0084 
_pdbx_refine_tls.T[1][3]          0.0263 
_pdbx_refine_tls.T[2][3]          0.0081 
_pdbx_refine_tls.L[1][1]          3.3598 
_pdbx_refine_tls.L[2][2]          1.6168 
_pdbx_refine_tls.L[3][3]          1.7530 
_pdbx_refine_tls.L[1][2]          1.6210 
_pdbx_refine_tls.L[1][3]          -0.2041 
_pdbx_refine_tls.L[2][3]          -0.1014 
_pdbx_refine_tls.S[1][1]          -0.0446 
_pdbx_refine_tls.S[1][2]          0.0225 
_pdbx_refine_tls.S[1][3]          -0.0089 
_pdbx_refine_tls.S[2][1]          -0.0873 
_pdbx_refine_tls.S[2][2]          0.1095 
_pdbx_refine_tls.S[2][3]          0.0038 
_pdbx_refine_tls.S[3][1]          -0.0383 
_pdbx_refine_tls.S[3][2]          0.0109 
_pdbx_refine_tls.S[3][3]          -0.0649 
_pdbx_refine_tls.pdbx_refine_id   'X-RAY DIFFRACTION' 
# 
_pdbx_refine_tls_group.id                  1 
_pdbx_refine_tls_group.refine_tls_id       1 
_pdbx_refine_tls_group.beg_auth_asym_id    A 
_pdbx_refine_tls_group.beg_auth_seq_id     -1 
_pdbx_refine_tls_group.beg_label_asym_id   A 
_pdbx_refine_tls_group.beg_label_seq_id    11 
_pdbx_refine_tls_group.end_auth_asym_id    A 
_pdbx_refine_tls_group.end_auth_seq_id     118 
_pdbx_refine_tls_group.end_label_asym_id   A 
_pdbx_refine_tls_group.end_label_seq_id    130 
_pdbx_refine_tls_group.selection           ? 
_pdbx_refine_tls_group.pdbx_refine_id      'X-RAY DIFFRACTION' 
_pdbx_refine_tls_group.selection_details   ? 
# 
_phasing.method   MAD 
# 
loop_
_pdbx_unobs_or_zero_occ_residues.id 
_pdbx_unobs_or_zero_occ_residues.PDB_model_num 
_pdbx_unobs_or_zero_occ_residues.polymer_flag 
_pdbx_unobs_or_zero_occ_residues.occupancy_flag 
_pdbx_unobs_or_zero_occ_residues.auth_asym_id 
_pdbx_unobs_or_zero_occ_residues.auth_comp_id 
_pdbx_unobs_or_zero_occ_residues.auth_seq_id 
_pdbx_unobs_or_zero_occ_residues.PDB_ins_code 
_pdbx_unobs_or_zero_occ_residues.label_asym_id 
_pdbx_unobs_or_zero_occ_residues.label_comp_id 
_pdbx_unobs_or_zero_occ_residues.label_seq_id 
1  1 Y 1 A MSE -11 ? A MSE 1   
2  1 Y 1 A GLY -10 ? A GLY 2   
3  1 Y 1 A SER -9  ? A SER 3   
4  1 Y 1 A ASP -8  ? A ASP 4   
5  1 Y 1 A LYS -7  ? A LYS 5   
6  1 Y 1 A ILE -6  ? A ILE 6   
7  1 Y 1 A HIS -5  ? A HIS 7   
8  1 Y 1 A HIS -4  ? A HIS 8   
9  1 Y 1 A HIS -3  ? A HIS 9   
10 1 Y 1 A HIS -2  ? A HIS 10  
11 1 Y 1 A ILE 119 ? A ILE 131 
12 1 Y 1 A HIS 120 ? A HIS 132 
13 1 Y 1 A LYS 121 ? A LYS 133 
14 1 Y 1 A ASN 122 ? A ASN 134 
15 1 Y 1 A ASN 123 ? A ASN 135 
16 1 Y 1 A LEU 124 ? A LEU 136 
17 1 Y 1 A PRO 125 ? A PRO 137 
18 1 Y 1 A MSE 126 ? A MSE 138 
19 1 Y 1 A ILE 127 ? A ILE 139 
20 1 Y 1 A SER 128 ? A SER 140 
21 1 Y 1 A LEU 129 ? A LEU 141 
22 1 Y 1 A ASN 130 ? A ASN 142 
23 1 Y 1 A LYS 131 ? A LYS 143 
24 1 Y 1 A ASP 132 ? A ASP 144 
25 1 Y 1 A LEU 133 ? A LEU 145 
26 1 Y 1 A GLY 134 ? A GLY 146 
27 1 Y 1 A TYR 135 ? A TYR 147 
28 1 Y 1 A GLN 136 ? A GLN 148 
29 1 Y 1 A VAL 137 ? A VAL 149 
30 1 Y 1 A SER 138 ? A SER 150 
31 1 Y 1 A HIS 139 ? A HIS 151 
32 1 Y 1 A VAL 140 ? A VAL 152 
33 1 Y 1 A LYS 141 ? A LYS 153 
34 1 Y 1 A MSE 142 ? A MSE 154 
35 1 Y 1 A TYR 143 ? A TYR 155 
36 1 Y 1 A LYS 144 ? A LYS 156 
37 1 Y 1 A ASP 145 ? A ASP 157 
38 1 Y 1 A ILE 146 ? A ILE 158 
39 1 Y 1 A ASP 147 ? A ASP 159 
# 
loop_
_chem_comp_atom.comp_id 
_chem_comp_atom.atom_id 
_chem_comp_atom.type_symbol 
_chem_comp_atom.pdbx_aromatic_flag 
_chem_comp_atom.pdbx_stereo_config 
_chem_comp_atom.pdbx_ordinal 
ALA N    N  N N 1   
ALA CA   C  N S 2   
ALA C    C  N N 3   
ALA O    O  N N 4   
ALA CB   C  N N 5   
ALA OXT  O  N N 6   
ALA H    H  N N 7   
ALA H2   H  N N 8   
ALA HA   H  N N 9   
ALA HB1  H  N N 10  
ALA HB2  H  N N 11  
ALA HB3  H  N N 12  
ALA HXT  H  N N 13  
ARG N    N  N N 14  
ARG CA   C  N S 15  
ARG C    C  N N 16  
ARG O    O  N N 17  
ARG CB   C  N N 18  
ARG CG   C  N N 19  
ARG CD   C  N N 20  
ARG NE   N  N N 21  
ARG CZ   C  N N 22  
ARG NH1  N  N N 23  
ARG NH2  N  N N 24  
ARG OXT  O  N N 25  
ARG H    H  N N 26  
ARG H2   H  N N 27  
ARG HA   H  N N 28  
ARG HB2  H  N N 29  
ARG HB3  H  N N 30  
ARG HG2  H  N N 31  
ARG HG3  H  N N 32  
ARG HD2  H  N N 33  
ARG HD3  H  N N 34  
ARG HE   H  N N 35  
ARG HH11 H  N N 36  
ARG HH12 H  N N 37  
ARG HH21 H  N N 38  
ARG HH22 H  N N 39  
ARG HXT  H  N N 40  
ASN N    N  N N 41  
ASN CA   C  N S 42  
ASN C    C  N N 43  
ASN O    O  N N 44  
ASN CB   C  N N 45  
ASN CG   C  N N 46  
ASN OD1  O  N N 47  
ASN ND2  N  N N 48  
ASN OXT  O  N N 49  
ASN H    H  N N 50  
ASN H2   H  N N 51  
ASN HA   H  N N 52  
ASN HB2  H  N N 53  
ASN HB3  H  N N 54  
ASN HD21 H  N N 55  
ASN HD22 H  N N 56  
ASN HXT  H  N N 57  
ASP N    N  N N 58  
ASP CA   C  N S 59  
ASP C    C  N N 60  
ASP O    O  N N 61  
ASP CB   C  N N 62  
ASP CG   C  N N 63  
ASP OD1  O  N N 64  
ASP OD2  O  N N 65  
ASP OXT  O  N N 66  
ASP H    H  N N 67  
ASP H2   H  N N 68  
ASP HA   H  N N 69  
ASP HB2  H  N N 70  
ASP HB3  H  N N 71  
ASP HD2  H  N N 72  
ASP HXT  H  N N 73  
CYS N    N  N N 74  
CYS CA   C  N R 75  
CYS C    C  N N 76  
CYS O    O  N N 77  
CYS CB   C  N N 78  
CYS SG   S  N N 79  
CYS OXT  O  N N 80  
CYS H    H  N N 81  
CYS H2   H  N N 82  
CYS HA   H  N N 83  
CYS HB2  H  N N 84  
CYS HB3  H  N N 85  
CYS HG   H  N N 86  
CYS HXT  H  N N 87  
GLN N    N  N N 88  
GLN CA   C  N S 89  
GLN C    C  N N 90  
GLN O    O  N N 91  
GLN CB   C  N N 92  
GLN CG   C  N N 93  
GLN CD   C  N N 94  
GLN OE1  O  N N 95  
GLN NE2  N  N N 96  
GLN OXT  O  N N 97  
GLN H    H  N N 98  
GLN H2   H  N N 99  
GLN HA   H  N N 100 
GLN HB2  H  N N 101 
GLN HB3  H  N N 102 
GLN HG2  H  N N 103 
GLN HG3  H  N N 104 
GLN HE21 H  N N 105 
GLN HE22 H  N N 106 
GLN HXT  H  N N 107 
GLU N    N  N N 108 
GLU CA   C  N S 109 
GLU C    C  N N 110 
GLU O    O  N N 111 
GLU CB   C  N N 112 
GLU CG   C  N N 113 
GLU CD   C  N N 114 
GLU OE1  O  N N 115 
GLU OE2  O  N N 116 
GLU OXT  O  N N 117 
GLU H    H  N N 118 
GLU H2   H  N N 119 
GLU HA   H  N N 120 
GLU HB2  H  N N 121 
GLU HB3  H  N N 122 
GLU HG2  H  N N 123 
GLU HG3  H  N N 124 
GLU HE2  H  N N 125 
GLU HXT  H  N N 126 
GLY N    N  N N 127 
GLY CA   C  N N 128 
GLY C    C  N N 129 
GLY O    O  N N 130 
GLY OXT  O  N N 131 
GLY H    H  N N 132 
GLY H2   H  N N 133 
GLY HA2  H  N N 134 
GLY HA3  H  N N 135 
GLY HXT  H  N N 136 
HIS N    N  N N 137 
HIS CA   C  N S 138 
HIS C    C  N N 139 
HIS O    O  N N 140 
HIS CB   C  N N 141 
HIS CG   C  Y N 142 
HIS ND1  N  Y N 143 
HIS CD2  C  Y N 144 
HIS CE1  C  Y N 145 
HIS NE2  N  Y N 146 
HIS OXT  O  N N 147 
HIS H    H  N N 148 
HIS H2   H  N N 149 
HIS HA   H  N N 150 
HIS HB2  H  N N 151 
HIS HB3  H  N N 152 
HIS HD1  H  N N 153 
HIS HD2  H  N N 154 
HIS HE1  H  N N 155 
HIS HE2  H  N N 156 
HIS HXT  H  N N 157 
HOH O    O  N N 158 
HOH H1   H  N N 159 
HOH H2   H  N N 160 
ILE N    N  N N 161 
ILE CA   C  N S 162 
ILE C    C  N N 163 
ILE O    O  N N 164 
ILE CB   C  N S 165 
ILE CG1  C  N N 166 
ILE CG2  C  N N 167 
ILE CD1  C  N N 168 
ILE OXT  O  N N 169 
ILE H    H  N N 170 
ILE H2   H  N N 171 
ILE HA   H  N N 172 
ILE HB   H  N N 173 
ILE HG12 H  N N 174 
ILE HG13 H  N N 175 
ILE HG21 H  N N 176 
ILE HG22 H  N N 177 
ILE HG23 H  N N 178 
ILE HD11 H  N N 179 
ILE HD12 H  N N 180 
ILE HD13 H  N N 181 
ILE HXT  H  N N 182 
LEU N    N  N N 183 
LEU CA   C  N S 184 
LEU C    C  N N 185 
LEU O    O  N N 186 
LEU CB   C  N N 187 
LEU CG   C  N N 188 
LEU CD1  C  N N 189 
LEU CD2  C  N N 190 
LEU OXT  O  N N 191 
LEU H    H  N N 192 
LEU H2   H  N N 193 
LEU HA   H  N N 194 
LEU HB2  H  N N 195 
LEU HB3  H  N N 196 
LEU HG   H  N N 197 
LEU HD11 H  N N 198 
LEU HD12 H  N N 199 
LEU HD13 H  N N 200 
LEU HD21 H  N N 201 
LEU HD22 H  N N 202 
LEU HD23 H  N N 203 
LEU HXT  H  N N 204 
LYS N    N  N N 205 
LYS CA   C  N S 206 
LYS C    C  N N 207 
LYS O    O  N N 208 
LYS CB   C  N N 209 
LYS CG   C  N N 210 
LYS CD   C  N N 211 
LYS CE   C  N N 212 
LYS NZ   N  N N 213 
LYS OXT  O  N N 214 
LYS H    H  N N 215 
LYS H2   H  N N 216 
LYS HA   H  N N 217 
LYS HB2  H  N N 218 
LYS HB3  H  N N 219 
LYS HG2  H  N N 220 
LYS HG3  H  N N 221 
LYS HD2  H  N N 222 
LYS HD3  H  N N 223 
LYS HE2  H  N N 224 
LYS HE3  H  N N 225 
LYS HZ1  H  N N 226 
LYS HZ2  H  N N 227 
LYS HZ3  H  N N 228 
LYS HXT  H  N N 229 
MET N    N  N N 230 
MET CA   C  N S 231 
MET C    C  N N 232 
MET O    O  N N 233 
MET CB   C  N N 234 
MET CG   C  N N 235 
MET SD   S  N N 236 
MET CE   C  N N 237 
MET OXT  O  N N 238 
MET H    H  N N 239 
MET H2   H  N N 240 
MET HA   H  N N 241 
MET HB2  H  N N 242 
MET HB3  H  N N 243 
MET HG2  H  N N 244 
MET HG3  H  N N 245 
MET HE1  H  N N 246 
MET HE2  H  N N 247 
MET HE3  H  N N 248 
MET HXT  H  N N 249 
MSE N    N  N N 250 
MSE CA   C  N S 251 
MSE C    C  N N 252 
MSE O    O  N N 253 
MSE OXT  O  N N 254 
MSE CB   C  N N 255 
MSE CG   C  N N 256 
MSE SE   SE N N 257 
MSE CE   C  N N 258 
MSE H    H  N N 259 
MSE H2   H  N N 260 
MSE HA   H  N N 261 
MSE HXT  H  N N 262 
MSE HB2  H  N N 263 
MSE HB3  H  N N 264 
MSE HG2  H  N N 265 
MSE HG3  H  N N 266 
MSE HE1  H  N N 267 
MSE HE2  H  N N 268 
MSE HE3  H  N N 269 
PHE N    N  N N 270 
PHE CA   C  N S 271 
PHE C    C  N N 272 
PHE O    O  N N 273 
PHE CB   C  N N 274 
PHE CG   C  Y N 275 
PHE CD1  C  Y N 276 
PHE CD2  C  Y N 277 
PHE CE1  C  Y N 278 
PHE CE2  C  Y N 279 
PHE CZ   C  Y N 280 
PHE OXT  O  N N 281 
PHE H    H  N N 282 
PHE H2   H  N N 283 
PHE HA   H  N N 284 
PHE HB2  H  N N 285 
PHE HB3  H  N N 286 
PHE HD1  H  N N 287 
PHE HD2  H  N N 288 
PHE HE1  H  N N 289 
PHE HE2  H  N N 290 
PHE HZ   H  N N 291 
PHE HXT  H  N N 292 
PRO N    N  N N 293 
PRO CA   C  N S 294 
PRO C    C  N N 295 
PRO O    O  N N 296 
PRO CB   C  N N 297 
PRO CG   C  N N 298 
PRO CD   C  N N 299 
PRO OXT  O  N N 300 
PRO H    H  N N 301 
PRO HA   H  N N 302 
PRO HB2  H  N N 303 
PRO HB3  H  N N 304 
PRO HG2  H  N N 305 
PRO HG3  H  N N 306 
PRO HD2  H  N N 307 
PRO HD3  H  N N 308 
PRO HXT  H  N N 309 
SER N    N  N N 310 
SER CA   C  N S 311 
SER C    C  N N 312 
SER O    O  N N 313 
SER CB   C  N N 314 
SER OG   O  N N 315 
SER OXT  O  N N 316 
SER H    H  N N 317 
SER H2   H  N N 318 
SER HA   H  N N 319 
SER HB2  H  N N 320 
SER HB3  H  N N 321 
SER HG   H  N N 322 
SER HXT  H  N N 323 
SO4 S    S  N N 324 
SO4 O1   O  N N 325 
SO4 O2   O  N N 326 
SO4 O3   O  N N 327 
SO4 O4   O  N N 328 
THR N    N  N N 329 
THR CA   C  N S 330 
THR C    C  N N 331 
THR O    O  N N 332 
THR CB   C  N R 333 
THR OG1  O  N N 334 
THR CG2  C  N N 335 
THR OXT  O  N N 336 
THR H    H  N N 337 
THR H2   H  N N 338 
THR HA   H  N N 339 
THR HB   H  N N 340 
THR HG1  H  N N 341 
THR HG21 H  N N 342 
THR HG22 H  N N 343 
THR HG23 H  N N 344 
THR HXT  H  N N 345 
TRP N    N  N N 346 
TRP CA   C  N S 347 
TRP C    C  N N 348 
TRP O    O  N N 349 
TRP CB   C  N N 350 
TRP CG   C  Y N 351 
TRP CD1  C  Y N 352 
TRP CD2  C  Y N 353 
TRP NE1  N  Y N 354 
TRP CE2  C  Y N 355 
TRP CE3  C  Y N 356 
TRP CZ2  C  Y N 357 
TRP CZ3  C  Y N 358 
TRP CH2  C  Y N 359 
TRP OXT  O  N N 360 
TRP H    H  N N 361 
TRP H2   H  N N 362 
TRP HA   H  N N 363 
TRP HB2  H  N N 364 
TRP HB3  H  N N 365 
TRP HD1  H  N N 366 
TRP HE1  H  N N 367 
TRP HE3  H  N N 368 
TRP HZ2  H  N N 369 
TRP HZ3  H  N N 370 
TRP HH2  H  N N 371 
TRP HXT  H  N N 372 
TYR N    N  N N 373 
TYR CA   C  N S 374 
TYR C    C  N N 375 
TYR O    O  N N 376 
TYR CB   C  N N 377 
TYR CG   C  Y N 378 
TYR CD1  C  Y N 379 
TYR CD2  C  Y N 380 
TYR CE1  C  Y N 381 
TYR CE2  C  Y N 382 
TYR CZ   C  Y N 383 
TYR OH   O  N N 384 
TYR OXT  O  N N 385 
TYR H    H  N N 386 
TYR H2   H  N N 387 
TYR HA   H  N N 388 
TYR HB2  H  N N 389 
TYR HB3  H  N N 390 
TYR HD1  H  N N 391 
TYR HD2  H  N N 392 
TYR HE1  H  N N 393 
TYR HE2  H  N N 394 
TYR HH   H  N N 395 
TYR HXT  H  N N 396 
VAL N    N  N N 397 
VAL CA   C  N S 398 
VAL C    C  N N 399 
VAL O    O  N N 400 
VAL CB   C  N N 401 
VAL CG1  C  N N 402 
VAL CG2  C  N N 403 
VAL OXT  O  N N 404 
VAL H    H  N N 405 
VAL H2   H  N N 406 
VAL HA   H  N N 407 
VAL HB   H  N N 408 
VAL HG11 H  N N 409 
VAL HG12 H  N N 410 
VAL HG13 H  N N 411 
VAL HG21 H  N N 412 
VAL HG22 H  N N 413 
VAL HG23 H  N N 414 
VAL HXT  H  N N 415 
# 
loop_
_chem_comp_bond.comp_id 
_chem_comp_bond.atom_id_1 
_chem_comp_bond.atom_id_2 
_chem_comp_bond.value_order 
_chem_comp_bond.pdbx_aromatic_flag 
_chem_comp_bond.pdbx_stereo_config 
_chem_comp_bond.pdbx_ordinal 
ALA N   CA   sing N N 1   
ALA N   H    sing N N 2   
ALA N   H2   sing N N 3   
ALA CA  C    sing N N 4   
ALA CA  CB   sing N N 5   
ALA CA  HA   sing N N 6   
ALA C   O    doub N N 7   
ALA C   OXT  sing N N 8   
ALA CB  HB1  sing N N 9   
ALA CB  HB2  sing N N 10  
ALA CB  HB3  sing N N 11  
ALA OXT HXT  sing N N 12  
ARG N   CA   sing N N 13  
ARG N   H    sing N N 14  
ARG N   H2   sing N N 15  
ARG CA  C    sing N N 16  
ARG CA  CB   sing N N 17  
ARG CA  HA   sing N N 18  
ARG C   O    doub N N 19  
ARG C   OXT  sing N N 20  
ARG CB  CG   sing N N 21  
ARG CB  HB2  sing N N 22  
ARG CB  HB3  sing N N 23  
ARG CG  CD   sing N N 24  
ARG CG  HG2  sing N N 25  
ARG CG  HG3  sing N N 26  
ARG CD  NE   sing N N 27  
ARG CD  HD2  sing N N 28  
ARG CD  HD3  sing N N 29  
ARG NE  CZ   sing N N 30  
ARG NE  HE   sing N N 31  
ARG CZ  NH1  sing N N 32  
ARG CZ  NH2  doub N N 33  
ARG NH1 HH11 sing N N 34  
ARG NH1 HH12 sing N N 35  
ARG NH2 HH21 sing N N 36  
ARG NH2 HH22 sing N N 37  
ARG OXT HXT  sing N N 38  
ASN N   CA   sing N N 39  
ASN N   H    sing N N 40  
ASN N   H2   sing N N 41  
ASN CA  C    sing N N 42  
ASN CA  CB   sing N N 43  
ASN CA  HA   sing N N 44  
ASN C   O    doub N N 45  
ASN C   OXT  sing N N 46  
ASN CB  CG   sing N N 47  
ASN CB  HB2  sing N N 48  
ASN CB  HB3  sing N N 49  
ASN CG  OD1  doub N N 50  
ASN CG  ND2  sing N N 51  
ASN ND2 HD21 sing N N 52  
ASN ND2 HD22 sing N N 53  
ASN OXT HXT  sing N N 54  
ASP N   CA   sing N N 55  
ASP N   H    sing N N 56  
ASP N   H2   sing N N 57  
ASP CA  C    sing N N 58  
ASP CA  CB   sing N N 59  
ASP CA  HA   sing N N 60  
ASP C   O    doub N N 61  
ASP C   OXT  sing N N 62  
ASP CB  CG   sing N N 63  
ASP CB  HB2  sing N N 64  
ASP CB  HB3  sing N N 65  
ASP CG  OD1  doub N N 66  
ASP CG  OD2  sing N N 67  
ASP OD2 HD2  sing N N 68  
ASP OXT HXT  sing N N 69  
CYS N   CA   sing N N 70  
CYS N   H    sing N N 71  
CYS N   H2   sing N N 72  
CYS CA  C    sing N N 73  
CYS CA  CB   sing N N 74  
CYS CA  HA   sing N N 75  
CYS C   O    doub N N 76  
CYS C   OXT  sing N N 77  
CYS CB  SG   sing N N 78  
CYS CB  HB2  sing N N 79  
CYS CB  HB3  sing N N 80  
CYS SG  HG   sing N N 81  
CYS OXT HXT  sing N N 82  
GLN N   CA   sing N N 83  
GLN N   H    sing N N 84  
GLN N   H2   sing N N 85  
GLN CA  C    sing N N 86  
GLN CA  CB   sing N N 87  
GLN CA  HA   sing N N 88  
GLN C   O    doub N N 89  
GLN C   OXT  sing N N 90  
GLN CB  CG   sing N N 91  
GLN CB  HB2  sing N N 92  
GLN CB  HB3  sing N N 93  
GLN CG  CD   sing N N 94  
GLN CG  HG2  sing N N 95  
GLN CG  HG3  sing N N 96  
GLN CD  OE1  doub N N 97  
GLN CD  NE2  sing N N 98  
GLN NE2 HE21 sing N N 99  
GLN NE2 HE22 sing N N 100 
GLN OXT HXT  sing N N 101 
GLU N   CA   sing N N 102 
GLU N   H    sing N N 103 
GLU N   H2   sing N N 104 
GLU CA  C    sing N N 105 
GLU CA  CB   sing N N 106 
GLU CA  HA   sing N N 107 
GLU C   O    doub N N 108 
GLU C   OXT  sing N N 109 
GLU CB  CG   sing N N 110 
GLU CB  HB2  sing N N 111 
GLU CB  HB3  sing N N 112 
GLU CG  CD   sing N N 113 
GLU CG  HG2  sing N N 114 
GLU CG  HG3  sing N N 115 
GLU CD  OE1  doub N N 116 
GLU CD  OE2  sing N N 117 
GLU OE2 HE2  sing N N 118 
GLU OXT HXT  sing N N 119 
GLY N   CA   sing N N 120 
GLY N   H    sing N N 121 
GLY N   H2   sing N N 122 
GLY CA  C    sing N N 123 
GLY CA  HA2  sing N N 124 
GLY CA  HA3  sing N N 125 
GLY C   O    doub N N 126 
GLY C   OXT  sing N N 127 
GLY OXT HXT  sing N N 128 
HIS N   CA   sing N N 129 
HIS N   H    sing N N 130 
HIS N   H2   sing N N 131 
HIS CA  C    sing N N 132 
HIS CA  CB   sing N N 133 
HIS CA  HA   sing N N 134 
HIS C   O    doub N N 135 
HIS C   OXT  sing N N 136 
HIS CB  CG   sing N N 137 
HIS CB  HB2  sing N N 138 
HIS CB  HB3  sing N N 139 
HIS CG  ND1  sing Y N 140 
HIS CG  CD2  doub Y N 141 
HIS ND1 CE1  doub Y N 142 
HIS ND1 HD1  sing N N 143 
HIS CD2 NE2  sing Y N 144 
HIS CD2 HD2  sing N N 145 
HIS CE1 NE2  sing Y N 146 
HIS CE1 HE1  sing N N 147 
HIS NE2 HE2  sing N N 148 
HIS OXT HXT  sing N N 149 
HOH O   H1   sing N N 150 
HOH O   H2   sing N N 151 
ILE N   CA   sing N N 152 
ILE N   H    sing N N 153 
ILE N   H2   sing N N 154 
ILE CA  C    sing N N 155 
ILE CA  CB   sing N N 156 
ILE CA  HA   sing N N 157 
ILE C   O    doub N N 158 
ILE C   OXT  sing N N 159 
ILE CB  CG1  sing N N 160 
ILE CB  CG2  sing N N 161 
ILE CB  HB   sing N N 162 
ILE CG1 CD1  sing N N 163 
ILE CG1 HG12 sing N N 164 
ILE CG1 HG13 sing N N 165 
ILE CG2 HG21 sing N N 166 
ILE CG2 HG22 sing N N 167 
ILE CG2 HG23 sing N N 168 
ILE CD1 HD11 sing N N 169 
ILE CD1 HD12 sing N N 170 
ILE CD1 HD13 sing N N 171 
ILE OXT HXT  sing N N 172 
LEU N   CA   sing N N 173 
LEU N   H    sing N N 174 
LEU N   H2   sing N N 175 
LEU CA  C    sing N N 176 
LEU CA  CB   sing N N 177 
LEU CA  HA   sing N N 178 
LEU C   O    doub N N 179 
LEU C   OXT  sing N N 180 
LEU CB  CG   sing N N 181 
LEU CB  HB2  sing N N 182 
LEU CB  HB3  sing N N 183 
LEU CG  CD1  sing N N 184 
LEU CG  CD2  sing N N 185 
LEU CG  HG   sing N N 186 
LEU CD1 HD11 sing N N 187 
LEU CD1 HD12 sing N N 188 
LEU CD1 HD13 sing N N 189 
LEU CD2 HD21 sing N N 190 
LEU CD2 HD22 sing N N 191 
LEU CD2 HD23 sing N N 192 
LEU OXT HXT  sing N N 193 
LYS N   CA   sing N N 194 
LYS N   H    sing N N 195 
LYS N   H2   sing N N 196 
LYS CA  C    sing N N 197 
LYS CA  CB   sing N N 198 
LYS CA  HA   sing N N 199 
LYS C   O    doub N N 200 
LYS C   OXT  sing N N 201 
LYS CB  CG   sing N N 202 
LYS CB  HB2  sing N N 203 
LYS CB  HB3  sing N N 204 
LYS CG  CD   sing N N 205 
LYS CG  HG2  sing N N 206 
LYS CG  HG3  sing N N 207 
LYS CD  CE   sing N N 208 
LYS CD  HD2  sing N N 209 
LYS CD  HD3  sing N N 210 
LYS CE  NZ   sing N N 211 
LYS CE  HE2  sing N N 212 
LYS CE  HE3  sing N N 213 
LYS NZ  HZ1  sing N N 214 
LYS NZ  HZ2  sing N N 215 
LYS NZ  HZ3  sing N N 216 
LYS OXT HXT  sing N N 217 
MET N   CA   sing N N 218 
MET N   H    sing N N 219 
MET N   H2   sing N N 220 
MET CA  C    sing N N 221 
MET CA  CB   sing N N 222 
MET CA  HA   sing N N 223 
MET C   O    doub N N 224 
MET C   OXT  sing N N 225 
MET CB  CG   sing N N 226 
MET CB  HB2  sing N N 227 
MET CB  HB3  sing N N 228 
MET CG  SD   sing N N 229 
MET CG  HG2  sing N N 230 
MET CG  HG3  sing N N 231 
MET SD  CE   sing N N 232 
MET CE  HE1  sing N N 233 
MET CE  HE2  sing N N 234 
MET CE  HE3  sing N N 235 
MET OXT HXT  sing N N 236 
MSE N   CA   sing N N 237 
MSE N   H    sing N N 238 
MSE N   H2   sing N N 239 
MSE CA  C    sing N N 240 
MSE CA  CB   sing N N 241 
MSE CA  HA   sing N N 242 
MSE C   O    doub N N 243 
MSE C   OXT  sing N N 244 
MSE OXT HXT  sing N N 245 
MSE CB  CG   sing N N 246 
MSE CB  HB2  sing N N 247 
MSE CB  HB3  sing N N 248 
MSE CG  SE   sing N N 249 
MSE CG  HG2  sing N N 250 
MSE CG  HG3  sing N N 251 
MSE SE  CE   sing N N 252 
MSE CE  HE1  sing N N 253 
MSE CE  HE2  sing N N 254 
MSE CE  HE3  sing N N 255 
PHE N   CA   sing N N 256 
PHE N   H    sing N N 257 
PHE N   H2   sing N N 258 
PHE CA  C    sing N N 259 
PHE CA  CB   sing N N 260 
PHE CA  HA   sing N N 261 
PHE C   O    doub N N 262 
PHE C   OXT  sing N N 263 
PHE CB  CG   sing N N 264 
PHE CB  HB2  sing N N 265 
PHE CB  HB3  sing N N 266 
PHE CG  CD1  doub Y N 267 
PHE CG  CD2  sing Y N 268 
PHE CD1 CE1  sing Y N 269 
PHE CD1 HD1  sing N N 270 
PHE CD2 CE2  doub Y N 271 
PHE CD2 HD2  sing N N 272 
PHE CE1 CZ   doub Y N 273 
PHE CE1 HE1  sing N N 274 
PHE CE2 CZ   sing Y N 275 
PHE CE2 HE2  sing N N 276 
PHE CZ  HZ   sing N N 277 
PHE OXT HXT  sing N N 278 
PRO N   CA   sing N N 279 
PRO N   CD   sing N N 280 
PRO N   H    sing N N 281 
PRO CA  C    sing N N 282 
PRO CA  CB   sing N N 283 
PRO CA  HA   sing N N 284 
PRO C   O    doub N N 285 
PRO C   OXT  sing N N 286 
PRO CB  CG   sing N N 287 
PRO CB  HB2  sing N N 288 
PRO CB  HB3  sing N N 289 
PRO CG  CD   sing N N 290 
PRO CG  HG2  sing N N 291 
PRO CG  HG3  sing N N 292 
PRO CD  HD2  sing N N 293 
PRO CD  HD3  sing N N 294 
PRO OXT HXT  sing N N 295 
SER N   CA   sing N N 296 
SER N   H    sing N N 297 
SER N   H2   sing N N 298 
SER CA  C    sing N N 299 
SER CA  CB   sing N N 300 
SER CA  HA   sing N N 301 
SER C   O    doub N N 302 
SER C   OXT  sing N N 303 
SER CB  OG   sing N N 304 
SER CB  HB2  sing N N 305 
SER CB  HB3  sing N N 306 
SER OG  HG   sing N N 307 
SER OXT HXT  sing N N 308 
SO4 S   O1   doub N N 309 
SO4 S   O2   doub N N 310 
SO4 S   O3   sing N N 311 
SO4 S   O4   sing N N 312 
THR N   CA   sing N N 313 
THR N   H    sing N N 314 
THR N   H2   sing N N 315 
THR CA  C    sing N N 316 
THR CA  CB   sing N N 317 
THR CA  HA   sing N N 318 
THR C   O    doub N N 319 
THR C   OXT  sing N N 320 
THR CB  OG1  sing N N 321 
THR CB  CG2  sing N N 322 
THR CB  HB   sing N N 323 
THR OG1 HG1  sing N N 324 
THR CG2 HG21 sing N N 325 
THR CG2 HG22 sing N N 326 
THR CG2 HG23 sing N N 327 
THR OXT HXT  sing N N 328 
TRP N   CA   sing N N 329 
TRP N   H    sing N N 330 
TRP N   H2   sing N N 331 
TRP CA  C    sing N N 332 
TRP CA  CB   sing N N 333 
TRP CA  HA   sing N N 334 
TRP C   O    doub N N 335 
TRP C   OXT  sing N N 336 
TRP CB  CG   sing N N 337 
TRP CB  HB2  sing N N 338 
TRP CB  HB3  sing N N 339 
TRP CG  CD1  doub Y N 340 
TRP CG  CD2  sing Y N 341 
TRP CD1 NE1  sing Y N 342 
TRP CD1 HD1  sing N N 343 
TRP CD2 CE2  doub Y N 344 
TRP CD2 CE3  sing Y N 345 
TRP NE1 CE2  sing Y N 346 
TRP NE1 HE1  sing N N 347 
TRP CE2 CZ2  sing Y N 348 
TRP CE3 CZ3  doub Y N 349 
TRP CE3 HE3  sing N N 350 
TRP CZ2 CH2  doub Y N 351 
TRP CZ2 HZ2  sing N N 352 
TRP CZ3 CH2  sing Y N 353 
TRP CZ3 HZ3  sing N N 354 
TRP CH2 HH2  sing N N 355 
TRP OXT HXT  sing N N 356 
TYR N   CA   sing N N 357 
TYR N   H    sing N N 358 
TYR N   H2   sing N N 359 
TYR CA  C    sing N N 360 
TYR CA  CB   sing N N 361 
TYR CA  HA   sing N N 362 
TYR C   O    doub N N 363 
TYR C   OXT  sing N N 364 
TYR CB  CG   sing N N 365 
TYR CB  HB2  sing N N 366 
TYR CB  HB3  sing N N 367 
TYR CG  CD1  doub Y N 368 
TYR CG  CD2  sing Y N 369 
TYR CD1 CE1  sing Y N 370 
TYR CD1 HD1  sing N N 371 
TYR CD2 CE2  doub Y N 372 
TYR CD2 HD2  sing N N 373 
TYR CE1 CZ   doub Y N 374 
TYR CE1 HE1  sing N N 375 
TYR CE2 CZ   sing Y N 376 
TYR CE2 HE2  sing N N 377 
TYR CZ  OH   sing N N 378 
TYR OH  HH   sing N N 379 
TYR OXT HXT  sing N N 380 
VAL N   CA   sing N N 381 
VAL N   H    sing N N 382 
VAL N   H2   sing N N 383 
VAL CA  C    sing N N 384 
VAL CA  CB   sing N N 385 
VAL CA  HA   sing N N 386 
VAL C   O    doub N N 387 
VAL C   OXT  sing N N 388 
VAL CB  CG1  sing N N 389 
VAL CB  CG2  sing N N 390 
VAL CB  HB   sing N N 391 
VAL CG1 HG11 sing N N 392 
VAL CG1 HG12 sing N N 393 
VAL CG1 HG13 sing N N 394 
VAL CG2 HG21 sing N N 395 
VAL CG2 HG22 sing N N 396 
VAL CG2 HG23 sing N N 397 
VAL OXT HXT  sing N N 398 
# 
_atom_sites.entry_id                    2AJ6 
_atom_sites.fract_transf_matrix[1][1]   0.00892945 
_atom_sites.fract_transf_matrix[1][2]   -0.01935129 
_atom_sites.fract_transf_matrix[1][3]   0.01299207 
_atom_sites.fract_transf_matrix[2][1]   0.00367003 
_atom_sites.fract_transf_matrix[2][2]   0.00828477 
_atom_sites.fract_transf_matrix[2][3]   0.00981749 
_atom_sites.fract_transf_matrix[3][1]   -0.00983533 
_atom_sites.fract_transf_matrix[3][2]   -0.00132133 
_atom_sites.fract_transf_matrix[3][3]   0.00479174 
_atom_sites.fract_transf_vector[1]      0.106345 
_atom_sites.fract_transf_vector[2]      0.186196 
_atom_sites.fract_transf_vector[3]      0.151939 
# 
loop_
_atom_type.symbol 
C  
N  
O  
S  
SE 
# 
loop_
_atom_site.group_PDB 
_atom_site.id 
_atom_site.type_symbol 
_atom_site.label_atom_id 
_atom_site.label_alt_id 
_atom_site.label_comp_id 
_atom_site.label_asym_id 
_atom_site.label_entity_id 
_atom_site.label_seq_id 
_atom_site.pdbx_PDB_ins_code 
_atom_site.Cartn_x 
_atom_site.Cartn_y 
_atom_site.Cartn_z 
_atom_site.occupancy 
_atom_site.B_iso_or_equiv 
_atom_site.pdbx_formal_charge 
_atom_site.auth_seq_id 
_atom_site.auth_comp_id 
_atom_site.auth_asym_id 
_atom_site.auth_atom_id 
_atom_site.pdbx_PDB_model_num 
ATOM   1    N  N   . HIS A 1 11  ? 16.406  -1.735  7.848   1.00 53.75 ? -1  HIS A N   1 
ATOM   2    C  CA  . HIS A 1 11  ? 15.835  -2.419  9.049   1.00 50.51 ? -1  HIS A CA  1 
ATOM   3    C  C   . HIS A 1 11  ? 14.400  -2.929  8.720   1.00 44.46 ? -1  HIS A C   1 
ATOM   4    O  O   . HIS A 1 11  ? 14.165  -3.543  7.681   1.00 44.16 ? -1  HIS A O   1 
ATOM   5    C  CB  . HIS A 1 11  ? 15.929  -1.492  10.322  1.00 52.73 ? -1  HIS A CB  1 
ATOM   6    C  CG  . HIS A 1 11  ? 14.794  -0.505  10.477  1.00 59.18 ? -1  HIS A CG  1 
ATOM   7    N  ND1 . HIS A 1 11  ? 14.358  0.316   9.455   1.00 61.02 ? -1  HIS A ND1 1 
ATOM   8    C  CD2 . HIS A 1 11  ? 13.990  -0.236  11.536  1.00 58.44 ? -1  HIS A CD2 1 
ATOM   9    C  CE1 . HIS A 1 11  ? 13.342  1.047   9.879   1.00 58.06 ? -1  HIS A CE1 1 
ATOM   10   N  NE2 . HIS A 1 11  ? 13.091  0.724   11.134  1.00 57.75 ? -1  HIS A NE2 1 
ATOM   11   N  N   . HIS A 1 12  ? 13.459  -2.663  9.608   1.00 35.05 ? 0   HIS A N   1 
ATOM   12   C  CA  . HIS A 1 12  ? 12.109  -3.161  9.501   1.00 29.75 ? 0   HIS A CA  1 
ATOM   13   C  C   . HIS A 1 12  ? 11.288  -2.531  8.410   1.00 26.84 ? 0   HIS A C   1 
ATOM   14   O  O   . HIS A 1 12  ? 10.332  -3.172  7.962   1.00 29.80 ? 0   HIS A O   1 
ATOM   15   C  CB  . HIS A 1 12  ? 11.421  -2.919  10.848  1.00 28.86 ? 0   HIS A CB  1 
ATOM   16   C  CG  . HIS A 1 12  ? 11.989  -3.730  11.956  1.00 29.99 ? 0   HIS A CG  1 
ATOM   17   N  ND1 . HIS A 1 12  ? 11.617  -5.035  12.176  1.00 29.62 ? 0   HIS A ND1 1 
ATOM   18   C  CD2 . HIS A 1 12  ? 12.916  -3.437  12.895  1.00 32.63 ? 0   HIS A CD2 1 
ATOM   19   C  CE1 . HIS A 1 12  ? 12.278  -5.508  13.217  1.00 30.88 ? 0   HIS A CE1 1 
ATOM   20   N  NE2 . HIS A 1 12  ? 13.078  -4.558  13.668  1.00 31.63 ? 0   HIS A NE2 1 
HETATM 21   N  N   . MSE A 1 13  ? 11.561  -1.260  8.079   1.00 29.15 ? 1   MSE A N   1 
HETATM 22   C  CA  . MSE A 1 13  ? 10.758  -0.514  7.051   1.00 30.56 ? 1   MSE A CA  1 
HETATM 23   C  C   . MSE A 1 13  ? 11.537  -0.516  5.792   1.00 30.52 ? 1   MSE A C   1 
HETATM 24   O  O   . MSE A 1 13  ? 12.709  -0.106  5.776   1.00 31.88 ? 1   MSE A O   1 
HETATM 25   C  CB  . MSE A 1 13  ? 10.360  0.954   7.405   1.00 31.36 ? 1   MSE A CB  1 
HETATM 26   C  CG  . MSE A 1 13  ? 9.822   1.972   6.103   1.00 29.64 ? 1   MSE A CG  1 
HETATM 27   SE SE  . MSE A 1 13  ? 8.899   3.261   7.092   0.70 41.67 ? 1   MSE A SE  1 
HETATM 28   C  CE  . MSE A 1 13  ? 7.911   3.653   5.553   1.00 63.25 ? 1   MSE A CE  1 
ATOM   29   N  N   . ARG A 1 14  ? 10.896  -0.971  4.730   1.00 30.21 ? 2   ARG A N   1 
ATOM   30   C  CA  . ARG A 1 14  ? 11.570  -1.107  3.461   1.00 29.69 ? 2   ARG A CA  1 
ATOM   31   C  C   . ARG A 1 14  ? 10.602  -1.118  2.309   1.00 30.71 ? 2   ARG A C   1 
ATOM   32   O  O   . ARG A 1 14  ? 9.415   -1.319  2.459   1.00 27.26 ? 2   ARG A O   1 
ATOM   33   C  CB  . ARG A 1 14  ? 12.447  -2.361  3.451   1.00 29.90 ? 2   ARG A CB  1 
ATOM   34   C  CG  . ARG A 1 14  ? 11.667  -3.669  3.564   1.00 33.13 ? 2   ARG A CG  1 
ATOM   35   C  CD  . ARG A 1 14  ? 12.598  -4.840  3.410   1.00 34.36 ? 2   ARG A CD  1 
ATOM   36   N  NE  . ARG A 1 14  ? 11.923  -6.128  3.425   1.00 33.66 ? 2   ARG A NE  1 
ATOM   37   C  CZ  . ARG A 1 14  ? 11.239  -6.640  2.406   1.00 32.79 ? 2   ARG A CZ  1 
ATOM   38   N  NH1 . ARG A 1 14  ? 11.099  -5.976  1.260   1.00 35.23 ? 2   ARG A NH1 1 
ATOM   39   N  NH2 . ARG A 1 14  ? 10.686  -7.835  2.532   1.00 34.31 ? 2   ARG A NH2 1 
ATOM   40   N  N   . THR A 1 15  ? 11.148  -0.889  1.128   1.00 31.04 ? 3   THR A N   1 
ATOM   41   C  CA  . THR A 1 15  ? 10.389  -0.985  -0.109  1.00 29.90 ? 3   THR A CA  1 
ATOM   42   C  C   . THR A 1 15  ? 9.993   -2.430  -0.389  1.00 29.31 ? 3   THR A C   1 
ATOM   43   O  O   . THR A 1 15  ? 10.819  -3.336  -0.349  1.00 30.44 ? 3   THR A O   1 
ATOM   44   C  CB  . THR A 1 15  ? 11.267  -0.476  -1.278  1.00 32.78 ? 3   THR A CB  1 
ATOM   45   O  OG1 . THR A 1 15  ? 11.494  0.931   -1.099  1.00 29.96 ? 3   THR A OG1 1 
ATOM   46   C  CG2 . THR A 1 15  ? 10.598  -0.727  -2.590  1.00 36.60 ? 3   THR A CG2 1 
ATOM   47   N  N   . LEU A 1 16  ? 8.739   -2.615  -0.740  1.00 29.19 ? 4   LEU A N   1 
ATOM   48   C  CA  . LEU A 1 16  ? 8.229   -3.893  -1.225  1.00 29.92 ? 4   LEU A CA  1 
ATOM   49   C  C   . LEU A 1 16  ? 8.543   -4.046  -2.717  1.00 29.03 ? 4   LEU A C   1 
ATOM   50   O  O   . LEU A 1 16  ? 8.257   -3.144  -3.517  1.00 33.52 ? 4   LEU A O   1 
ATOM   51   C  CB  . LEU A 1 16  ? 6.721   -3.963  -1.019  1.00 29.64 ? 4   LEU A CB  1 
ATOM   52   C  CG  . LEU A 1 16  ? 6.062   -5.288  -1.376  1.00 30.61 ? 4   LEU A CG  1 
ATOM   53   C  CD1 . LEU A 1 16  ? 6.478   -6.357  -0.362  1.00 32.72 ? 4   LEU A CD1 1 
ATOM   54   C  CD2 . LEU A 1 16  ? 4.553   -5.154  -1.389  1.00 33.43 ? 4   LEU A CD2 1 
ATOM   55   N  N   . ASN A 1 17  ? 9.104   -5.209  -3.069  1.00 31.39 ? 5   ASN A N   1 
ATOM   56   C  CA  . ASN A 1 17  ? 9.433   -5.551  -4.457  1.00 31.45 ? 5   ASN A CA  1 
ATOM   57   C  C   . ASN A 1 17  ? 8.352   -6.385  -5.121  1.00 31.20 ? 5   ASN A C   1 
ATOM   58   O  O   . ASN A 1 17  ? 7.625   -7.115  -4.439  1.00 30.73 ? 5   ASN A O   1 
ATOM   59   C  CB  . ASN A 1 17  ? 10.785  -6.256  -4.509  1.00 34.66 ? 5   ASN A CB  1 
ATOM   60   C  CG  . ASN A 1 17  ? 11.949  -5.319  -4.096  1.00 43.49 ? 5   ASN A CG  1 
ATOM   61   O  OD1 . ASN A 1 17  ? 11.942  -4.103  -4.382  1.00 48.15 ? 5   ASN A OD1 1 
ATOM   62   N  ND2 . ASN A 1 17  ? 12.939  -5.881  -3.417  1.00 58.78 ? 5   ASN A ND2 1 
ATOM   63   N  N   . LYS A 1 18  ? 8.258   -6.284  -6.457  1.00 31.31 ? 6   LYS A N   1 
ATOM   64   C  CA  . LYS A 1 18  ? 7.159   -6.898  -7.210  1.00 31.64 ? 6   LYS A CA  1 
ATOM   65   C  C   . LYS A 1 18  ? 7.137   -8.421  -7.163  1.00 32.16 ? 6   LYS A C   1 
ATOM   66   O  O   . LYS A 1 18  ? 6.111   -9.030  -7.471  1.00 34.32 ? 6   LYS A O   1 
ATOM   67   C  CB  . LYS A 1 18  ? 7.187   -6.454  -8.678  1.00 33.78 ? 6   LYS A CB  1 
ATOM   68   C  CG  . LYS A 1 18  ? 8.430   -6.880  -9.449  1.00 35.42 ? 6   LYS A CG  1 
ATOM   69   C  CD  . LYS A 1 18  ? 8.357   -6.364  -10.861 1.00 49.47 ? 6   LYS A CD  1 
ATOM   70   C  CE  . LYS A 1 18  ? 9.589   -6.761  -11.669 1.00 50.80 ? 6   LYS A CE  1 
ATOM   71   N  NZ  . LYS A 1 18  ? 9.615   -8.231  -11.943 1.00 58.22 ? 6   LYS A NZ  1 
ATOM   72   N  N   . ASP A 1 19  ? 8.262   -9.037  -6.797  1.00 29.90 ? 7   ASP A N   1 
ATOM   73   C  CA  . ASP A 1 19  ? 8.362   -10.486 -6.720  1.00 32.69 ? 7   ASP A CA  1 
ATOM   74   C  C   . ASP A 1 19  ? 7.971   -11.059 -5.362  1.00 30.45 ? 7   ASP A C   1 
ATOM   75   O  O   . ASP A 1 19  ? 7.955   -12.269 -5.196  1.00 31.39 ? 7   ASP A O   1 
ATOM   76   C  CB  . ASP A 1 19  ? 9.783   -10.927 -7.059  1.00 35.22 ? 7   ASP A CB  1 
ATOM   77   C  CG  . ASP A 1 19  ? 10.805  -10.474 -6.026  1.00 41.51 ? 7   ASP A CG  1 
ATOM   78   O  OD1 . ASP A 1 19  ? 10.717  -9.343  -5.491  1.00 49.41 ? 7   ASP A OD1 1 
ATOM   79   O  OD2 . ASP A 1 19  ? 11.747  -11.249 -5.781  1.00 63.70 ? 7   ASP A OD2 1 
ATOM   80   N  N   . GLU A 1 20  ? 7.591   -10.211 -4.414  1.00 30.91 ? 8   GLU A N   1 
ATOM   81   C  CA  . GLU A 1 20  ? 7.190   -10.670 -3.091  1.00 31.06 ? 8   GLU A CA  1 
ATOM   82   C  C   . GLU A 1 20  ? 5.716   -11.061 -3.057  1.00 30.90 ? 8   GLU A C   1 
ATOM   83   O  O   . GLU A 1 20  ? 4.894   -10.420 -2.412  1.00 30.77 ? 8   GLU A O   1 
ATOM   84   C  CB  . GLU A 1 20  ? 7.511   -9.599  -2.056  1.00 31.51 ? 8   GLU A CB  1 
ATOM   85   C  CG  . GLU A 1 20  ? 9.017   -9.274  -2.026  1.00 31.76 ? 8   GLU A CG  1 
ATOM   86   C  CD  . GLU A 1 20  ? 9.417   -8.398  -0.852  1.00 36.44 ? 8   GLU A CD  1 
ATOM   87   O  OE1 . GLU A 1 20  ? 9.230   -8.840  0.315   1.00 35.10 ? 8   GLU A OE1 1 
ATOM   88   O  OE2 . GLU A 1 20  ? 9.916   -7.261  -1.097  1.00 32.83 ? 8   GLU A OE2 1 
ATOM   89   N  N   . HIS A 1 21  ? 5.430   -12.187 -3.690  1.00 31.88 ? 9   HIS A N   1 
ATOM   90   C  CA  A HIS A 1 21  ? 4.053   -12.575 -3.985  0.50 31.46 ? 9   HIS A CA  1 
ATOM   91   C  CA  B HIS A 1 21  ? 4.056   -12.578 -3.982  0.50 31.43 ? 9   HIS A CA  1 
ATOM   92   C  C   . HIS A 1 21  ? 3.182   -12.827 -2.749  1.00 30.61 ? 9   HIS A C   1 
ATOM   93   O  O   . HIS A 1 21  ? 2.024   -12.417 -2.725  1.00 30.83 ? 9   HIS A O   1 
ATOM   94   C  CB  A HIS A 1 21  ? 4.054   -13.760 -4.951  0.50 33.31 ? 9   HIS A CB  1 
ATOM   95   C  CB  B HIS A 1 21  ? 4.056   -13.762 -4.951  0.50 33.30 ? 9   HIS A CB  1 
ATOM   96   C  CG  A HIS A 1 21  ? 4.706   -13.447 -6.270  0.50 37.12 ? 9   HIS A CG  1 
ATOM   97   C  CG  B HIS A 1 21  ? 4.708   -13.447 -6.270  0.50 37.11 ? 9   HIS A CG  1 
ATOM   98   N  ND1 . HIS A 1 21  ? 4.672   -12.185 -6.832  0.50 34.80 ? 9   HIS A ND1 1 
ATOM   99   C  CD2 . HIS A 1 21  ? 5.408   -14.223 -7.132  0.50 37.05 ? 9   HIS A CD2 1 
ATOM   100  C  CE1 . HIS A 1 21  ? 5.320   -12.202 -7.983  0.50 36.02 ? 9   HIS A CE1 1 
ATOM   101  N  NE2 . HIS A 1 21  ? 5.781   -13.423 -8.186  0.50 29.81 ? 9   HIS A NE2 1 
ATOM   102  N  N   A ASN A 1 22  ? 3.739   -13.474 -1.723  0.50 30.49 ? 10  ASN A N   1 
ATOM   103  N  N   B ASN A 1 22  ? 3.717   -13.449 -1.699  0.50 30.20 ? 10  ASN A N   1 
ATOM   104  C  CA  A ASN A 1 22  ? 2.999   -13.730 -0.488  0.50 30.67 ? 10  ASN A CA  1 
ATOM   105  C  CA  B ASN A 1 22  ? 2.897   -13.718 -0.517  0.50 30.58 ? 10  ASN A CA  1 
ATOM   106  C  C   A ASN A 1 22  ? 2.539   -12.412 0.135   0.50 29.32 ? 10  ASN A C   1 
ATOM   107  C  C   B ASN A 1 22  ? 2.551   -12.446 0.271   0.50 29.19 ? 10  ASN A C   1 
ATOM   108  O  O   A ASN A 1 22  ? 1.350   -12.218 0.372   0.50 29.28 ? 10  ASN A O   1 
ATOM   109  O  O   B ASN A 1 22  ? 1.449   -12.327 0.799   0.50 29.94 ? 10  ASN A O   1 
ATOM   110  C  CB  A ASN A 1 22  ? 3.828   -14.544 0.517   0.50 30.67 ? 10  ASN A CB  1 
ATOM   111  C  CB  B ASN A 1 22  ? 3.525   -14.785 0.388   0.50 29.27 ? 10  ASN A CB  1 
ATOM   112  C  CG  A ASN A 1 22  ? 3.139   -14.688 1.874   0.50 32.99 ? 10  ASN A CG  1 
ATOM   113  C  CG  B ASN A 1 22  ? 3.635   -16.140 -0.295  0.50 35.02 ? 10  ASN A CG  1 
ATOM   114  O  OD1 A ASN A 1 22  ? 2.045   -15.232 1.959   0.50 46.24 ? 10  ASN A OD1 1 
ATOM   115  O  OD1 B ASN A 1 22  ? 2.941   -16.415 -1.278  0.50 39.88 ? 10  ASN A OD1 1 
ATOM   116  N  ND2 A ASN A 1 22  ? 3.781   -14.197 2.939   0.50 35.59 ? 10  ASN A ND2 1 
ATOM   117  N  ND2 B ASN A 1 22  ? 4.521   -16.990 0.218   0.50 39.62 ? 10  ASN A ND2 1 
ATOM   118  N  N   . TYR A 1 23  ? 3.471   -11.486 0.343   1.00 29.10 ? 11  TYR A N   1 
ATOM   119  C  CA  . TYR A 1 23  ? 3.134   -10.173 0.933   1.00 27.69 ? 11  TYR A CA  1 
ATOM   120  C  C   . TYR A 1 23  ? 2.120   -9.415  0.084   1.00 26.71 ? 11  TYR A C   1 
ATOM   121  O  O   . TYR A 1 23  ? 1.174   -8.789  0.631   1.00 30.95 ? 11  TYR A O   1 
ATOM   122  C  CB  . TYR A 1 23  ? 4.378   -9.318  1.097   1.00 28.14 ? 11  TYR A CB  1 
ATOM   123  C  CG  . TYR A 1 23  ? 5.265   -9.647  2.302   1.00 30.25 ? 11  TYR A CG  1 
ATOM   124  C  CD1 . TYR A 1 23  ? 4.818   -10.434 3.369   1.00 31.16 ? 11  TYR A CD1 1 
ATOM   125  C  CD2 . TYR A 1 23  ? 6.551   -9.113  2.384   1.00 32.90 ? 11  TYR A CD2 1 
ATOM   126  C  CE1 . TYR A 1 23  ? 5.646   -10.678 4.461   1.00 29.80 ? 11  TYR A CE1 1 
ATOM   127  C  CE2 . TYR A 1 23  ? 7.352   -9.343  3.469   1.00 35.99 ? 11  TYR A CE2 1 
ATOM   128  C  CZ  . TYR A 1 23  ? 6.892   -10.120 4.507   1.00 31.31 ? 11  TYR A CZ  1 
ATOM   129  O  OH  . TYR A 1 23  ? 7.723   -10.321 5.575   1.00 32.14 ? 11  TYR A OH  1 
ATOM   130  N  N   . ILE A 1 24  ? 2.277   -9.498  -1.239  1.00 28.61 ? 12  ILE A N   1 
ATOM   131  C  CA  . ILE A 1 24  ? 1.360   -8.793  -2.141  1.00 29.63 ? 12  ILE A CA  1 
ATOM   132  C  C   . ILE A 1 24  ? -0.046  -9.390  -2.051  1.00 30.21 ? 12  ILE A C   1 
ATOM   133  O  O   . ILE A 1 24  ? -1.011  -8.633  -2.027  1.00 29.01 ? 12  ILE A O   1 
ATOM   134  C  CB  . ILE A 1 24  ? 1.883   -8.764  -3.599  1.00 27.06 ? 12  ILE A CB  1 
ATOM   135  C  CG1 . ILE A 1 24  ? 3.194   -7.960  -3.664  1.00 28.51 ? 12  ILE A CG1 1 
ATOM   136  C  CG2 . ILE A 1 24  ? 0.833   -8.078  -4.548  1.00 27.02 ? 12  ILE A CG2 1 
ATOM   137  C  CD1 . ILE A 1 24  ? 4.013   -8.142  -4.936  1.00 29.92 ? 12  ILE A CD1 1 
ATOM   138  N  N   . LYS A 1 25  ? -0.133  -10.722 -1.989  1.00 29.81 ? 13  LYS A N   1 
ATOM   139  C  CA  . LYS A 1 25  ? -1.434  -11.410 -1.741  1.00 30.91 ? 13  LYS A CA  1 
ATOM   140  C  C   . LYS A 1 25  ? -2.088  -10.955 -0.448  1.00 29.80 ? 13  LYS A C   1 
ATOM   141  O  O   . LYS A 1 25  ? -3.321  -10.735 -0.386  1.00 27.79 ? 13  LYS A O   1 
ATOM   142  C  CB  . LYS A 1 25  ? -1.279  -12.939 -1.751  1.00 32.83 ? 13  LYS A CB  1 
ATOM   143  C  CG  . LYS A 1 25  ? -0.997  -13.479 -3.130  1.00 39.56 ? 13  LYS A CG  1 
ATOM   144  C  CD  . LYS A 1 25  ? -1.545  -14.885 -3.404  1.00 46.03 ? 13  LYS A CD  1 
ATOM   145  C  CE  . LYS A 1 25  ? -1.398  -15.265 -4.898  1.00 46.50 ? 13  LYS A CE  1 
ATOM   146  N  NZ  . LYS A 1 25  ? -0.019  -15.731 -5.247  1.00 53.30 ? 13  LYS A NZ  1 
ATOM   147  N  N   . GLN A 1 26  ? -1.288  -10.838 0.616   1.00 28.96 ? 14  GLN A N   1 
ATOM   148  C  CA  . GLN A 1 26  ? -1.817  -10.388 1.903   1.00 30.02 ? 14  GLN A CA  1 
ATOM   149  C  C   . GLN A 1 26  ? -2.377  -8.964  1.826   1.00 25.16 ? 14  GLN A C   1 
ATOM   150  O  O   . GLN A 1 26  ? -3.432  -8.673  2.374   1.00 28.15 ? 14  GLN A O   1 
ATOM   151  C  CB  . GLN A 1 26  ? -0.763  -10.479 3.009   1.00 30.84 ? 14  GLN A CB  1 
ATOM   152  C  CG  . GLN A 1 26  ? -0.346  -11.910 3.350   1.00 35.81 ? 14  GLN A CG  1 
ATOM   153  C  CD  . GLN A 1 26  ? 0.934   -12.004 4.174   1.00 35.61 ? 14  GLN A CD  1 
ATOM   154  O  OE1 . GLN A 1 26  ? 1.780   -12.870 3.943   1.00 46.03 ? 14  GLN A OE1 1 
ATOM   155  N  NE2 . GLN A 1 26  ? 1.044   -11.154 5.182   1.00 34.20 ? 14  GLN A NE2 1 
ATOM   156  N  N   . ILE A 1 27  ? -1.639  -8.102  1.175   1.00 27.61 ? 15  ILE A N   1 
ATOM   157  C  CA  . ILE A 1 27  ? -2.063  -6.731  0.963   1.00 27.61 ? 15  ILE A CA  1 
ATOM   158  C  C   . ILE A 1 27  ? -3.353  -6.663  0.136   1.00 29.47 ? 15  ILE A C   1 
ATOM   159  O  O   . ILE A 1 27  ? -4.267  -5.940  0.469   1.00 28.42 ? 15  ILE A O   1 
ATOM   160  C  CB  . ILE A 1 27  ? -0.968  -5.912  0.302   1.00 31.80 ? 15  ILE A CB  1 
ATOM   161  C  CG1 . ILE A 1 27  ? 0.204   -5.755  1.267   1.00 25.97 ? 15  ILE A CG1 1 
ATOM   162  C  CG2 . ILE A 1 27  ? -1.503  -4.596  -0.108  1.00 30.71 ? 15  ILE A CG2 1 
ATOM   163  C  CD1 . ILE A 1 27  ? 1.434   -5.075  0.645   1.00 29.02 ? 15  ILE A CD1 1 
ATOM   164  N  N   . ALA A 1 28  ? -3.409  -7.439  -0.929  1.00 27.81 ? 16  ALA A N   1 
ATOM   165  C  CA  . ALA A 1 28  ? -4.608  -7.514  -1.769  1.00 30.17 ? 16  ALA A CA  1 
ATOM   166  C  C   . ALA A 1 28  ? -5.828  -7.911  -0.957  1.00 28.05 ? 16  ALA A C   1 
ATOM   167  O  O   . ALA A 1 28  ? -6.904  -7.330  -1.081  1.00 29.19 ? 16  ALA A O   1 
ATOM   168  C  CB  . ALA A 1 28  ? -4.381  -8.522  -2.899  1.00 28.48 ? 16  ALA A CB  1 
ATOM   169  N  N   A ASN A 1 29  ? -5.662  -8.924  -0.124  0.50 28.36 ? 17  ASN A N   1 
ATOM   170  N  N   B ASN A 1 29  ? -5.659  -8.958  -0.153  0.50 28.76 ? 17  ASN A N   1 
ATOM   171  C  CA  A ASN A 1 29  ? -6.767  -9.418  0.678   0.50 28.69 ? 17  ASN A CA  1 
ATOM   172  C  CA  B ASN A 1 29  ? -6.727  -9.453  0.721   0.50 29.25 ? 17  ASN A CA  1 
ATOM   173  C  C   A ASN A 1 29  ? -7.230  -8.372  1.693   0.50 28.82 ? 17  ASN A C   1 
ATOM   174  C  C   B ASN A 1 29  ? -7.216  -8.354  1.656   0.50 29.10 ? 17  ASN A C   1 
ATOM   175  O  O   A ASN A 1 29  ? -8.426  -8.167  1.884   0.50 29.03 ? 17  ASN A O   1 
ATOM   176  O  O   B ASN A 1 29  ? -8.410  -8.093  1.746   0.50 29.37 ? 17  ASN A O   1 
ATOM   177  C  CB  A ASN A 1 29  ? -6.356  -10.718 1.360   0.50 28.37 ? 17  ASN A CB  1 
ATOM   178  C  CB  B ASN A 1 29  ? -6.239  -10.653 1.543   0.50 29.19 ? 17  ASN A CB  1 
ATOM   179  C  CG  A ASN A 1 29  ? -7.423  -11.253 2.273   0.50 27.17 ? 17  ASN A CG  1 
ATOM   180  C  CG  B ASN A 1 29  ? -6.486  -11.991 0.854   0.50 30.41 ? 17  ASN A CG  1 
ATOM   181  O  OD1 A ASN A 1 29  ? -7.523  -10.836 3.423   0.50 40.34 ? 17  ASN A OD1 1 
ATOM   182  O  OD1 B ASN A 1 29  ? -7.541  -12.596 1.015   0.50 34.23 ? 17  ASN A OD1 1 
ATOM   183  N  ND2 A ASN A 1 29  ? -8.207  -12.189 1.788   0.50 28.31 ? 17  ASN A ND2 1 
ATOM   184  N  ND2 B ASN A 1 29  ? -5.501  -12.458 0.088   0.50 36.43 ? 17  ASN A ND2 1 
ATOM   185  N  N   . ILE A 1 30  ? -6.282  -7.694  2.343   1.00 29.08 ? 18  ILE A N   1 
ATOM   186  C  CA  . ILE A 1 30  ? -6.642  -6.651  3.316   1.00 28.83 ? 18  ILE A CA  1 
ATOM   187  C  C   . ILE A 1 30  ? -7.343  -5.489  2.617   1.00 27.99 ? 18  ILE A C   1 
ATOM   188  O  O   . ILE A 1 30  ? -8.359  -4.978  3.109   1.00 29.41 ? 18  ILE A O   1 
ATOM   189  C  CB  . ILE A 1 30  ? -5.392  -6.161  4.119   1.00 30.51 ? 18  ILE A CB  1 
ATOM   190  C  CG1 . ILE A 1 30  ? -4.922  -7.272  5.074   1.00 32.84 ? 18  ILE A CG1 1 
ATOM   191  C  CG2 . ILE A 1 30  ? -5.710  -4.855  4.882   1.00 33.62 ? 18  ILE A CG2 1 
ATOM   192  C  CD1 . ILE A 1 30  ? -3.448  -7.119  5.581   1.00 36.84 ? 18  ILE A CD1 1 
ATOM   193  N  N   . HIS A 1 31  ? -6.817  -5.072  1.479   1.00 28.33 ? 19  HIS A N   1 
ATOM   194  C  CA  . HIS A 1 31  ? -7.370  -3.937  0.706   1.00 30.65 ? 19  HIS A CA  1 
ATOM   195  C  C   . HIS A 1 31  ? -8.835  -4.201  0.318   1.00 29.02 ? 19  HIS A C   1 
ATOM   196  O  O   . HIS A 1 31  ? -9.743  -3.391  0.616   1.00 28.46 ? 19  HIS A O   1 
ATOM   197  C  CB  . HIS A 1 31  ? -6.531  -3.757  -0.544  1.00 28.74 ? 19  HIS A CB  1 
ATOM   198  C  CG  . HIS A 1 31  ? -6.806  -2.491  -1.310  1.00 34.06 ? 19  HIS A CG  1 
ATOM   199  N  ND1 . HIS A 1 31  ? -7.523  -1.429  -0.801  1.00 50.06 ? 19  HIS A ND1 1 
ATOM   200  C  CD2 . HIS A 1 31  ? -6.380  -2.087  -2.523  1.00 46.36 ? 19  HIS A CD2 1 
ATOM   201  C  CE1 . HIS A 1 31  ? -7.569  -0.451  -1.689  1.00 36.73 ? 19  HIS A CE1 1 
ATOM   202  N  NE2 . HIS A 1 31  ? -6.894  -0.830  -2.748  1.00 48.63 ? 19  HIS A NE2 1 
ATOM   203  N  N   . GLU A 1 32  ? -9.072  -5.368  -0.264  1.00 28.51 ? 20  GLU A N   1 
ATOM   204  C  CA  . GLU A 1 32  ? -10.443 -5.737  -0.674  1.00 27.79 ? 20  GLU A CA  1 
ATOM   205  C  C   . GLU A 1 32  ? -11.389 -5.880  0.515   1.00 26.82 ? 20  GLU A C   1 
ATOM   206  O  O   . GLU A 1 32  ? -12.567 -5.491  0.461   1.00 28.69 ? 20  GLU A O   1 
ATOM   207  C  CB  . GLU A 1 32  ? -10.381 -6.993  -1.535  1.00 28.64 ? 20  GLU A CB  1 
ATOM   208  C  CG  . GLU A 1 32  ? -9.773  -6.735  -2.894  1.00 30.47 ? 20  GLU A CG  1 
ATOM   209  C  CD  . GLU A 1 32  ? -10.637 -5.860  -3.768  1.00 29.05 ? 20  GLU A CD  1 
ATOM   210  O  OE1 . GLU A 1 32  ? -11.873 -6.127  -3.859  1.00 28.74 ? 20  GLU A OE1 1 
ATOM   211  O  OE2 . GLU A 1 32  ? -10.085 -4.930  -4.377  1.00 29.62 ? 20  GLU A OE2 1 
ATOM   212  N  N   . THR A 1 33  ? -10.892 -6.469  1.595   1.00 28.73 ? 21  THR A N   1 
ATOM   213  C  CA  . THR A 1 33  ? -11.673 -6.571  2.813   1.00 27.85 ? 21  THR A CA  1 
ATOM   214  C  C   . THR A 1 33  ? -12.110 -5.214  3.343   1.00 26.87 ? 21  THR A C   1 
ATOM   215  O  O   . THR A 1 33  ? -13.275 -5.012  3.693   1.00 27.81 ? 21  THR A O   1 
ATOM   216  C  CB  . THR A 1 33  ? -10.885 -7.380  3.863   1.00 28.71 ? 21  THR A CB  1 
ATOM   217  O  OG1 . THR A 1 33  ? -10.655 -8.697  3.353   1.00 29.26 ? 21  THR A OG1 1 
ATOM   218  C  CG2 . THR A 1 33  ? -11.593 -7.466  5.179   1.00 34.16 ? 21  THR A CG2 1 
ATOM   219  N  N   . LEU A 1 34  ? -11.161 -4.293  3.454   1.00 27.93 ? 22  LEU A N   1 
ATOM   220  C  CA  . LEU A 1 34  ? -11.475 -2.961  3.967   1.00 28.50 ? 22  LEU A CA  1 
ATOM   221  C  C   . LEU A 1 34  ? -12.486 -2.232  3.106   1.00 27.35 ? 22  LEU A C   1 
ATOM   222  O  O   . LEU A 1 34  ? -13.390 -1.596  3.649   1.00 26.92 ? 22  LEU A O   1 
ATOM   223  C  CB  . LEU A 1 34  ? -10.207 -2.125  4.155   1.00 29.17 ? 22  LEU A CB  1 
ATOM   224  C  CG  . LEU A 1 34  ? -9.233  -2.679  5.205   1.00 28.60 ? 22  LEU A CG  1 
ATOM   225  C  CD1 . LEU A 1 34  ? -7.942  -1.877  5.146   1.00 34.86 ? 22  LEU A CD1 1 
ATOM   226  C  CD2 . LEU A 1 34  ? -9.777  -2.680  6.583   1.00 36.10 ? 22  LEU A CD2 1 
ATOM   227  N  N   . LEU A 1 35  ? -12.391 -2.371  1.774   1.00 27.82 ? 23  LEU A N   1 
ATOM   228  C  CA  . LEU A 1 35  ? -13.389 -1.746  0.900   1.00 28.61 ? 23  LEU A CA  1 
ATOM   229  C  C   . LEU A 1 35  ? -14.779 -2.339  1.141   1.00 27.38 ? 23  LEU A C   1 
ATOM   230  O  O   . LEU A 1 35  ? -15.786 -1.623  1.231   1.00 27.59 ? 23  LEU A O   1 
ATOM   231  C  CB  . LEU A 1 35  ? -13.039 -1.930  -0.567  1.00 27.79 ? 23  LEU A CB  1 
ATOM   232  C  CG  . LEU A 1 35  ? -11.765 -1.245  -1.032  1.00 29.91 ? 23  LEU A CG  1 
ATOM   233  C  CD1 . LEU A 1 35  ? -11.523 -1.660  -2.485  1.00 31.88 ? 23  LEU A CD1 1 
ATOM   234  C  CD2 . LEU A 1 35  ? -11.869 0.278   -0.910  1.00 33.68 ? 23  LEU A CD2 1 
ATOM   235  N  N   . SER A 1 36  ? -14.814 -3.660  1.274   1.00 28.43 ? 24  SER A N   1 
ATOM   236  C  CA  . SER A 1 36  ? -16.071 -4.382  1.471   1.00 27.43 ? 24  SER A CA  1 
ATOM   237  C  C   . SER A 1 36  ? -16.767 -3.931  2.758   1.00 28.76 ? 24  SER A C   1 
ATOM   238  O  O   . SER A 1 36  ? -18.002 -3.855  2.831   1.00 28.59 ? 24  SER A O   1 
ATOM   239  C  CB  . SER A 1 36  ? -15.759 -5.874  1.592   1.00 29.26 ? 24  SER A CB  1 
ATOM   240  O  OG  . SER A 1 36  ? -16.906 -6.626  1.330   1.00 32.28 ? 24  SER A OG  1 
ATOM   241  N  N   . GLN A 1 37  ? -15.949 -3.698  3.784   1.00 27.05 ? 25  GLN A N   1 
ATOM   242  C  CA  . GLN A 1 37  ? -16.461 -3.408  5.127   1.00 29.85 ? 25  GLN A CA  1 
ATOM   243  C  C   . GLN A 1 37  ? -17.198 -2.083  5.247   1.00 28.12 ? 25  GLN A C   1 
ATOM   244  O  O   . GLN A 1 37  ? -18.020 -1.918  6.188   1.00 28.73 ? 25  GLN A O   1 
ATOM   245  C  CB  . GLN A 1 37  ? -15.326 -3.572  6.176   1.00 32.09 ? 25  GLN A CB  1 
ATOM   246  C  CG  . GLN A 1 37  ? -15.054 -5.066  6.381   1.00 32.26 ? 25  GLN A CG  1 
ATOM   247  C  CD  . GLN A 1 37  ? -13.866 -5.458  7.257   1.00 38.30 ? 25  GLN A CD  1 
ATOM   248  O  OE1 . GLN A 1 37  ? -13.031 -4.647  7.636   1.00 40.57 ? 25  GLN A OE1 1 
ATOM   249  N  NE2 . GLN A 1 37  ? -13.809 -6.759  7.577   1.00 39.10 ? 25  GLN A NE2 1 
ATOM   250  N  N   . VAL A 1 38  ? -17.012 -1.144  4.306   1.00 28.60 ? 26  VAL A N   1 
ATOM   251  C  CA  . VAL A 1 38  ? -17.810 0.102   4.386   1.00 28.40 ? 26  VAL A CA  1 
ATOM   252  C  C   . VAL A 1 38  ? -19.224 -0.074  3.858   1.00 27.70 ? 26  VAL A C   1 
ATOM   253  O  O   . VAL A 1 38  ? -20.089 0.808   4.015   1.00 30.66 ? 26  VAL A O   1 
ATOM   254  C  CB  . VAL A 1 38  ? -17.142 1.361   3.698   1.00 31.05 ? 26  VAL A CB  1 
ATOM   255  C  CG1 . VAL A 1 38  ? -15.895 1.716   4.413   1.00 31.09 ? 26  VAL A CG1 1 
ATOM   256  C  CG2 . VAL A 1 38  ? -16.901 1.154   2.221   1.00 32.22 ? 26  VAL A CG2 1 
ATOM   257  N  N   . GLU A 1 39  ? -19.470 -1.220  3.223   1.00 30.21 ? 27  GLU A N   1 
ATOM   258  C  CA  . GLU A 1 39  ? -20.805 -1.591  2.734   1.00 31.02 ? 27  GLU A CA  1 
ATOM   259  C  C   . GLU A 1 39  ? -21.444 -0.583  1.760   1.00 28.64 ? 27  GLU A C   1 
ATOM   260  O  O   . GLU A 1 39  ? -22.639 -0.315  1.847   1.00 26.86 ? 27  GLU A O   1 
ATOM   261  C  CB  . GLU A 1 39  ? -21.728 -1.894  3.916   1.00 32.06 ? 27  GLU A CB  1 
ATOM   262  C  CG  . GLU A 1 39  ? -21.069 -2.880  4.853   1.00 34.62 ? 27  GLU A CG  1 
ATOM   263  C  CD  . GLU A 1 39  ? -21.920 -3.311  6.032   1.00 39.63 ? 27  GLU A CD  1 
ATOM   264  O  OE1 . GLU A 1 39  ? -22.770 -2.533  6.539   1.00 40.19 ? 27  GLU A OE1 1 
ATOM   265  O  OE2 . GLU A 1 39  ? -21.707 -4.461  6.465   1.00 52.77 ? 27  GLU A OE2 1 
ATOM   266  N  N   . SER A 1 40  ? -20.650 -0.067  0.817   1.00 27.61 ? 28  SER A N   1 
ATOM   267  C  CA  . SER A 1 40  ? -21.138 0.854   -0.237  1.00 26.00 ? 28  SER A CA  1 
ATOM   268  C  C   . SER A 1 40  ? -21.261 0.146   -1.590  1.00 28.22 ? 28  SER A C   1 
ATOM   269  O  O   . SER A 1 40  ? -20.485 0.435   -2.523  1.00 28.68 ? 28  SER A O   1 
ATOM   270  C  CB  . SER A 1 40  ? -20.184 2.052   -0.416  1.00 25.16 ? 28  SER A CB  1 
ATOM   271  O  OG  . SER A 1 40  ? -20.655 2.948   -1.432  1.00 26.48 ? 28  SER A OG  1 
ATOM   272  N  N   . ASN A 1 41  ? -22.218 -0.771  -1.689  1.00 29.14 ? 29  ASN A N   1 
ATOM   273  C  CA  . ASN A 1 41  ? -22.517 -1.480  -2.939  1.00 29.28 ? 29  ASN A CA  1 
ATOM   274  C  C   . ASN A 1 41  ? -21.241 -2.056  -3.536  1.00 30.06 ? 29  ASN A C   1 
ATOM   275  O  O   . ASN A 1 41  ? -20.976 -1.912  -4.739  1.00 32.39 ? 29  ASN A O   1 
ATOM   276  C  CB  . ASN A 1 41  ? -23.251 -0.578  -3.959  1.00 30.42 ? 29  ASN A CB  1 
ATOM   277  N  N   . TYR A 1 42  ? -20.414 -2.618  -2.659  1.00 28.19 ? 30  TYR A N   1 
ATOM   278  C  CA  . TYR A 1 42  ? -19.137 -3.231  -3.044  1.00 26.98 ? 30  TYR A CA  1 
ATOM   279  C  C   . TYR A 1 42  ? -18.790 -4.340  -2.051  1.00 29.03 ? 30  TYR A C   1 
ATOM   280  O  O   . TYR A 1 42  ? -18.737 -4.121  -0.837  1.00 29.39 ? 30  TYR A O   1 
ATOM   281  C  CB  . TYR A 1 42  ? -17.979 -2.207  -3.126  1.00 28.72 ? 30  TYR A CB  1 
ATOM   282  C  CG  . TYR A 1 42  ? -16.715 -2.832  -3.705  1.00 23.82 ? 30  TYR A CG  1 
ATOM   283  C  CD1 . TYR A 1 42  ? -16.522 -2.862  -5.082  1.00 30.09 ? 30  TYR A CD1 1 
ATOM   284  C  CD2 . TYR A 1 42  ? -15.793 -3.481  -2.894  1.00 29.76 ? 30  TYR A CD2 1 
ATOM   285  C  CE1 . TYR A 1 42  ? -15.410 -3.468  -5.636  1.00 31.55 ? 30  TYR A CE1 1 
ATOM   286  C  CE2 . TYR A 1 42  ? -14.656 -4.108  -3.445  1.00 27.26 ? 30  TYR A CE2 1 
ATOM   287  C  CZ  . TYR A 1 42  ? -14.496 -4.123  -4.808  1.00 27.94 ? 30  TYR A CZ  1 
ATOM   288  O  OH  . TYR A 1 42  ? -13.370 -4.738  -5.374  1.00 32.02 ? 30  TYR A OH  1 
ATOM   289  N  N   . LYS A 1 43  ? -18.572 -5.545  -2.573  1.00 27.86 ? 31  LYS A N   1 
ATOM   290  C  CA  . LYS A 1 43  ? -18.261 -6.704  -1.762  1.00 29.33 ? 31  LYS A CA  1 
ATOM   291  C  C   . LYS A 1 43  ? -16.997 -7.344  -2.298  1.00 31.66 ? 31  LYS A C   1 
ATOM   292  O  O   . LYS A 1 43  ? -16.822 -7.503  -3.504  1.00 31.74 ? 31  LYS A O   1 
ATOM   293  C  CB  . LYS A 1 43  ? -19.393 -7.740  -1.811  1.00 33.38 ? 31  LYS A CB  1 
ATOM   294  C  CG  . LYS A 1 43  ? -20.623 -7.367  -1.005  1.00 42.62 ? 31  LYS A CG  1 
ATOM   295  N  N   . CYS A 1 44  ? -16.121 -7.720  -1.390  1.00 32.04 ? 32  CYS A N   1 
ATOM   296  C  CA  . CYS A 1 44  ? -14.960 -8.457  -1.792  1.00 33.36 ? 32  CYS A CA  1 
ATOM   297  C  C   . CYS A 1 44  ? -15.338 -9.912  -2.012  1.00 31.89 ? 32  CYS A C   1 
ATOM   298  O  O   . CYS A 1 44  ? -16.250 -10.425 -1.392  1.00 31.38 ? 32  CYS A O   1 
ATOM   299  C  CB  . CYS A 1 44  ? -13.865 -8.217  -0.793  1.00 34.62 ? 32  CYS A CB  1 
ATOM   300  S  SG  A CYS A 1 44  ? -12.894 -9.475  0.020   0.60 35.68 ? 32  CYS A SG  1 
ATOM   301  S  SG  B CYS A 1 44  ? -14.147 -8.952  0.741   0.40 27.41 ? 32  CYS A SG  1 
ATOM   302  N  N   . THR A 1 45  ? -14.675 -10.492 -3.004  1.00 29.92 ? 33  THR A N   1 
ATOM   303  C  CA  . THR A 1 45  ? -14.839 -11.836 -3.479  1.00 27.80 ? 33  THR A CA  1 
ATOM   304  C  C   . THR A 1 45  ? -13.477 -12.463 -3.795  1.00 27.99 ? 33  THR A C   1 
ATOM   305  O  O   . THR A 1 45  ? -12.445 -11.774 -3.871  1.00 27.20 ? 33  THR A O   1 
ATOM   306  C  CB  . THR A 1 45  ? -15.681 -11.851 -4.740  1.00 28.62 ? 33  THR A CB  1 
ATOM   307  O  OG1 . THR A 1 45  ? -15.071 -11.026 -5.742  1.00 26.76 ? 33  THR A OG1 1 
ATOM   308  C  CG2 . THR A 1 45  ? -17.105 -11.354 -4.417  1.00 26.22 ? 33  THR A CG2 1 
ATOM   309  N  N   . LYS A 1 46  ? -13.463 -13.779 -3.946  1.00 27.03 ? 34  LYS A N   1 
ATOM   310  C  CA  . LYS A 1 46  ? -12.214 -14.444 -4.319  1.00 26.01 ? 34  LYS A CA  1 
ATOM   311  C  C   . LYS A 1 46  ? -11.658 -13.865 -5.635  1.00 26.98 ? 34  LYS A C   1 
ATOM   312  O  O   . LYS A 1 46  ? -10.457 -13.601 -5.777  1.00 27.95 ? 34  LYS A O   1 
ATOM   313  C  CB  . LYS A 1 46  ? -12.438 -15.954 -4.438  1.00 28.64 ? 34  LYS A CB  1 
ATOM   314  C  CG  . LYS A 1 46  ? -11.322 -16.709 -5.147  1.00 34.75 ? 34  LYS A CG  1 
ATOM   315  N  N   . LEU A 1 47  ? -12.553 -13.629 -6.592  1.00 24.78 ? 35  LEU A N   1 
ATOM   316  C  CA  . LEU A 1 47  ? -12.164 -13.038 -7.858  1.00 25.17 ? 35  LEU A CA  1 
ATOM   317  C  C   . LEU A 1 47  ? -11.604 -11.615 -7.642  1.00 23.79 ? 35  LEU A C   1 
ATOM   318  O  O   . LEU A 1 47  ? -10.562 -11.289 -8.197  1.00 25.04 ? 35  LEU A O   1 
ATOM   319  C  CB  . LEU A 1 47  ? -13.331 -13.033 -8.843  1.00 25.20 ? 35  LEU A CB  1 
ATOM   320  C  CG  . LEU A 1 47  ? -12.945 -12.457 -10.196 1.00 23.94 ? 35  LEU A CG  1 
ATOM   321  C  CD1 . LEU A 1 47  ? -11.756 -13.206 -10.804 1.00 26.33 ? 35  LEU A CD1 1 
ATOM   322  C  CD2 . LEU A 1 47  ? -14.077 -12.421 -11.149 1.00 25.70 ? 35  LEU A CD2 1 
ATOM   323  N  N   . SER A 1 48  ? -12.278 -10.774 -6.849  1.00 23.95 ? 36  SER A N   1 
ATOM   324  C  CA  . SER A 1 48  ? -11.807 -9.391  -6.646  1.00 23.26 ? 36  SER A CA  1 
ATOM   325  C  C   . SER A 1 48  ? -10.445 -9.400  -6.005  1.00 24.48 ? 36  SER A C   1 
ATOM   326  O  O   . SER A 1 48  ? -9.620  -8.588  -6.345  1.00 26.80 ? 36  SER A O   1 
ATOM   327  C  CB  . SER A 1 48  ? -12.802 -8.503  -5.846  1.00 24.30 ? 36  SER A CB  1 
ATOM   328  O  OG  . SER A 1 48  ? -12.818 -8.722  -4.448  1.00 27.46 ? 36  SER A OG  1 
ATOM   329  N  N   . ILE A 1 49  ? -10.203 -10.361 -5.110  1.00 23.24 ? 37  ILE A N   1 
ATOM   330  C  CA  . ILE A 1 49  ? -8.907  -10.430 -4.411  1.00 24.65 ? 37  ILE A CA  1 
ATOM   331  C  C   . ILE A 1 49  ? -7.814  -10.868 -5.410  1.00 27.62 ? 37  ILE A C   1 
ATOM   332  O  O   . ILE A 1 49  ? -6.688  -10.305 -5.406  1.00 27.77 ? 37  ILE A O   1 
ATOM   333  C  CB  . ILE A 1 49  ? -8.999  -11.346 -3.195  1.00 28.26 ? 37  ILE A CB  1 
ATOM   334  C  CG1 . ILE A 1 49  ? -9.844  -10.659 -2.110  1.00 30.95 ? 37  ILE A CG1 1 
ATOM   335  C  CG2 . ILE A 1 49  ? -7.597  -11.691 -2.687  1.00 28.38 ? 37  ILE A CG2 1 
ATOM   336  C  CD1 . ILE A 1 49  ? -10.298 -11.579 -1.016  1.00 34.96 ? 37  ILE A CD1 1 
ATOM   337  N  N   . ALA A 1 50  ? -8.132  -11.847 -6.267  1.00 26.67 ? 38  ALA A N   1 
ATOM   338  C  CA  . ALA A 1 50  ? -7.177  -12.323 -7.299  1.00 27.24 ? 38  ALA A CA  1 
ATOM   339  C  C   . ALA A 1 50  ? -6.805  -11.180 -8.265  1.00 28.46 ? 38  ALA A C   1 
ATOM   340  O  O   . ALA A 1 50  ? -5.625  -11.010 -8.650  1.00 30.47 ? 38  ALA A O   1 
ATOM   341  C  CB  . ALA A 1 50  ? -7.759  -13.474 -8.074  1.00 27.71 ? 38  ALA A CB  1 
ATOM   342  N  N   . LEU A 1 51  ? -7.810  -10.414 -8.671  1.00 28.07 ? 39  LEU A N   1 
ATOM   343  C  CA  . LEU A 1 51  ? -7.602  -9.291  -9.587  1.00 28.76 ? 39  LEU A CA  1 
ATOM   344  C  C   . LEU A 1 51  ? -6.806  -8.168  -8.915  1.00 28.72 ? 39  LEU A C   1 
ATOM   345  O  O   . LEU A 1 51  ? -5.944  -7.541  -9.555  1.00 29.87 ? 39  LEU A O   1 
ATOM   346  C  CB  . LEU A 1 51  ? -8.943  -8.749  -10.041 1.00 27.34 ? 39  LEU A CB  1 
ATOM   347  C  CG  . LEU A 1 51  ? -9.668  -9.738  -10.976 1.00 30.67 ? 39  LEU A CG  1 
ATOM   348  C  CD1 . LEU A 1 51  ? -11.048 -9.146  -11.260 1.00 35.44 ? 39  LEU A CD1 1 
ATOM   349  C  CD2 . LEU A 1 51  ? -8.929  -10.165 -12.300 1.00 30.44 ? 39  LEU A CD2 1 
ATOM   350  N  N   . ARG A 1 52  ? -7.110  -7.905  -7.638  1.00 25.70 ? 40  ARG A N   1 
ATOM   351  C  CA  . ARG A 1 52  ? -6.336  -6.930  -6.870  1.00 27.58 ? 40  ARG A CA  1 
ATOM   352  C  C   . ARG A 1 52  ? -4.865  -7.337  -6.788  1.00 30.18 ? 40  ARG A C   1 
ATOM   353  O  O   . ARG A 1 52  ? -3.982  -6.492  -6.902  1.00 30.31 ? 40  ARG A O   1 
ATOM   354  C  CB  . ARG A 1 52  ? -6.891  -6.778  -5.466  1.00 26.82 ? 40  ARG A CB  1 
ATOM   355  C  CG  . ARG A 1 52  ? -6.173  -5.706  -4.618  1.00 30.63 ? 40  ARG A CG  1 
ATOM   356  C  CD  . ARG A 1 52  ? -6.317  -4.374  -5.266  1.00 29.50 ? 40  ARG A CD  1 
ATOM   357  N  NE  . ARG A 1 52  ? -7.677  -3.852  -5.223  1.00 30.57 ? 40  ARG A NE  1 
ATOM   358  C  CZ  . ARG A 1 52  ? -8.025  -2.607  -5.492  1.00 38.51 ? 40  ARG A CZ  1 
ATOM   359  N  NH1 . ARG A 1 52  ? -7.132  -1.727  -5.919  1.00 36.98 ? 40  ARG A NH1 1 
ATOM   360  N  NH2 . ARG A 1 52  ? -9.290  -2.236  -5.350  1.00 36.38 ? 40  ARG A NH2 1 
ATOM   361  N  N   . TYR A 1 53  ? -4.586  -8.620  -6.566  1.00 28.59 ? 41  TYR A N   1 
ATOM   362  C  CA  . TYR A 1 53  ? -3.217  -9.114  -6.556  1.00 30.25 ? 41  TYR A CA  1 
ATOM   363  C  C   . TYR A 1 53  ? -2.497  -8.775  -7.874  1.00 29.81 ? 41  TYR A C   1 
ATOM   364  O  O   . TYR A 1 53  ? -1.368  -8.232  -7.860  1.00 30.45 ? 41  TYR A O   1 
ATOM   365  C  CB  . TYR A 1 53  ? -3.196  -10.631 -6.329  1.00 31.34 ? 41  TYR A CB  1 
ATOM   366  C  CG  . TYR A 1 53  ? -1.845  -11.244 -6.551  1.00 30.17 ? 41  TYR A CG  1 
ATOM   367  C  CD1 . TYR A 1 53  ? -0.885  -11.200 -5.559  1.00 31.86 ? 41  TYR A CD1 1 
ATOM   368  C  CD2 . TYR A 1 53  ? -1.508  -11.843 -7.773  1.00 30.04 ? 41  TYR A CD2 1 
ATOM   369  C  CE1 . TYR A 1 53  ? 0.376   -11.731 -5.753  1.00 34.53 ? 41  TYR A CE1 1 
ATOM   370  C  CE2 . TYR A 1 53  ? -0.269  -12.378 -7.971  1.00 36.53 ? 41  TYR A CE2 1 
ATOM   371  C  CZ  . TYR A 1 53  ? 0.667   -12.327 -6.952  1.00 36.71 ? 41  TYR A CZ  1 
ATOM   372  O  OH  . TYR A 1 53  ? 1.911   -12.838 -7.147  1.00 38.82 ? 41  TYR A OH  1 
ATOM   373  N  N   . GLU A 1 54  ? -3.110  -9.130  -9.002  1.00 28.93 ? 42  GLU A N   1 
ATOM   374  C  CA  . GLU A 1 54  ? -2.538  -8.782  -10.325 1.00 31.17 ? 42  GLU A CA  1 
ATOM   375  C  C   . GLU A 1 54  ? -2.337  -7.278  -10.521 1.00 30.56 ? 42  GLU A C   1 
ATOM   376  O  O   . GLU A 1 54  ? -1.342  -6.845  -11.098 1.00 29.65 ? 42  GLU A O   1 
ATOM   377  C  CB  . GLU A 1 54  ? -3.411  -9.266  -11.482 1.00 31.15 ? 42  GLU A CB  1 
ATOM   378  C  CG  . GLU A 1 54  ? -3.312  -10.723 -11.748 1.00 40.19 ? 42  GLU A CG  1 
ATOM   379  C  CD  . GLU A 1 54  ? -3.914  -11.110 -13.100 1.00 37.54 ? 42  GLU A CD  1 
ATOM   380  O  OE1 . GLU A 1 54  ? -3.415  -10.627 -14.149 1.00 34.19 ? 42  GLU A OE1 1 
ATOM   381  O  OE2 . GLU A 1 54  ? -4.880  -11.904 -13.082 1.00 47.98 ? 42  GLU A OE2 1 
HETATM 382  N  N   . MSE A 1 55  ? -3.291  -6.490  -10.046 1.00 29.28 ? 43  MSE A N   1 
HETATM 383  C  CA  . MSE A 1 55  ? -3.262  -5.048  -10.196 1.00 30.02 ? 43  MSE A CA  1 
HETATM 384  C  C   . MSE A 1 55  ? -2.095  -4.451  -9.413  1.00 30.16 ? 43  MSE A C   1 
HETATM 385  O  O   . MSE A 1 55  ? -1.364  -3.598  -9.926  1.00 29.86 ? 43  MSE A O   1 
HETATM 386  C  CB  . MSE A 1 55  ? -4.593  -4.476  -9.710  1.00 32.39 ? 43  MSE A CB  1 
HETATM 387  C  CG  . MSE A 1 55  ? -4.701  -2.990  -9.792  1.00 35.97 ? 43  MSE A CG  1 
HETATM 388  SE SE  . MSE A 1 55  ? -4.181  -2.235  -8.084  0.70 34.66 ? 43  MSE A SE  1 
HETATM 389  C  CE  . MSE A 1 55  ? -4.949  -0.547  -8.451  1.00 30.14 ? 43  MSE A CE  1 
ATOM   390  N  N   . ILE A 1 56  ? -1.881  -4.916  -8.189  1.00 29.11 ? 44  ILE A N   1 
ATOM   391  C  CA  . ILE A 1 56  ? -0.747  -4.443  -7.376  1.00 29.68 ? 44  ILE A CA  1 
ATOM   392  C  C   . ILE A 1 56  ? 0.578   -4.878  -7.996  1.00 29.48 ? 44  ILE A C   1 
ATOM   393  O  O   . ILE A 1 56  ? 1.563   -4.078  -8.083  1.00 28.99 ? 44  ILE A O   1 
ATOM   394  C  CB  . ILE A 1 56  ? -0.834  -4.915  -5.915  1.00 28.58 ? 44  ILE A CB  1 
ATOM   395  C  CG1 . ILE A 1 56  ? -2.068  -4.311  -5.205  1.00 29.71 ? 44  ILE A CG1 1 
ATOM   396  C  CG2 . ILE A 1 56  ? 0.466   -4.570  -5.141  1.00 32.26 ? 44  ILE A CG2 1 
ATOM   397  C  CD1 . ILE A 1 56  ? -2.367  -4.942  -3.930  1.00 33.36 ? 44  ILE A CD1 1 
ATOM   398  N  N   . CYS A 1 57  ? 0.652   -6.118  -8.476  1.00 28.04 ? 45  CYS A N   1 
ATOM   399  C  CA  . CYS A 1 57  ? 1.869   -6.535  -9.167  1.00 29.54 ? 45  CYS A CA  1 
ATOM   400  C  C   . CYS A 1 57  ? 2.158   -5.634  -10.363 1.00 29.15 ? 45  CYS A C   1 
ATOM   401  O  O   . CYS A 1 57  ? 3.312   -5.243  -10.578 1.00 30.66 ? 45  CYS A O   1 
ATOM   402  C  CB  . CYS A 1 57  ? 1.776   -7.995  -9.593  1.00 31.15 ? 45  CYS A CB  1 
ATOM   403  S  SG  . CYS A 1 57  ? 1.825   -9.174  -8.283  1.00 32.85 ? 45  CYS A SG  1 
ATOM   404  N  N   . SER A 1 58  ? 1.123   -5.292  -11.132 1.00 28.34 ? 46  SER A N   1 
ATOM   405  C  CA  A SER A 1 58  ? 1.262   -4.420  -12.305 0.50 29.79 ? 46  SER A CA  1 
ATOM   406  C  CA  B SER A 1 58  ? 1.289   -4.426  -12.302 0.50 29.00 ? 46  SER A CA  1 
ATOM   407  C  C   . SER A 1 58  ? 1.751   -3.027  -11.888 1.00 28.46 ? 46  SER A C   1 
ATOM   408  O  O   . SER A 1 58  ? 2.629   -2.453  -12.515 1.00 30.06 ? 46  SER A O   1 
ATOM   409  C  CB  A SER A 1 58  ? -0.068  -4.314  -13.076 0.50 28.99 ? 46  SER A CB  1 
ATOM   410  C  CB  B SER A 1 58  ? -0.011  -4.309  -13.090 0.50 27.88 ? 46  SER A CB  1 
ATOM   411  O  OG  A SER A 1 58  ? -0.999  -3.407  -12.485 0.50 34.02 ? 46  SER A OG  1 
ATOM   412  O  OG  B SER A 1 58  ? 0.161   -3.418  -14.183 0.50 26.63 ? 46  SER A OG  1 
ATOM   413  N  N   . ARG A 1 59  ? 1.152   -2.480  -10.835 1.00 28.35 ? 47  ARG A N   1 
ATOM   414  C  CA  . ARG A 1 59  ? 1.581   -1.159  -10.322 1.00 27.00 ? 47  ARG A CA  1 
ATOM   415  C  C   . ARG A 1 59  ? 3.082   -1.201  -9.949  1.00 29.19 ? 47  ARG A C   1 
ATOM   416  O  O   . ARG A 1 59  ? 3.838   -0.259  -10.216 1.00 29.43 ? 47  ARG A O   1 
ATOM   417  C  CB  . ARG A 1 59  ? 0.741   -0.719  -9.112  1.00 27.37 ? 47  ARG A CB  1 
ATOM   418  C  CG  . ARG A 1 59  ? -0.685  -0.250  -9.397  1.00 32.03 ? 47  ARG A CG  1 
ATOM   419  C  CD  . ARG A 1 59  ? -0.752  0.975   -10.273 1.00 31.51 ? 47  ARG A CD  1 
ATOM   420  N  NE  . ARG A 1 59  ? -2.128  1.455   -10.403 1.00 31.38 ? 47  ARG A NE  1 
ATOM   421  C  CZ  . ARG A 1 59  ? -2.776  2.170   -9.491  1.00 32.23 ? 47  ARG A CZ  1 
ATOM   422  N  NH1 . ARG A 1 59  ? -2.207  2.556   -8.352  1.00 32.89 ? 47  ARG A NH1 1 
ATOM   423  N  NH2 . ARG A 1 59  ? -4.032  2.494   -9.721  1.00 35.03 ? 47  ARG A NH2 1 
ATOM   424  N  N   . LEU A 1 60  ? 3.506   -2.290  -9.324  1.00 27.80 ? 48  LEU A N   1 
ATOM   425  C  CA  . LEU A 1 60  ? 4.890   -2.386  -8.835  1.00 29.81 ? 48  LEU A CA  1 
ATOM   426  C  C   . LEU A 1 60  ? 5.887   -2.621  -9.950  1.00 29.70 ? 48  LEU A C   1 
ATOM   427  O  O   . LEU A 1 60  ? 7.106   -2.488  -9.747  1.00 34.89 ? 48  LEU A O   1 
ATOM   428  C  CB  . LEU A 1 60  ? 5.003   -3.483  -7.769  1.00 30.06 ? 48  LEU A CB  1 
ATOM   429  C  CG  . LEU A 1 60  ? 4.359   -3.262  -6.419  1.00 32.46 ? 48  LEU A CG  1 
ATOM   430  C  CD1 . LEU A 1 60  ? 4.539   -4.484  -5.570  1.00 35.52 ? 48  LEU A CD1 1 
ATOM   431  C  CD2 . LEU A 1 60  ? 4.914   -1.998  -5.748  1.00 38.08 ? 48  LEU A CD2 1 
ATOM   432  N  N   . GLU A 1 61  ? 5.400   -2.932  -11.146 1.00 29.32 ? 49  GLU A N   1 
ATOM   433  C  CA  . GLU A 1 61  ? 6.267   -3.095  -12.306 1.00 33.22 ? 49  GLU A CA  1 
ATOM   434  C  C   . GLU A 1 61  ? 6.607   -1.788  -12.988 1.00 39.37 ? 49  GLU A C   1 
ATOM   435  O  O   . GLU A 1 61  ? 7.579   -1.719  -13.739 1.00 39.97 ? 49  GLU A O   1 
ATOM   436  C  CB  . GLU A 1 61  ? 5.616   -3.967  -13.320 1.00 35.80 ? 49  GLU A CB  1 
ATOM   437  C  CG  . GLU A 1 61  ? 5.789   -5.418  -13.024 1.00 42.44 ? 49  GLU A CG  1 
ATOM   438  C  CD  . GLU A 1 61  ? 5.142   -6.259  -14.074 1.00 50.96 ? 49  GLU A CD  1 
ATOM   439  O  OE1 . GLU A 1 61  ? 5.024   -5.755  -15.209 1.00 57.40 ? 49  GLU A OE1 1 
ATOM   440  O  OE2 . GLU A 1 61  ? 4.747   -7.395  -13.750 1.00 66.00 ? 49  GLU A OE2 1 
ATOM   441  N  N   . HIS A 1 62  ? 5.776   -0.774  -12.782 1.00 41.10 ? 50  HIS A N   1 
ATOM   442  C  CA  . HIS A 1 62  ? 5.978   0.506   -13.452 1.00 41.10 ? 50  HIS A CA  1 
ATOM   443  C  C   . HIS A 1 62  ? 6.659   1.393   -12.460 1.00 38.28 ? 50  HIS A C   1 
ATOM   444  O  O   . HIS A 1 62  ? 7.255   0.889   -11.540 1.00 42.73 ? 50  HIS A O   1 
ATOM   445  C  CB  . HIS A 1 62  ? 4.662   1.039   -13.952 1.00 42.44 ? 50  HIS A CB  1 
ATOM   446  C  CG  . HIS A 1 62  ? 4.045   0.174   -14.996 1.00 40.51 ? 50  HIS A CG  1 
ATOM   447  N  ND1 . HIS A 1 62  ? 4.628   -0.013  -16.229 1.00 49.93 ? 50  HIS A ND1 1 
ATOM   448  C  CD2 . HIS A 1 62  ? 2.901   -0.554  -15.000 1.00 43.92 ? 50  HIS A CD2 1 
ATOM   449  C  CE1 . HIS A 1 62  ? 3.860   -0.800  -16.956 1.00 49.16 ? 50  HIS A CE1 1 
ATOM   450  N  NE2 . HIS A 1 62  ? 2.804   -1.143  -16.238 1.00 54.53 ? 50  HIS A NE2 1 
ATOM   451  N  N   . THR A 1 63  ? 6.610   2.716   -12.609 1.00 38.34 ? 51  THR A N   1 
ATOM   452  C  CA  . THR A 1 63  ? 7.400   3.577   -11.747 1.00 33.24 ? 51  THR A CA  1 
ATOM   453  C  C   . THR A 1 63  ? 6.552   4.579   -10.890 1.00 32.22 ? 51  THR A C   1 
ATOM   454  O  O   . THR A 1 63  ? 7.060   5.340   -10.089 1.00 33.85 ? 51  THR A O   1 
ATOM   455  C  CB  . THR A 1 63  ? 8.473   4.378   -12.584 1.00 38.32 ? 51  THR A CB  1 
ATOM   456  O  OG1 . THR A 1 63  ? 9.464   4.846   -11.677 1.00 39.11 ? 51  THR A OG1 1 
ATOM   457  C  CG2 . THR A 1 63  ? 7.830   5.506   -13.334 1.00 40.25 ? 51  THR A CG2 1 
ATOM   458  N  N   . ASN A 1 64  ? 5.239   4.505   -11.013 1.00 27.60 ? 52  ASN A N   1 
ATOM   459  C  CA  . ASN A 1 64  ? 4.382   5.471   -10.352 1.00 27.00 ? 52  ASN A CA  1 
ATOM   460  C  C   . ASN A 1 64  ? 3.906   5.093   -8.983  1.00 25.96 ? 52  ASN A C   1 
ATOM   461  O  O   . ASN A 1 64  ? 3.189   5.860   -8.362  1.00 26.16 ? 52  ASN A O   1 
ATOM   462  C  CB  . ASN A 1 64  ? 3.154   5.748   -11.214 1.00 26.96 ? 52  ASN A CB  1 
ATOM   463  C  CG  . ASN A 1 64  ? 3.489   6.516   -12.478 1.00 29.23 ? 52  ASN A CG  1 
ATOM   464  O  OD1 . ASN A 1 64  ? 4.363   7.393   -12.493 1.00 33.73 ? 52  ASN A OD1 1 
ATOM   465  N  ND2 . ASN A 1 64  ? 2.816   6.169   -13.549 1.00 40.07 ? 52  ASN A ND2 1 
ATOM   466  N  N   . ASP A 1 65  ? 4.271   3.912   -8.483  1.00 24.85 ? 53  ASP A N   1 
ATOM   467  C  CA  . ASP A 1 65  ? 3.760   3.432   -7.210  1.00 27.32 ? 53  ASP A CA  1 
ATOM   468  C  C   . ASP A 1 65  ? 4.885   3.006   -6.289  1.00 28.18 ? 53  ASP A C   1 
ATOM   469  O  O   . ASP A 1 65  ? 5.990   2.607   -6.750  1.00 28.40 ? 53  ASP A O   1 
ATOM   470  C  CB  . ASP A 1 65  ? 2.791   2.250   -7.371  1.00 26.90 ? 53  ASP A CB  1 
ATOM   471  C  CG  . ASP A 1 65  ? 1.474   2.650   -8.003  1.00 28.24 ? 53  ASP A CG  1 
ATOM   472  O  OD1 . ASP A 1 65  ? 1.498   3.269   -9.114  1.00 27.30 ? 53  ASP A OD1 1 
ATOM   473  O  OD2 . ASP A 1 65  ? 0.423   2.339   -7.357  1.00 29.81 ? 53  ASP A OD2 1 
ATOM   474  N  N   . LYS A 1 66  ? 4.603   3.121   -5.006  1.00 27.41 ? 54  LYS A N   1 
ATOM   475  C  CA  . LYS A 1 66  ? 5.526   2.735   -3.972  1.00 26.04 ? 54  LYS A CA  1 
ATOM   476  C  C   . LYS A 1 66  ? 4.749   2.097   -2.833  1.00 26.24 ? 54  LYS A C   1 
ATOM   477  O  O   . LYS A 1 66  ? 3.766   2.672   -2.378  1.00 27.07 ? 54  LYS A O   1 
ATOM   478  C  CB  . LYS A 1 66  ? 6.274   3.973   -3.455  1.00 26.83 ? 54  LYS A CB  1 
ATOM   479  C  CG  . LYS A 1 66  ? 7.176   3.677   -2.239  1.00 28.87 ? 54  LYS A CG  1 
ATOM   480  C  CD  . LYS A 1 66  ? 8.384   2.825   -2.550  1.00 33.97 ? 54  LYS A CD  1 
ATOM   481  C  CE  . LYS A 1 66  ? 9.596   3.595   -3.030  1.00 32.86 ? 54  LYS A CE  1 
ATOM   482  N  NZ  . LYS A 1 66  ? 10.789  2.718   -3.284  1.00 29.10 ? 54  LYS A NZ  1 
ATOM   483  N  N   . ILE A 1 67  ? 5.218   0.952   -2.354  1.00 27.81 ? 55  ILE A N   1 
ATOM   484  C  CA  . ILE A 1 67  ? 4.698   0.347   -1.137  1.00 29.07 ? 55  ILE A CA  1 
ATOM   485  C  C   . ILE A 1 67  ? 5.874   0.204   -0.194  1.00 26.68 ? 55  ILE A C   1 
ATOM   486  O  O   . ILE A 1 67  ? 6.874   -0.430  -0.555  1.00 27.87 ? 55  ILE A O   1 
ATOM   487  C  CB  . ILE A 1 67  ? 4.025   -1.001  -1.367  1.00 28.95 ? 55  ILE A CB  1 
ATOM   488  C  CG1 . ILE A 1 67  ? 2.816   -0.800  -2.275  1.00 30.78 ? 55  ILE A CG1 1 
ATOM   489  C  CG2 . ILE A 1 67  ? 3.617   -1.630  -0.047  1.00 28.67 ? 55  ILE A CG2 1 
ATOM   490  C  CD1 . ILE A 1 67  ? 2.074   -2.060  -2.644  1.00 31.70 ? 55  ILE A CD1 1 
ATOM   491  N  N   . TYR A 1 68  ? 5.744   0.857   0.968   1.00 26.74 ? 56  TYR A N   1 
ATOM   492  C  CA  . TYR A 1 68  ? 6.636   0.641   2.067   1.00 27.11 ? 56  TYR A CA  1 
ATOM   493  C  C   . TYR A 1 68  ? 5.955   -0.312  3.029   1.00 28.38 ? 56  TYR A C   1 
ATOM   494  O  O   . TYR A 1 68  ? 4.788   -0.136  3.377   1.00 27.95 ? 56  TYR A O   1 
ATOM   495  C  CB  . TYR A 1 68  ? 7.002   1.931   2.796   1.00 28.36 ? 56  TYR A CB  1 
ATOM   496  C  CG  . TYR A 1 68  ? 7.979   2.802   2.060   1.00 25.91 ? 56  TYR A CG  1 
ATOM   497  C  CD1 . TYR A 1 68  ? 9.286   2.375   1.853   1.00 31.81 ? 56  TYR A CD1 1 
ATOM   498  C  CD2 . TYR A 1 68  ? 7.587   4.058   1.556   1.00 28.79 ? 56  TYR A CD2 1 
ATOM   499  C  CE1 . TYR A 1 68  ? 10.186  3.160   1.173   1.00 27.74 ? 56  TYR A CE1 1 
ATOM   500  C  CE2 . TYR A 1 68  ? 8.498   4.878   0.851   1.00 31.33 ? 56  TYR A CE2 1 
ATOM   501  C  CZ  . TYR A 1 68  ? 9.774   4.420   0.669   1.00 27.58 ? 56  TYR A CZ  1 
ATOM   502  O  OH  . TYR A 1 68  ? 10.719  5.143   0.004   1.00 29.35 ? 56  TYR A OH  1 
ATOM   503  N  N   . ILE A 1 69  ? 6.673   -1.351  3.418   1.00 28.74 ? 57  ILE A N   1 
ATOM   504  C  CA  . ILE A 1 69  ? 6.203   -2.234  4.457   1.00 28.60 ? 57  ILE A CA  1 
ATOM   505  C  C   . ILE A 1 69  ? 6.975   -2.063  5.763   1.00 29.86 ? 57  ILE A C   1 
ATOM   506  O  O   . ILE A 1 69  ? 8.091   -1.560  5.781   1.00 28.95 ? 57  ILE A O   1 
ATOM   507  C  CB  . ILE A 1 69  ? 6.297   -3.702  4.027   1.00 28.55 ? 57  ILE A CB  1 
ATOM   508  C  CG1 . ILE A 1 69  ? 7.750   -4.145  3.841   1.00 29.80 ? 57  ILE A CG1 1 
ATOM   509  C  CG2 . ILE A 1 69  ? 5.467   -3.915  2.771   1.00 32.89 ? 57  ILE A CG2 1 
ATOM   510  C  CD1 . ILE A 1 69  ? 7.945   -5.603  3.628   1.00 30.13 ? 57  ILE A CD1 1 
ATOM   511  N  N   . TYR A 1 70  ? 6.336   -2.464  6.867   1.00 28.73 ? 58  TYR A N   1 
ATOM   512  C  CA  . TYR A 1 70  ? 7.013   -2.666  8.116   1.00 29.39 ? 58  TYR A CA  1 
ATOM   513  C  C   . TYR A 1 70  ? 6.914   -4.178  8.403   1.00 29.14 ? 58  TYR A C   1 
ATOM   514  O  O   . TYR A 1 70  ? 5.806   -4.732  8.512   1.00 26.40 ? 58  TYR A O   1 
ATOM   515  C  CB  . TYR A 1 70  ? 6.362   -1.860  9.269   1.00 31.19 ? 58  TYR A CB  1 
ATOM   516  C  CG  . TYR A 1 70  ? 7.240   -1.783  10.511  1.00 26.81 ? 58  TYR A CG  1 
ATOM   517  C  CD1 . TYR A 1 70  ? 7.402   -2.863  11.400  1.00 25.21 ? 58  TYR A CD1 1 
ATOM   518  C  CD2 . TYR A 1 70  ? 7.955   -0.633  10.792  1.00 26.96 ? 58  TYR A CD2 1 
ATOM   519  C  CE1 . TYR A 1 70  ? 8.188   -2.759  12.488  1.00 26.46 ? 58  TYR A CE1 1 
ATOM   520  C  CE2 . TYR A 1 70  ? 8.754   -0.533  11.873  1.00 27.14 ? 58  TYR A CE2 1 
ATOM   521  C  CZ  . TYR A 1 70  ? 8.874   -1.585  12.738  1.00 27.00 ? 58  TYR A CZ  1 
ATOM   522  O  OH  . TYR A 1 70  ? 9.686   -1.487  13.795  1.00 28.72 ? 58  TYR A OH  1 
ATOM   523  N  N   . GLU A 1 71  ? 8.060   -4.836  8.467   1.00 28.26 ? 59  GLU A N   1 
ATOM   524  C  CA  . GLU A 1 71  ? 8.089   -6.272  8.680   1.00 31.70 ? 59  GLU A CA  1 
ATOM   525  C  C   . GLU A 1 71  ? 8.890   -6.656  9.914   1.00 28.10 ? 59  GLU A C   1 
ATOM   526  O  O   . GLU A 1 71  ? 9.811   -5.942  10.339  1.00 29.08 ? 59  GLU A O   1 
ATOM   527  C  CB  . GLU A 1 71  ? 8.586   -7.017  7.437   1.00 33.51 ? 59  GLU A CB  1 
ATOM   528  C  CG  . GLU A 1 71  ? 9.992   -6.867  7.181   1.00 38.23 ? 59  GLU A CG  1 
ATOM   529  C  CD  . GLU A 1 71  ? 10.547  -7.816  6.116   1.00 40.61 ? 59  GLU A CD  1 
ATOM   530  O  OE1 . GLU A 1 71  ? 9.937   -8.846  5.719   1.00 39.25 ? 59  GLU A OE1 1 
ATOM   531  O  OE2 . GLU A 1 71  ? 11.663  -7.498  5.695   1.00 37.37 ? 59  GLU A OE2 1 
ATOM   532  N  N   . ASN A 1 72  ? 8.537   -7.793  10.504  1.00 28.73 ? 60  ASN A N   1 
ATOM   533  C  CA  . ASN A 1 72  ? 9.313   -8.370  11.577  1.00 29.34 ? 60  ASN A CA  1 
ATOM   534  C  C   . ASN A 1 72  ? 9.154   -9.872  11.521  1.00 25.67 ? 60  ASN A C   1 
ATOM   535  O  O   . ASN A 1 72  ? 8.036   -10.373 11.381  1.00 27.68 ? 60  ASN A O   1 
ATOM   536  C  CB  . ASN A 1 72  ? 8.848   -7.836  12.931  1.00 30.89 ? 60  ASN A CB  1 
ATOM   537  C  CG  . ASN A 1 72  ? 9.686   -8.353  14.064  1.00 29.57 ? 60  ASN A CG  1 
ATOM   538  O  OD1 . ASN A 1 72  ? 10.919  -8.217  14.049  1.00 29.74 ? 60  ASN A OD1 1 
ATOM   539  N  ND2 . ASN A 1 72  ? 9.039   -8.989  15.047  1.00 34.62 ? 60  ASN A ND2 1 
ATOM   540  N  N   . GLU A 1 73  ? 10.278  -10.583 11.558  1.00 27.57 ? 61  GLU A N   1 
ATOM   541  C  CA  . GLU A 1 73  ? 10.263  -12.047 11.659  1.00 28.48 ? 61  GLU A CA  1 
ATOM   542  C  C   . GLU A 1 73  ? 9.419   -12.632 10.519  1.00 26.90 ? 61  GLU A C   1 
ATOM   543  O  O   . GLU A 1 73  ? 8.606   -13.533 10.704  1.00 27.36 ? 61  GLU A O   1 
ATOM   544  C  CB  . GLU A 1 73  ? 9.813   -12.478 13.078  1.00 25.89 ? 61  GLU A CB  1 
ATOM   545  C  CG  . GLU A 1 73  ? 10.775  -11.899 14.150  1.00 31.75 ? 61  GLU A CG  1 
ATOM   546  C  CD  . GLU A 1 73  ? 10.256  -11.961 15.615  1.00 35.58 ? 61  GLU A CD  1 
ATOM   547  O  OE1 . GLU A 1 73  ? 9.219   -12.611 15.863  1.00 37.54 ? 61  GLU A OE1 1 
ATOM   548  O  OE2 . GLU A 1 73  ? 10.919  -11.359 16.515  1.00 38.92 ? 61  GLU A OE2 1 
ATOM   549  N  N   . GLY A 1 74  ? 9.630   -12.092 9.322   1.00 27.72 ? 62  GLY A N   1 
ATOM   550  C  CA  . GLY A 1 74  ? 8.956   -12.577 8.128   1.00 29.03 ? 62  GLY A CA  1 
ATOM   551  C  C   . GLY A 1 74  ? 7.467   -12.354 8.077   1.00 34.19 ? 62  GLY A C   1 
ATOM   552  O  O   . GLY A 1 74  ? 6.792   -12.956 7.253   1.00 37.98 ? 62  GLY A O   1 
ATOM   553  N  N   . GLN A 1 75  ? 6.956   -11.473 8.939   1.00 33.87 ? 63  GLN A N   1 
ATOM   554  C  CA  . GLN A 1 75  ? 5.545   -11.154 8.993   1.00 34.23 ? 63  GLN A CA  1 
ATOM   555  C  C   . GLN A 1 75  ? 5.330   -9.681  8.674   1.00 30.08 ? 63  GLN A C   1 
ATOM   556  O  O   . GLN A 1 75  ? 6.133   -8.812  9.048   1.00 27.46 ? 63  GLN A O   1 
ATOM   557  C  CB  . GLN A 1 75  ? 4.954   -11.468 10.351  1.00 35.91 ? 63  GLN A CB  1 
ATOM   558  C  CG  . GLN A 1 75  ? 4.800   -12.994 10.577  1.00 43.95 ? 63  GLN A CG  1 
ATOM   559  C  CD  . GLN A 1 75  ? 4.902   -13.371 12.022  1.00 57.90 ? 63  GLN A CD  1 
ATOM   560  O  OE1 . GLN A 1 75  ? 5.921   -13.925 12.467  1.00 71.08 ? 63  GLN A OE1 1 
ATOM   561  N  NE2 . GLN A 1 75  ? 3.863   -13.053 12.783  1.00 65.53 ? 63  GLN A NE2 1 
ATOM   562  N  N   . LEU A 1 76  ? 4.247   -9.433  7.950   1.00 31.89 ? 64  LEU A N   1 
ATOM   563  C  CA  . LEU A 1 76  ? 3.859   -8.115  7.538   1.00 31.20 ? 64  LEU A CA  1 
ATOM   564  C  C   . LEU A 1 76  ? 3.083   -7.442  8.676   1.00 31.15 ? 64  LEU A C   1 
ATOM   565  O  O   . LEU A 1 76  ? 1.972   -7.824  8.993   1.00 32.38 ? 64  LEU A O   1 
ATOM   566  C  CB  . LEU A 1 76  ? 3.020   -8.248  6.269   1.00 30.21 ? 64  LEU A CB  1 
ATOM   567  C  CG  . LEU A 1 76  ? 2.709   -7.055  5.400   1.00 31.35 ? 64  LEU A CG  1 
ATOM   568  C  CD1 . LEU A 1 76  ? 3.960   -6.362  4.973   1.00 34.62 ? 64  LEU A CD1 1 
ATOM   569  C  CD2 . LEU A 1 76  ? 1.887   -7.526  4.168   1.00 33.84 ? 64  LEU A CD2 1 
ATOM   570  N  N   . ILE A 1 77  ? 3.682   -6.431  9.281   1.00 28.27 ? 65  ILE A N   1 
ATOM   571  C  CA  . ILE A 1 77  ? 3.089   -5.714  10.419  1.00 28.94 ? 65  ILE A CA  1 
ATOM   572  C  C   . ILE A 1 77  ? 2.194   -4.562  9.931   1.00 29.91 ? 65  ILE A C   1 
ATOM   573  O  O   . ILE A 1 77  ? 1.143   -4.236  10.546  1.00 28.34 ? 65  ILE A O   1 
ATOM   574  C  CB  . ILE A 1 77  ? 4.177   -5.084  11.322  1.00 26.19 ? 65  ILE A CB  1 
ATOM   575  C  CG1 . ILE A 1 77  ? 5.185   -6.159  11.797  1.00 27.99 ? 65  ILE A CG1 1 
ATOM   576  C  CG2 . ILE A 1 77  ? 3.565   -4.432  12.541  1.00 29.40 ? 65  ILE A CG2 1 
ATOM   577  C  CD1 . ILE A 1 77  ? 4.520   -7.407  12.293  1.00 29.99 ? 65  ILE A CD1 1 
ATOM   578  N  N   . ALA A 1 78  ? 2.664   -3.894  8.888   1.00 31.00 ? 66  ALA A N   1 
ATOM   579  C  CA  . ALA A 1 78  ? 2.029   -2.689  8.413   1.00 28.63 ? 66  ALA A CA  1 
ATOM   580  C  C   . ALA A 1 78  ? 2.495   -2.375  7.011   1.00 28.72 ? 66  ALA A C   1 
ATOM   581  O  O   . ALA A 1 78  ? 3.527   -2.831  6.597   1.00 28.57 ? 66  ALA A O   1 
ATOM   582  C  CB  . ALA A 1 78  ? 2.357   -1.527  9.321   1.00 28.35 ? 66  ALA A CB  1 
ATOM   583  N  N   . PHE A 1 79  ? 1.755   -1.513  6.308   1.00 27.82 ? 67  PHE A N   1 
ATOM   584  C  CA  . PHE A 1 79  ? 2.203   -1.041  4.993   1.00 27.77 ? 67  PHE A CA  1 
ATOM   585  C  C   . PHE A 1 79  ? 1.489   0.222   4.577   1.00 28.33 ? 67  PHE A C   1 
ATOM   586  O  O   . PHE A 1 79  ? 0.426   0.545   5.096   1.00 29.56 ? 67  PHE A O   1 
ATOM   587  C  CB  . PHE A 1 79  ? 2.039   -2.139  3.945   1.00 28.25 ? 67  PHE A CB  1 
ATOM   588  C  CG  . PHE A 1 79  ? 0.679   -2.716  3.907   1.00 30.62 ? 67  PHE A CG  1 
ATOM   589  C  CD1 . PHE A 1 79  ? -0.313  -2.091  3.173   1.00 34.88 ? 67  PHE A CD1 1 
ATOM   590  C  CD2 . PHE A 1 79  ? 0.381   -3.841  4.669   1.00 32.47 ? 67  PHE A CD2 1 
ATOM   591  C  CE1 . PHE A 1 79  ? -1.584  -2.628  3.193   1.00 34.95 ? 67  PHE A CE1 1 
ATOM   592  C  CE2 . PHE A 1 79  ? -0.896  -4.348  4.699   1.00 36.63 ? 67  PHE A CE2 1 
ATOM   593  C  CZ  . PHE A 1 79  ? -1.856  -3.734  3.951   1.00 32.93 ? 67  PHE A CZ  1 
ATOM   594  N  N   . ILE A 1 80  ? 2.124   0.948   3.670   1.00 27.57 ? 68  ILE A N   1 
ATOM   595  C  CA  . ILE A 1 80  ? 1.510   2.090   3.046   1.00 26.03 ? 68  ILE A CA  1 
ATOM   596  C  C   . ILE A 1 80  ? 1.797   1.965   1.542   1.00 27.01 ? 68  ILE A C   1 
ATOM   597  O  O   . ILE A 1 80  ? 2.894   1.527   1.133   1.00 28.15 ? 68  ILE A O   1 
ATOM   598  C  CB  . ILE A 1 80  ? 2.049   3.456   3.624   1.00 26.49 ? 68  ILE A CB  1 
ATOM   599  C  CG1 . ILE A 1 80  ? 1.192   4.635   3.150   1.00 28.22 ? 68  ILE A CG1 1 
ATOM   600  C  CG2 . ILE A 1 80  ? 3.460   3.714   3.222   1.00 27.73 ? 68  ILE A CG2 1 
ATOM   601  C  CD1 . ILE A 1 80  ? 1.453   5.885   3.835   1.00 28.87 ? 68  ILE A CD1 1 
ATOM   602  N  N   . TRP A 1 81  ? 0.783   2.315   0.765   1.00 29.35 ? 69  TRP A N   1 
ATOM   603  C  CA  . TRP A 1 81  ? 0.830   2.247   -0.692  1.00 27.45 ? 69  TRP A CA  1 
ATOM   604  C  C   . TRP A 1 81  ? 0.412   3.576   -1.280  1.00 28.44 ? 69  TRP A C   1 
ATOM   605  O  O   . TRP A 1 81  ? -0.719  4.098   -1.063  1.00 28.98 ? 69  TRP A O   1 
ATOM   606  C  CB  . TRP A 1 81  ? -0.098  1.119   -1.151  1.00 29.66 ? 69  TRP A CB  1 
ATOM   607  C  CG  . TRP A 1 81  ? -0.345  1.016   -2.589  1.00 29.23 ? 69  TRP A CG  1 
ATOM   608  C  CD1 . TRP A 1 81  ? 0.412   1.463   -3.631  1.00 27.40 ? 69  TRP A CD1 1 
ATOM   609  C  CD2 . TRP A 1 81  ? -1.426  0.288   -3.168  1.00 31.65 ? 69  TRP A CD2 1 
ATOM   610  N  NE1 . TRP A 1 81  ? -0.183  1.136   -4.820  1.00 27.28 ? 69  TRP A NE1 1 
ATOM   611  C  CE2 . TRP A 1 81  ? -1.295  0.377   -4.563  1.00 29.61 ? 69  TRP A CE2 1 
ATOM   612  C  CE3 . TRP A 1 81  ? -2.488  -0.440  -2.638  1.00 34.20 ? 69  TRP A CE3 1 
ATOM   613  C  CZ2 . TRP A 1 81  ? -2.215  -0.195  -5.438  1.00 29.47 ? 69  TRP A CZ2 1 
ATOM   614  C  CZ3 . TRP A 1 81  ? -3.377  -1.028  -3.521  1.00 31.80 ? 69  TRP A CZ3 1 
ATOM   615  C  CH2 . TRP A 1 81  ? -3.249  -0.878  -4.889  1.00 30.43 ? 69  TRP A CH2 1 
ATOM   616  N  N   . GLY A 1 82  ? 1.364   4.151   -2.010  1.00 26.96 ? 70  GLY A N   1 
ATOM   617  C  CA  . GLY A 1 82  ? 1.156   5.442   -2.666  1.00 25.60 ? 70  GLY A CA  1 
ATOM   618  C  C   . GLY A 1 82  ? 1.260   5.304   -4.187  1.00 25.92 ? 70  GLY A C   1 
ATOM   619  O  O   . GLY A 1 82  ? 1.988   4.449   -4.692  1.00 26.48 ? 70  GLY A O   1 
ATOM   620  N  N   . HIS A 1 83  ? 0.498   6.143   -4.877  1.00 25.65 ? 71  HIS A N   1 
ATOM   621  C  CA  . HIS A 1 83  ? 0.477   6.202   -6.337  1.00 26.50 ? 71  HIS A CA  1 
ATOM   622  C  C   . HIS A 1 83  ? 0.575   7.644   -6.774  1.00 28.93 ? 71  HIS A C   1 
ATOM   623  O  O   . HIS A 1 83  ? -0.137  8.526   -6.258  1.00 28.44 ? 71  HIS A O   1 
ATOM   624  C  CB  . HIS A 1 83  ? -0.811  5.570   -6.884  1.00 27.80 ? 71  HIS A CB  1 
ATOM   625  C  CG  . HIS A 1 83  ? -1.052  5.815   -8.345  1.00 25.73 ? 71  HIS A CG  1 
ATOM   626  N  ND1 . HIS A 1 83  ? -0.350  5.163   -9.347  1.00 24.21 ? 71  HIS A ND1 1 
ATOM   627  C  CD2 . HIS A 1 83  ? -1.882  6.681   -8.971  1.00 33.79 ? 71  HIS A CD2 1 
ATOM   628  C  CE1 . HIS A 1 83  ? -0.754  5.614   -10.518 1.00 32.44 ? 71  HIS A CE1 1 
ATOM   629  N  NE2 . HIS A 1 83  ? -1.697  6.515   -10.317 1.00 29.24 ? 71  HIS A NE2 1 
ATOM   630  N  N   . PHE A 1 84  ? 1.480   7.885   -7.727  1.00 26.98 ? 72  PHE A N   1 
ATOM   631  C  CA  . PHE A 1 84  ? 1.701   9.166   -8.263  1.00 26.47 ? 72  PHE A CA  1 
ATOM   632  C  C   . PHE A 1 84  ? 0.846   9.284   -9.505  1.00 30.96 ? 72  PHE A C   1 
ATOM   633  O  O   . PHE A 1 84  ? 0.920   8.441   -10.408 1.00 26.82 ? 72  PHE A O   1 
ATOM   634  C  CB  . PHE A 1 84  ? 3.179   9.345   -8.649  1.00 25.46 ? 72  PHE A CB  1 
ATOM   635  C  CG  . PHE A 1 84  ? 3.476   10.670  -9.304  1.00 25.94 ? 72  PHE A CG  1 
ATOM   636  C  CD1 . PHE A 1 84  ? 3.643   11.804  -8.523  1.00 27.74 ? 72  PHE A CD1 1 
ATOM   637  C  CD2 . PHE A 1 84  ? 3.606   10.780  -10.678 1.00 27.53 ? 72  PHE A CD2 1 
ATOM   638  C  CE1 . PHE A 1 84  ? 3.923   13.029  -9.097  1.00 27.69 ? 72  PHE A CE1 1 
ATOM   639  C  CE2 . PHE A 1 84  ? 3.870   12.035  -11.265 1.00 29.73 ? 72  PHE A CE2 1 
ATOM   640  C  CZ  . PHE A 1 84  ? 4.038   13.156  -10.466 1.00 26.18 ? 72  PHE A CZ  1 
ATOM   641  N  N   . SER A 1 85  ? 0.038   10.340  -9.541  1.00 30.02 ? 73  SER A N   1 
ATOM   642  C  CA  . SER A 1 85  ? -0.766  10.671  -10.721 1.00 32.88 ? 73  SER A CA  1 
ATOM   643  C  C   . SER A 1 85  ? -0.050  11.723  -11.569 1.00 33.07 ? 73  SER A C   1 
ATOM   644  O  O   . SER A 1 85  ? 0.223   12.851  -11.121 1.00 30.37 ? 73  SER A O   1 
ATOM   645  C  CB  . SER A 1 85  ? -2.158  11.168  -10.306 1.00 31.43 ? 73  SER A CB  1 
ATOM   646  O  OG  . SER A 1 85  ? -2.729  11.893  -11.365 1.00 34.55 ? 73  SER A OG  1 
ATOM   647  N  N   . ASN A 1 86  ? 0.273   11.381  -12.811 1.00 38.06 ? 74  ASN A N   1 
ATOM   648  C  CA  . ASN A 1 86  ? 0.949   12.352  -13.678 1.00 40.94 ? 74  ASN A CA  1 
ATOM   649  C  C   . ASN A 1 86  ? 0.016   13.525  -14.020 1.00 38.44 ? 74  ASN A C   1 
ATOM   650  O  O   . ASN A 1 86  ? 0.475   14.664  -14.116 1.00 39.09 ? 74  ASN A O   1 
ATOM   651  C  CB  . ASN A 1 86  ? 1.482   11.707  -14.974 1.00 44.01 ? 74  ASN A CB  1 
ATOM   652  C  CG  . ASN A 1 86  ? 2.342   10.466  -14.709 1.00 51.05 ? 74  ASN A CG  1 
ATOM   653  O  OD1 . ASN A 1 86  ? 1.904   9.334   -14.958 1.00 64.65 ? 74  ASN A OD1 1 
ATOM   654  N  ND2 . ASN A 1 86  ? 3.548   10.669  -14.187 1.00 58.33 ? 74  ASN A ND2 1 
ATOM   655  N  N   . GLU A 1 87  ? -1.285  13.236  -14.147 1.00 37.55 ? 75  GLU A N   1 
ATOM   656  C  CA  . GLU A 1 87  ? -2.310  14.276  -14.432 1.00 37.99 ? 75  GLU A CA  1 
ATOM   657  C  C   . GLU A 1 87  ? -2.435  15.294  -13.291 1.00 35.07 ? 75  GLU A C   1 
ATOM   658  O  O   . GLU A 1 87  ? -2.508  16.500  -13.535 1.00 33.00 ? 75  GLU A O   1 
ATOM   659  C  CB  . GLU A 1 87  ? -3.683  13.632  -14.664 1.00 39.19 ? 75  GLU A CB  1 
ATOM   660  N  N   . LYS A 1 88  ? -2.490  14.781  -12.057 1.00 34.68 ? 76  LYS A N   1 
ATOM   661  C  CA  . LYS A 1 88  ? -2.633  15.606  -10.867 1.00 32.76 ? 76  LYS A CA  1 
ATOM   662  C  C   . LYS A 1 88  ? -1.290  16.103  -10.283 1.00 33.76 ? 76  LYS A C   1 
ATOM   663  O  O   . LYS A 1 88  ? -1.274  17.013  -9.432  1.00 28.30 ? 76  LYS A O   1 
ATOM   664  C  CB  . LYS A 1 88  ? -3.446  14.845  -9.824  1.00 34.18 ? 76  LYS A CB  1 
ATOM   665  C  CG  . LYS A 1 88  ? -4.814  14.362  -10.370 1.00 34.02 ? 76  LYS A CG  1 
ATOM   666  C  CD  . LYS A 1 88  ? -5.651  13.583  -9.349  1.00 38.10 ? 76  LYS A CD  1 
ATOM   667  N  N   . SER A 1 89  ? -0.171  15.524  -10.739 1.00 32.18 ? 77  SER A N   1 
ATOM   668  C  CA  . SER A 1 89  ? 1.147   15.797  -10.138 1.00 30.75 ? 77  SER A CA  1 
ATOM   669  C  C   . SER A 1 89  ? 1.123   15.708  -8.609  1.00 29.30 ? 77  SER A C   1 
ATOM   670  O  O   . SER A 1 89  ? 1.595   16.587  -7.931  1.00 30.44 ? 77  SER A O   1 
ATOM   671  C  CB  . SER A 1 89  ? 1.672   17.169  -10.558 1.00 33.22 ? 77  SER A CB  1 
ATOM   672  O  OG  . SER A 1 89  ? 1.832   17.234  -11.958 1.00 36.86 ? 77  SER A OG  1 
HETATM 673  N  N   . MSE A 1 90  ? 0.575   14.636  -8.063  1.00 30.98 ? 78  MSE A N   1 
HETATM 674  C  CA  . MSE A 1 90  ? 0.622   14.430  -6.629  1.00 33.51 ? 78  MSE A CA  1 
HETATM 675  C  C   . MSE A 1 90  ? 0.483   12.954  -6.382  1.00 27.95 ? 78  MSE A C   1 
HETATM 676  O  O   . MSE A 1 90  ? 0.095   12.211  -7.289  1.00 25.51 ? 78  MSE A O   1 
HETATM 677  C  CB  . MSE A 1 90  ? -0.528  15.167  -5.951  1.00 33.39 ? 78  MSE A CB  1 
HETATM 678  C  CG  . MSE A 1 90  ? -1.851  14.543  -6.312  1.00 40.39 ? 78  MSE A CG  1 
HETATM 679  SE SE  . MSE A 1 90  ? -3.367  15.312  -5.355  0.70 45.12 ? 78  MSE A SE  1 
HETATM 680  C  CE  . MSE A 1 90  ? -4.676  14.563  -6.547  1.00 37.19 ? 78  MSE A CE  1 
ATOM   681  N  N   . VAL A 1 91  ? 0.755   12.544  -5.144  1.00 27.87 ? 79  VAL A N   1 
ATOM   682  C  CA  . VAL A 1 91  ? 0.644   11.190  -4.683  1.00 26.98 ? 79  VAL A CA  1 
ATOM   683  C  C   . VAL A 1 91  ? -0.683  11.020  -3.928  1.00 30.28 ? 79  VAL A C   1 
ATOM   684  O  O   . VAL A 1 91  ? -1.093  11.940  -3.147  1.00 31.90 ? 79  VAL A O   1 
ATOM   685  C  CB  . VAL A 1 91  ? 1.840   10.830  -3.804  1.00 27.03 ? 79  VAL A CB  1 
ATOM   686  C  CG1 . VAL A 1 91  ? 1.644   9.559   -3.074  1.00 29.42 ? 79  VAL A CG1 1 
ATOM   687  C  CG2 . VAL A 1 91  ? 3.114   10.804  -4.677  1.00 27.62 ? 79  VAL A CG2 1 
ATOM   688  N  N   A ASN A 1 92  ? -1.408  9.953   -4.250  0.50 28.93 ? 80  ASN A N   1 
ATOM   689  N  N   B ASN A 1 92  ? -1.374  9.930   -4.246  0.50 28.59 ? 80  ASN A N   1 
ATOM   690  C  CA  A ASN A 1 92  ? -2.556  9.549   -3.438  0.50 30.31 ? 80  ASN A CA  1 
ATOM   691  C  CA  B ASN A 1 92  ? -2.564  9.496   -3.525  0.50 29.83 ? 80  ASN A CA  1 
ATOM   692  C  C   A ASN A 1 92  ? -2.146  8.340   -2.630  0.50 30.41 ? 80  ASN A C   1 
ATOM   693  C  C   B ASN A 1 92  ? -2.129  8.337   -2.631  0.50 30.10 ? 80  ASN A C   1 
ATOM   694  O  O   A ASN A 1 92  ? -1.435  7.460   -3.115  0.50 30.13 ? 80  ASN A O   1 
ATOM   695  O  O   B ASN A 1 92  ? -1.374  7.470   -3.069  0.50 29.78 ? 80  ASN A O   1 
ATOM   696  C  CB  A ASN A 1 92  ? -3.840  9.246   -4.244  0.50 31.79 ? 80  ASN A CB  1 
ATOM   697  C  CB  B ASN A 1 92  ? -3.663  9.011   -4.492  0.50 31.09 ? 80  ASN A CB  1 
ATOM   698  C  CG  A ASN A 1 92  ? -3.639  8.210   -5.349  0.50 31.05 ? 80  ASN A CG  1 
ATOM   699  C  CG  B ASN A 1 92  ? -4.108  10.086  -5.487  0.50 29.81 ? 80  ASN A CG  1 
ATOM   700  O  OD1 A ASN A 1 92  ? -3.060  8.511   -6.380  0.50 37.98 ? 80  ASN A OD1 1 
ATOM   701  O  OD1 B ASN A 1 92  ? -4.425  11.213  -5.105  0.50 38.54 ? 80  ASN A OD1 1 
ATOM   702  N  ND2 A ASN A 1 92  ? -4.154  6.987   -5.142  0.50 30.52 ? 80  ASN A ND2 1 
ATOM   703  N  ND2 B ASN A 1 92  ? -4.146  9.726   -6.776  0.50 43.00 ? 80  ASN A ND2 1 
ATOM   704  N  N   . ILE A 1 93  ? -2.594  8.308   -1.387  1.00 31.18 ? 81  ILE A N   1 
ATOM   705  C  CA  . ILE A 1 93  ? -2.391  7.131   -0.549  1.00 29.76 ? 81  ILE A CA  1 
ATOM   706  C  C   . ILE A 1 93  ? -3.529  6.165   -0.911  1.00 31.62 ? 81  ILE A C   1 
ATOM   707  O  O   . ILE A 1 93  ? -4.710  6.461   -0.690  1.00 32.15 ? 81  ILE A O   1 
ATOM   708  C  CB  . ILE A 1 93  ? -2.406  7.482   0.943   1.00 30.11 ? 81  ILE A CB  1 
ATOM   709  C  CG1 . ILE A 1 93  ? -1.252  8.442   1.268   1.00 31.71 ? 81  ILE A CG1 1 
ATOM   710  C  CG2 . ILE A 1 93  ? -2.274  6.234   1.787   1.00 34.14 ? 81  ILE A CG2 1 
ATOM   711  C  CD1 . ILE A 1 93  ? -1.348  9.062   2.646   1.00 38.38 ? 81  ILE A CD1 1 
ATOM   712  N  N   . GLU A 1 94  ? -3.169  5.052   -1.534  1.00 27.68 ? 82  GLU A N   1 
ATOM   713  C  CA  . GLU A 1 94  ? -4.114  4.005   -1.937  1.00 29.65 ? 82  GLU A CA  1 
ATOM   714  C  C   . GLU A 1 94  ? -4.629  3.232   -0.709  1.00 32.04 ? 82  GLU A C   1 
ATOM   715  O  O   . GLU A 1 94  ? -5.803  2.897   -0.608  1.00 30.90 ? 82  GLU A O   1 
ATOM   716  C  CB  . GLU A 1 94  ? -3.443  3.032   -2.903  1.00 32.78 ? 82  GLU A CB  1 
ATOM   717  C  CG  . GLU A 1 94  ? -3.061  3.606   -4.278  1.00 32.62 ? 82  GLU A CG  1 
ATOM   718  C  CD  . GLU A 1 94  ? -4.179  3.542   -5.321  1.00 39.69 ? 82  GLU A CD  1 
ATOM   719  O  OE1 . GLU A 1 94  ? -5.281  2.986   -5.034  1.00 42.27 ? 82  GLU A OE1 1 
ATOM   720  O  OE2 . GLU A 1 94  ? -3.930  4.014   -6.437  1.00 34.90 ? 82  GLU A OE2 1 
ATOM   721  N  N   . LEU A 1 95  ? -3.735  3.019   0.252   1.00 31.24 ? 83  LEU A N   1 
ATOM   722  C  CA  . LEU A 1 95  ? -4.001  2.217   1.421   1.00 33.26 ? 83  LEU A CA  1 
ATOM   723  C  C   . LEU A 1 95  ? -2.909  2.456   2.465   1.00 30.33 ? 83  LEU A C   1 
ATOM   724  O  O   . LEU A 1 95  ? -1.723  2.450   2.153   1.00 30.37 ? 83  LEU A O   1 
ATOM   725  C  CB  . LEU A 1 95  ? -4.024  0.732   1.069   1.00 35.32 ? 83  LEU A CB  1 
ATOM   726  C  CG  . LEU A 1 95  ? -4.426  -0.245  2.186   1.00 38.40 ? 83  LEU A CG  1 
ATOM   727  C  CD1 . LEU A 1 95  ? -5.564  0.217   3.085   1.00 40.96 ? 83  LEU A CD1 1 
ATOM   728  C  CD2 . LEU A 1 95  ? -4.746  -1.562  1.524   1.00 49.65 ? 83  LEU A CD2 1 
ATOM   729  N  N   . LEU A 1 96  ? -3.332  2.652   3.708   1.00 32.16 ? 84  LEU A N   1 
ATOM   730  C  CA  . LEU A 1 96  ? -2.426  2.647   4.839   1.00 31.98 ? 84  LEU A CA  1 
ATOM   731  C  C   . LEU A 1 96  ? -3.041  1.703   5.886   1.00 30.72 ? 84  LEU A C   1 
ATOM   732  O  O   . LEU A 1 96  ? -4.198  1.902   6.285   1.00 30.51 ? 84  LEU A O   1 
ATOM   733  C  CB  . LEU A 1 96  ? -2.295  4.022   5.428   1.00 32.27 ? 84  LEU A CB  1 
ATOM   734  C  CG  . LEU A 1 96  ? -1.635  4.181   6.791   1.00 33.40 ? 84  LEU A CG  1 
ATOM   735  C  CD1 . LEU A 1 96  ? -0.252  3.664   6.811   1.00 31.43 ? 84  LEU A CD1 1 
ATOM   736  C  CD2 . LEU A 1 96  ? -1.643  5.636   7.250   1.00 37.02 ? 84  LEU A CD2 1 
ATOM   737  N  N   . TYR A 1 97  ? -2.282  0.716   6.321   1.00 28.23 ? 85  TYR A N   1 
ATOM   738  C  CA  . TYR A 1 97  ? -2.786  -0.260  7.287   1.00 29.36 ? 85  TYR A CA  1 
ATOM   739  C  C   . TYR A 1 97  ? -1.724  -0.686  8.298   1.00 30.07 ? 85  TYR A C   1 
ATOM   740  O  O   . TYR A 1 97  ? -0.581  -1.007  7.942   1.00 27.88 ? 85  TYR A O   1 
ATOM   741  C  CB  . TYR A 1 97  ? -3.294  -1.499  6.563   1.00 29.24 ? 85  TYR A CB  1 
ATOM   742  C  CG  . TYR A 1 97  ? -3.968  -2.517  7.441   1.00 32.25 ? 85  TYR A CG  1 
ATOM   743  C  CD1 . TYR A 1 97  ? -5.269  -2.318  7.866   1.00 33.08 ? 85  TYR A CD1 1 
ATOM   744  C  CD2 . TYR A 1 97  ? -3.304  -3.659  7.852   1.00 35.85 ? 85  TYR A CD2 1 
ATOM   745  C  CE1 . TYR A 1 97  ? -5.910  -3.239  8.687   1.00 38.03 ? 85  TYR A CE1 1 
ATOM   746  C  CE2 . TYR A 1 97  ? -3.935  -4.593  8.693   1.00 34.30 ? 85  TYR A CE2 1 
ATOM   747  C  CZ  . TYR A 1 97  ? -5.233  -4.384  9.083   1.00 34.41 ? 85  TYR A CZ  1 
ATOM   748  O  OH  . TYR A 1 97  ? -5.908  -5.278  9.880   1.00 42.13 ? 85  TYR A OH  1 
ATOM   749  N  N   . VAL A 1 98  ? -2.133  -0.730  9.555   1.00 29.91 ? 86  VAL A N   1 
ATOM   750  C  CA  . VAL A 1 98  ? -1.302  -1.293  10.608  1.00 29.04 ? 86  VAL A CA  1 
ATOM   751  C  C   . VAL A 1 98  ? -2.072  -2.422  11.293  1.00 29.65 ? 86  VAL A C   1 
ATOM   752  O  O   . VAL A 1 98  ? -3.223  -2.256  11.640  1.00 29.33 ? 86  VAL A O   1 
ATOM   753  C  CB  . VAL A 1 98  ? -0.877  -0.243  11.686  1.00 28.21 ? 86  VAL A CB  1 
ATOM   754  C  CG1 . VAL A 1 98  ? 0.011   -0.867  12.763  1.00 29.35 ? 86  VAL A CG1 1 
ATOM   755  C  CG2 . VAL A 1 98  ? -0.175  0.956   11.024  1.00 30.00 ? 86  VAL A CG2 1 
ATOM   756  N  N   . GLU A 1 99  ? -1.428  -3.562  11.484  1.00 26.90 ? 87  GLU A N   1 
ATOM   757  C  CA  . GLU A 1 99  ? -2.055  -4.673  12.222  1.00 27.01 ? 87  GLU A CA  1 
ATOM   758  C  C   . GLU A 1 99  ? -2.543  -4.155  13.555  1.00 28.11 ? 87  GLU A C   1 
ATOM   759  O  O   . GLU A 1 99  ? -1.786  -3.526  14.288  1.00 27.71 ? 87  GLU A O   1 
ATOM   760  C  CB  . GLU A 1 99  ? -1.057  -5.801  12.416  1.00 30.29 ? 87  GLU A CB  1 
ATOM   761  C  CG  . GLU A 1 99  ? -0.942  -6.643  11.185  1.00 37.24 ? 87  GLU A CG  1 
ATOM   762  C  CD  . GLU A 1 99  ? -2.190  -7.518  10.974  1.00 42.58 ? 87  GLU A CD  1 
ATOM   763  O  OE1 . GLU A 1 99  ? -2.758  -7.984  11.996  1.00 48.59 ? 87  GLU A OE1 1 
ATOM   764  O  OE2 . GLU A 1 99  ? -2.576  -7.712  9.796   1.00 50.96 ? 87  GLU A OE2 1 
ATOM   765  N  N   . PRO A 1 100 ? -3.832  -4.414  13.881  1.00 30.73 ? 88  PRO A N   1 
ATOM   766  C  CA  . PRO A 1 100 ? -4.374  -3.918  15.146  1.00 28.82 ? 88  PRO A CA  1 
ATOM   767  C  C   . PRO A 1 100 ? -3.474  -4.080  16.388  1.00 27.41 ? 88  PRO A C   1 
ATOM   768  O  O   . PRO A 1 100 ? -3.330  -3.153  17.183  1.00 27.09 ? 88  PRO A O   1 
ATOM   769  C  CB  . PRO A 1 100 ? -5.677  -4.703  15.282  1.00 29.44 ? 88  PRO A CB  1 
ATOM   770  C  CG  . PRO A 1 100 ? -6.091  -4.910  13.880  1.00 30.34 ? 88  PRO A CG  1 
ATOM   771  C  CD  . PRO A 1 100 ? -4.859  -5.116  13.088  1.00 32.26 ? 88  PRO A CD  1 
ATOM   772  N  N   . GLN A 1 101 ? -2.880  -5.257  16.571  1.00 27.35 ? 89  GLN A N   1 
ATOM   773  C  CA  . GLN A 1 101 ? -2.035  -5.527  17.752  1.00 27.91 ? 89  GLN A CA  1 
ATOM   774  C  C   . GLN A 1 101 ? -0.877  -4.519  17.923  1.00 24.62 ? 89  GLN A C   1 
ATOM   775  O  O   . GLN A 1 101 ? -0.427  -4.242  19.051  1.00 26.56 ? 89  GLN A O   1 
ATOM   776  C  CB  . GLN A 1 101 ? -1.497  -6.961  17.642  1.00 29.43 ? 89  GLN A CB  1 
ATOM   777  C  CG  . GLN A 1 101 ? -0.534  -7.419  18.721  1.00 31.62 ? 89  GLN A CG  1 
ATOM   778  C  CD  . GLN A 1 101 ? 0.061   -8.818  18.457  1.00 33.85 ? 89  GLN A CD  1 
ATOM   779  O  OE1 . GLN A 1 101 ? -0.315  -9.504  17.493  1.00 39.86 ? 89  GLN A OE1 1 
ATOM   780  N  NE2 . GLN A 1 101 ? 1.004   -9.220  19.292  1.00 33.62 ? 89  GLN A NE2 1 
ATOM   781  N  N   . PHE A 1 102 ? -0.445  -3.944  16.787  1.00 25.39 ? 90  PHE A N   1 
ATOM   782  C  CA  . PHE A 1 102 ? 0.769   -3.129  16.728  1.00 25.35 ? 90  PHE A CA  1 
ATOM   783  C  C   . PHE A 1 102 ? 0.490   -1.640  16.444  1.00 27.12 ? 90  PHE A C   1 
ATOM   784  O  O   . PHE A 1 102 ? 1.376   -0.877  16.113  1.00 25.75 ? 90  PHE A O   1 
ATOM   785  C  CB  . PHE A 1 102 ? 1.760   -3.737  15.708  1.00 25.51 ? 90  PHE A CB  1 
ATOM   786  C  CG  . PHE A 1 102 ? 2.201   -5.120  16.095  1.00 24.97 ? 90  PHE A CG  1 
ATOM   787  C  CD1 . PHE A 1 102 ? 3.036   -5.307  17.167  1.00 28.91 ? 90  PHE A CD1 1 
ATOM   788  C  CD2 . PHE A 1 102 ? 1.755   -6.230  15.387  1.00 27.01 ? 90  PHE A CD2 1 
ATOM   789  C  CE1 . PHE A 1 102 ? 3.421   -6.587  17.562  1.00 25.77 ? 90  PHE A CE1 1 
ATOM   790  C  CE2 . PHE A 1 102 ? 2.159   -7.499  15.769  1.00 30.09 ? 90  PHE A CE2 1 
ATOM   791  C  CZ  . PHE A 1 102 ? 2.980   -7.674  16.830  1.00 26.74 ? 90  PHE A CZ  1 
ATOM   792  N  N   . ARG A 1 103 ? -0.768  -1.244  16.633  1.00 29.14 ? 91  ARG A N   1 
ATOM   793  C  CA  . ARG A 1 103 ? -1.145  0.174   16.566  1.00 30.08 ? 91  ARG A CA  1 
ATOM   794  C  C   . ARG A 1 103 ? -0.609  0.985   17.777  1.00 29.14 ? 91  ARG A C   1 
ATOM   795  O  O   . ARG A 1 103 ? -0.256  0.417   18.846  1.00 26.50 ? 91  ARG A O   1 
ATOM   796  C  CB  . ARG A 1 103 ? -2.673  0.269   16.389  1.00 30.63 ? 91  ARG A CB  1 
ATOM   797  C  CG  . ARG A 1 103 ? -3.078  -0.259  15.053  1.00 31.95 ? 91  ARG A CG  1 
ATOM   798  C  CD  . ARG A 1 103 ? -4.567  -0.211  14.766  1.00 34.33 ? 91  ARG A CD  1 
ATOM   799  N  NE  . ARG A 1 103 ? -4.791  -0.788  13.452  1.00 31.55 ? 91  ARG A NE  1 
ATOM   800  C  CZ  . ARG A 1 103 ? -5.968  -1.216  13.010  1.00 35.98 ? 91  ARG A CZ  1 
ATOM   801  N  NH1 . ARG A 1 103 ? -7.050  -1.065  13.780  1.00 39.16 ? 91  ARG A NH1 1 
ATOM   802  N  NH2 . ARG A 1 103 ? -6.076  -1.765  11.813  1.00 33.70 ? 91  ARG A NH2 1 
ATOM   803  N  N   . LYS A 1 104 ? -0.516  2.311   17.603  1.00 29.03 ? 92  LYS A N   1 
ATOM   804  C  CA  . LYS A 1 104 ? -0.020  3.279   18.598  1.00 28.52 ? 92  LYS A CA  1 
ATOM   805  C  C   . LYS A 1 104 ? 1.459   3.148   18.995  1.00 26.91 ? 92  LYS A C   1 
ATOM   806  O  O   . LYS A 1 104 ? 1.881   3.677   20.020  1.00 27.32 ? 92  LYS A O   1 
ATOM   807  C  CB  . LYS A 1 104 ? -0.851  3.312   19.886  1.00 29.00 ? 92  LYS A CB  1 
ATOM   808  C  CG  . LYS A 1 104 ? -2.300  3.597   19.667  1.00 34.05 ? 92  LYS A CG  1 
ATOM   809  C  CD  . LYS A 1 104 ? -2.975  3.960   21.006  1.00 37.18 ? 92  LYS A CD  1 
ATOM   810  C  CE  . LYS A 1 104 ? -4.466  3.787   20.884  1.00 42.94 ? 92  LYS A CE  1 
ATOM   811  N  NZ  . LYS A 1 104 ? -5.175  4.347   22.053  1.00 43.12 ? 92  LYS A NZ  1 
ATOM   812  N  N   . LEU A 1 105 ? 2.230   2.480   18.135  1.00 24.67 ? 93  LEU A N   1 
ATOM   813  C  CA  . LEU A 1 105 ? 3.677   2.372   18.285  1.00 24.98 ? 93  LEU A CA  1 
ATOM   814  C  C   . LEU A 1 105 ? 4.453   3.346   17.366  1.00 24.97 ? 93  LEU A C   1 
ATOM   815  O  O   . LEU A 1 105 ? 5.678   3.404   17.396  1.00 26.09 ? 93  LEU A O   1 
ATOM   816  C  CB  . LEU A 1 105 ? 4.108   0.960   17.901  1.00 25.25 ? 93  LEU A CB  1 
ATOM   817  C  CG  . LEU A 1 105 ? 3.543   -0.125  18.793  1.00 27.68 ? 93  LEU A CG  1 
ATOM   818  C  CD1 . LEU A 1 105 ? 4.095   -1.476  18.343  1.00 27.12 ? 93  LEU A CD1 1 
ATOM   819  C  CD2 . LEU A 1 105 ? 3.776   0.159   20.243  1.00 26.98 ? 93  LEU A CD2 1 
ATOM   820  N  N   . GLY A 1 106 ? 3.722   4.103   16.550  1.00 29.62 ? 94  GLY A N   1 
ATOM   821  C  CA  . GLY A 1 106 ? 4.345   5.102   15.687  1.00 29.82 ? 94  GLY A CA  1 
ATOM   822  C  C   . GLY A 1 106 ? 4.600   4.608   14.279  1.00 30.00 ? 94  GLY A C   1 
ATOM   823  O  O   . GLY A 1 106 ? 5.193   5.330   13.444  1.00 28.16 ? 94  GLY A O   1 
ATOM   824  N  N   . ILE A 1 107 ? 4.142   3.401   13.968  1.00 28.08 ? 95  ILE A N   1 
ATOM   825  C  CA  . ILE A 1 107 ? 4.460   2.818   12.652  1.00 27.51 ? 95  ILE A CA  1 
ATOM   826  C  C   . ILE A 1 107 ? 3.730   3.572   11.504  1.00 27.96 ? 95  ILE A C   1 
ATOM   827  O  O   . ILE A 1 107 ? 4.357   3.816   10.455  1.00 28.89 ? 95  ILE A O   1 
ATOM   828  C  CB  . ILE A 1 107 ? 4.139   1.295   12.603  1.00 27.97 ? 95  ILE A CB  1 
ATOM   829  C  CG1 . ILE A 1 107 ? 4.972   0.506   13.643  1.00 28.32 ? 95  ILE A CG1 1 
ATOM   830  C  CG2 . ILE A 1 107 ? 4.292   0.757   11.184  1.00 28.37 ? 95  ILE A CG2 1 
ATOM   831  C  CD1 . ILE A 1 107 ? 4.579   -0.961  13.775  1.00 27.69 ? 95  ILE A CD1 1 
ATOM   832  N  N   . ALA A 1 108 ? 2.429   3.900   11.655  1.00 26.47 ? 96  ALA A N   1 
ATOM   833  C  CA  . ALA A 1 108 ? 1.736   4.628   10.571  1.00 29.33 ? 96  ALA A CA  1 
ATOM   834  C  C   . ALA A 1 108 ? 2.446   5.969   10.312  1.00 31.29 ? 96  ALA A C   1 
ATOM   835  O  O   . ALA A 1 108 ? 2.679   6.340   9.155   1.00 29.32 ? 96  ALA A O   1 
ATOM   836  C  CB  . ALA A 1 108 ? 0.280   4.847   10.889  1.00 32.45 ? 96  ALA A CB  1 
ATOM   837  N  N   . THR A 1 109 ? 2.825   6.667   11.378  1.00 30.02 ? 97  THR A N   1 
ATOM   838  C  CA  . THR A 1 109 ? 3.520   7.943   11.239  1.00 31.90 ? 97  THR A CA  1 
ATOM   839  C  C   . THR A 1 109 ? 4.822   7.793   10.462  1.00 31.15 ? 97  THR A C   1 
ATOM   840  O  O   . THR A 1 109 ? 5.127   8.575   9.526   1.00 30.58 ? 97  THR A O   1 
ATOM   841  C  CB  . THR A 1 109 ? 3.796   8.528   12.628  1.00 33.07 ? 97  THR A CB  1 
ATOM   842  O  OG1 . THR A 1 109 ? 2.542   8.897   13.198  1.00 33.57 ? 97  THR A OG1 1 
ATOM   843  C  CG2 . THR A 1 109 ? 4.727   9.730   12.549  1.00 37.35 ? 97  THR A CG2 1 
ATOM   844  N  N   . GLN A 1 110 ? 5.598   6.786   10.843  1.00 28.88 ? 98  GLN A N   1 
ATOM   845  C  CA  . GLN A 1 110 ? 6.845   6.449   10.149  1.00 30.31 ? 98  GLN A CA  1 
ATOM   846  C  C   . GLN A 1 110 ? 6.617   6.125   8.659   1.00 26.51 ? 98  GLN A C   1 
ATOM   847  O  O   . GLN A 1 110 ? 7.375   6.574   7.777   1.00 28.29 ? 98  GLN A O   1 
ATOM   848  C  CB  . GLN A 1 110 ? 7.502   5.281   10.904  1.00 31.92 ? 98  GLN A CB  1 
ATOM   849  C  CG  . GLN A 1 110 ? 8.618   4.555   10.242  1.00 39.32 ? 98  GLN A CG  1 
ATOM   850  C  CD  . GLN A 1 110 ? 9.366   3.505   11.133  1.00 39.48 ? 98  GLN A CD  1 
ATOM   851  O  OE1 . GLN A 1 110 ? 8.938   3.166   12.235  1.00 60.34 ? 98  GLN A OE1 1 
ATOM   852  N  NE2 . GLN A 1 110 ? 10.516  3.029   10.632  1.00 47.52 ? 98  GLN A NE2 1 
ATOM   853  N  N   . LEU A 1 111 ? 5.570   5.364   8.374   1.00 26.73 ? 99  LEU A N   1 
ATOM   854  C  CA  . LEU A 1 111 ? 5.242   4.985   7.008   1.00 28.25 ? 99  LEU A CA  1 
ATOM   855  C  C   . LEU A 1 111 ? 4.860   6.222   6.187   1.00 27.41 ? 99  LEU A C   1 
ATOM   856  O  O   . LEU A 1 111 ? 5.295   6.362   5.025   1.00 27.81 ? 99  LEU A O   1 
ATOM   857  C  CB  . LEU A 1 111 ? 4.117   3.944   6.964   1.00 28.58 ? 99  LEU A CB  1 
ATOM   858  C  CG  . LEU A 1 111 ? 4.505   2.527   7.428   1.00 26.89 ? 99  LEU A CG  1 
ATOM   859  C  CD1 . LEU A 1 111 ? 3.263   1.721   7.632   1.00 31.26 ? 99  LEU A CD1 1 
ATOM   860  C  CD2 . LEU A 1 111 ? 5.431   1.816   6.415   1.00 28.81 ? 99  LEU A CD2 1 
ATOM   861  N  N   . LYS A 1 112 ? 4.057   7.103   6.773   1.00 28.73 ? 100 LYS A N   1 
ATOM   862  C  CA  . LYS A 1 112 ? 3.656   8.359   6.075   1.00 27.75 ? 100 LYS A CA  1 
ATOM   863  C  C   . LYS A 1 112 ? 4.872   9.237   5.764   1.00 29.29 ? 100 LYS A C   1 
ATOM   864  O  O   . LYS A 1 112 ? 4.991   9.811   4.671   1.00 27.92 ? 100 LYS A O   1 
ATOM   865  C  CB  . LYS A 1 112 ? 2.582   9.104   6.861   1.00 26.87 ? 100 LYS A CB  1 
ATOM   866  C  CG  . LYS A 1 112 ? 1.247   8.400   6.782   1.00 32.55 ? 100 LYS A CG  1 
ATOM   867  C  CD  . LYS A 1 112 ? 0.113   9.163   7.423   1.00 37.54 ? 100 LYS A CD  1 
ATOM   868  C  CE  . LYS A 1 112 ? 0.164   9.021   8.906   1.00 41.75 ? 100 LYS A CE  1 
ATOM   869  N  NZ  . LYS A 1 112 ? -1.093  9.613   9.525   1.00 48.78 ? 100 LYS A NZ  1 
ATOM   870  N  N   . ILE A 1 113 ? 5.789   9.328   6.717   1.00 28.56 ? 101 ILE A N   1 
ATOM   871  C  CA  . ILE A 1 113 ? 6.975   10.143  6.539   1.00 28.56 ? 101 ILE A CA  1 
ATOM   872  C  C   . ILE A 1 113 ? 7.780   9.572   5.364   1.00 26.96 ? 101 ILE A C   1 
ATOM   873  O  O   . ILE A 1 113 ? 8.272   10.305  4.509   1.00 27.00 ? 101 ILE A O   1 
ATOM   874  C  CB  . ILE A 1 113 ? 7.806   10.152  7.836   1.00 28.24 ? 101 ILE A CB  1 
ATOM   875  C  CG1 . ILE A 1 113 ? 7.114   11.081  8.836   1.00 27.75 ? 101 ILE A CG1 1 
ATOM   876  C  CG2 . ILE A 1 113 ? 9.226   10.596  7.549   1.00 29.00 ? 101 ILE A CG2 1 
ATOM   877  C  CD1 . ILE A 1 113 ? 7.657   11.061  10.240  1.00 33.93 ? 101 ILE A CD1 1 
ATOM   878  N  N   . ALA A 1 114 ? 7.952   8.253   5.362   1.00 26.99 ? 102 ALA A N   1 
ATOM   879  C  CA  . ALA A 1 114 ? 8.680   7.610   4.283   1.00 27.33 ? 102 ALA A CA  1 
ATOM   880  C  C   . ALA A 1 114 ? 8.006   7.870   2.928   1.00 27.78 ? 102 ALA A C   1 
ATOM   881  O  O   . ALA A 1 114 ? 8.678   8.234   1.927   1.00 26.90 ? 102 ALA A O   1 
ATOM   882  C  CB  . ALA A 1 114 ? 8.800   6.156   4.537   1.00 28.60 ? 102 ALA A CB  1 
ATOM   883  N  N   . LEU A 1 115 ? 6.679   7.737   2.877   1.00 27.66 ? 103 LEU A N   1 
ATOM   884  C  CA  . LEU A 1 115 ? 5.974   7.927   1.608   1.00 27.30 ? 103 LEU A CA  1 
ATOM   885  C  C   . LEU A 1 115 ? 6.095   9.371   1.138   1.00 24.47 ? 103 LEU A C   1 
ATOM   886  O  O   . LEU A 1 115 ? 6.317   9.609   -0.063  1.00 26.29 ? 103 LEU A O   1 
ATOM   887  C  CB  . LEU A 1 115 ? 4.500   7.477   1.707   1.00 26.98 ? 103 LEU A CB  1 
ATOM   888  C  CG  . LEU A 1 115 ? 3.844   7.319   0.329   1.00 31.39 ? 103 LEU A CG  1 
ATOM   889  C  CD1 . LEU A 1 115 ? 4.333   6.036   -0.386  1.00 31.18 ? 103 LEU A CD1 1 
ATOM   890  C  CD2 . LEU A 1 115 ? 2.337   7.286   0.432   1.00 30.34 ? 103 LEU A CD2 1 
ATOM   891  N  N   . GLU A 1 116 ? 6.060   10.333  2.057   1.00 25.35 ? 104 GLU A N   1 
ATOM   892  C  CA  . GLU A 1 116 ? 6.183   11.731  1.700   1.00 24.52 ? 104 GLU A CA  1 
ATOM   893  C  C   . GLU A 1 116 ? 7.579   12.007  1.125   1.00 25.84 ? 104 GLU A C   1 
ATOM   894  O  O   . GLU A 1 116 ? 7.727   12.766  0.162   1.00 26.18 ? 104 GLU A O   1 
ATOM   895  C  CB  . GLU A 1 116 ? 5.910   12.644  2.891   1.00 28.41 ? 104 GLU A CB  1 
ATOM   896  C  CG  . GLU A 1 116 ? 6.055   14.119  2.544   1.00 34.94 ? 104 GLU A CG  1 
ATOM   897  C  CD  . GLU A 1 116 ? 5.275   14.542  1.288   1.00 52.54 ? 104 GLU A CD  1 
ATOM   898  O  OE1 . GLU A 1 116 ? 4.123   14.068  1.110   1.00 55.10 ? 104 GLU A OE1 1 
ATOM   899  O  OE2 . GLU A 1 116 ? 5.829   15.340  0.478   1.00 48.53 ? 104 GLU A OE2 1 
ATOM   900  N  N   . LYS A 1 117 ? 8.608   11.406  1.718   1.00 26.41 ? 105 LYS A N   1 
ATOM   901  C  CA  . LYS A 1 117 ? 9.950   11.556  1.128   1.00 25.80 ? 105 LYS A CA  1 
ATOM   902  C  C   . LYS A 1 117 ? 9.998   11.013  -0.298  1.00 24.29 ? 105 LYS A C   1 
ATOM   903  O  O   . LYS A 1 117 ? 10.636  11.588  -1.171  1.00 23.56 ? 105 LYS A O   1 
ATOM   904  C  CB  . LYS A 1 117 ? 11.024  10.900  1.990   1.00 26.30 ? 105 LYS A CB  1 
ATOM   905  C  CG  . LYS A 1 117 ? 11.249  11.617  3.315   1.00 26.40 ? 105 LYS A CG  1 
ATOM   906  C  CD  . LYS A 1 117 ? 12.232  10.824  4.123   1.00 35.16 ? 105 LYS A CD  1 
ATOM   907  C  CE  . LYS A 1 117 ? 12.424  11.357  5.525   1.00 40.75 ? 105 LYS A CE  1 
ATOM   908  N  NZ  . LYS A 1 117 ? 13.203  10.339  6.341   1.00 40.64 ? 105 LYS A NZ  1 
ATOM   909  N  N   . TRP A 1 118 ? 9.346   9.884   -0.530  1.00 24.50 ? 106 TRP A N   1 
ATOM   910  C  CA  . TRP A 1 118 ? 9.250   9.306   -1.879  1.00 23.24 ? 106 TRP A CA  1 
ATOM   911  C  C   . TRP A 1 118 ? 8.504   10.269  -2.811  1.00 22.80 ? 106 TRP A C   1 
ATOM   912  O  O   . TRP A 1 118 ? 8.958   10.555  -3.927  1.00 25.45 ? 106 TRP A O   1 
ATOM   913  C  CB  . TRP A 1 118 ? 8.542   7.965   -1.872  1.00 24.98 ? 106 TRP A CB  1 
ATOM   914  C  CG  . TRP A 1 118 ? 8.221   7.450   -3.232  1.00 27.41 ? 106 TRP A CG  1 
ATOM   915  C  CD1 . TRP A 1 118 ? 9.106   6.981   -4.184  1.00 25.77 ? 106 TRP A CD1 1 
ATOM   916  C  CD2 . TRP A 1 118 ? 6.931   7.388   -3.835  1.00 26.56 ? 106 TRP A CD2 1 
ATOM   917  N  NE1 . TRP A 1 118 ? 8.430   6.623   -5.319  1.00 26.35 ? 106 TRP A NE1 1 
ATOM   918  C  CE2 . TRP A 1 118 ? 7.106   6.889   -5.160  1.00 23.87 ? 106 TRP A CE2 1 
ATOM   919  C  CE3 . TRP A 1 118 ? 5.636   7.712   -3.401  1.00 28.95 ? 106 TRP A CE3 1 
ATOM   920  C  CZ2 . TRP A 1 118 ? 6.030   6.658   -6.003  1.00 27.88 ? 106 TRP A CZ2 1 
ATOM   921  C  CZ3 . TRP A 1 118 ? 4.567   7.497   -4.271  1.00 28.17 ? 106 TRP A CZ3 1 
ATOM   922  C  CH2 . TRP A 1 118 ? 4.784   6.992   -5.551  1.00 30.29 ? 106 TRP A CH2 1 
ATOM   923  N  N   . ALA A 1 119 ? 7.387   10.817  -2.309  1.00 24.43 ? 107 ALA A N   1 
ATOM   924  C  CA  . ALA A 1 119 ? 6.615   11.774  -3.110  1.00 23.79 ? 107 ALA A CA  1 
ATOM   925  C  C   . ALA A 1 119 ? 7.495   12.933  -3.573  1.00 25.13 ? 107 ALA A C   1 
ATOM   926  O  O   . ALA A 1 119 ? 7.402   13.380  -4.692  1.00 24.61 ? 107 ALA A O   1 
ATOM   927  C  CB  . ALA A 1 119 ? 5.392   12.268  -2.350  1.00 25.23 ? 107 ALA A CB  1 
ATOM   928  N  N   . LYS A 1 120 ? 8.404   13.418  -2.733  1.00 24.07 ? 108 LYS A N   1 
ATOM   929  C  CA  . LYS A 1 120 ? 9.276   14.511  -3.120  1.00 25.81 ? 108 LYS A CA  1 
ATOM   930  C  C   . LYS A 1 120 ? 10.257  14.148  -4.257  1.00 22.17 ? 108 LYS A C   1 
ATOM   931  O  O   . LYS A 1 120 ? 10.651  15.006  -5.054  1.00 23.71 ? 108 LYS A O   1 
ATOM   932  C  CB  . LYS A 1 120 ? 10.004  15.066  -1.908  1.00 26.47 ? 108 LYS A CB  1 
ATOM   933  C  CG  . LYS A 1 120 ? 9.038   15.825  -0.958  1.00 29.00 ? 108 LYS A CG  1 
ATOM   934  C  CD  . LYS A 1 120 ? 9.790   16.477  0.198   1.00 38.13 ? 108 LYS A CD  1 
ATOM   935  C  CE  . LYS A 1 120 ? 8.881   17.393  1.066   1.00 39.99 ? 108 LYS A CE  1 
ATOM   936  N  NZ  . LYS A 1 120 ? 7.803   16.609  1.825   1.00 52.44 ? 108 LYS A NZ  1 
ATOM   937  N  N   . THR A 1 121 ? 10.655  12.875  -4.306  1.00 25.25 ? 109 THR A N   1 
ATOM   938  C  CA  . THR A 1 121 ? 11.591  12.447  -5.347  1.00 25.95 ? 109 THR A CA  1 
ATOM   939  C  C   . THR A 1 121 ? 10.900  12.410  -6.716  1.00 25.73 ? 109 THR A C   1 
ATOM   940  O  O   . THR A 1 121 ? 11.552  12.383  -7.748  1.00 26.06 ? 109 THR A O   1 
ATOM   941  C  CB  . THR A 1 121 ? 12.253  11.054  -5.044  1.00 27.76 ? 109 THR A CB  1 
ATOM   942  O  OG1 . THR A 1 121 ? 11.269  10.022  -5.111  1.00 29.16 ? 109 THR A OG1 1 
ATOM   943  C  CG2 . THR A 1 121 ? 12.931  11.057  -3.700  1.00 31.99 ? 109 THR A CG2 1 
HETATM 944  N  N   . MSE A 1 122 ? 9.566   12.383  -6.682  1.00 28.19 ? 110 MSE A N   1 
HETATM 945  C  CA  A MSE A 1 122 ? 8.754   12.309  -7.898  0.50 31.62 ? 110 MSE A CA  1 
HETATM 946  C  CA  B MSE A 1 122 ? 8.712   12.314  -7.867  0.50 32.13 ? 110 MSE A CA  1 
HETATM 947  C  C   . MSE A 1 122 ? 8.287   13.696  -8.291  1.00 33.96 ? 110 MSE A C   1 
HETATM 948  O  O   . MSE A 1 122 ? 7.613   13.864  -9.316  1.00 37.84 ? 110 MSE A O   1 
HETATM 949  C  CB  A MSE A 1 122 ? 7.537   11.393  -7.687  0.50 30.04 ? 110 MSE A CB  1 
HETATM 950  C  CB  B MSE A 1 122 ? 7.440   11.503  -7.562  0.50 31.36 ? 110 MSE A CB  1 
HETATM 951  C  CG  A MSE A 1 122 ? 7.863   9.903   -7.453  0.50 34.15 ? 110 MSE A CG  1 
HETATM 952  C  CG  B MSE A 1 122 ? 7.667   10.058  -7.115  0.50 36.09 ? 110 MSE A CG  1 
HETATM 953  SE SE  A MSE A 1 122 ? 8.645   8.993   -9.034  0.20 18.26 ? 110 MSE A SE  1 
HETATM 954  SE SE  B MSE A 1 122 ? 8.102   8.797   -8.534  0.50 41.77 ? 110 MSE A SE  1 
HETATM 955  C  CE  A MSE A 1 122 ? 6.834   8.718   -9.988  0.50 23.10 ? 110 MSE A CE  1 
HETATM 956  C  CE  B MSE A 1 122 ? 8.553   9.854   -9.904  0.50 18.73 ? 110 MSE A CE  1 
ATOM   957  N  N   . ASN A 1 123 ? 8.662   14.694  -7.491  1.00 35.57 ? 111 ASN A N   1 
ATOM   958  C  CA  . ASN A 1 123 ? 8.304   16.075  -7.746  1.00 41.57 ? 111 ASN A CA  1 
ATOM   959  C  C   . ASN A 1 123 ? 6.770   16.194  -7.613  1.00 43.96 ? 111 ASN A C   1 
ATOM   960  O  O   . ASN A 1 123 ? 6.084   16.853  -8.400  1.00 46.51 ? 111 ASN A O   1 
ATOM   961  C  CB  . ASN A 1 123 ? 8.845   16.531  -9.124  1.00 43.95 ? 111 ASN A CB  1 
ATOM   962  C  CG  . ASN A 1 123 ? 10.374  16.225  -9.317  1.00 50.91 ? 111 ASN A CG  1 
ATOM   963  O  OD1 . ASN A 1 123 ? 10.790  15.179  -9.924  1.00 32.20 ? 111 ASN A OD1 1 
ATOM   964  N  ND2 . ASN A 1 123 ? 11.207  17.143  -8.795  1.00 45.11 ? 111 ASN A ND2 1 
ATOM   965  N  N   . ALA A 1 124 ? 6.242   15.515  -6.605  1.00 45.48 ? 112 ALA A N   1 
ATOM   966  C  CA  . ALA A 1 124 ? 4.812   15.542  -6.307  1.00 47.45 ? 112 ALA A CA  1 
ATOM   967  C  C   . ALA A 1 124 ? 4.586   16.658  -5.318  1.00 51.48 ? 112 ALA A C   1 
ATOM   968  O  O   . ALA A 1 124 ? 5.430   16.865  -4.409  1.00 52.77 ? 112 ALA A O   1 
ATOM   969  C  CB  . ALA A 1 124 ? 4.378   14.230  -5.683  1.00 46.26 ? 112 ALA A CB  1 
ATOM   970  N  N   . LYS A 1 125 ? 3.445   17.349  -5.467  1.00 52.23 ? 113 LYS A N   1 
ATOM   971  C  CA  . LYS A 1 125 ? 3.063   18.464  -4.577  1.00 54.23 ? 113 LYS A CA  1 
ATOM   972  C  C   . LYS A 1 125 ? 2.895   18.014  -3.119  1.00 53.59 ? 113 LYS A C   1 
ATOM   973  O  O   . LYS A 1 125 ? 3.259   18.727  -2.186  1.00 51.90 ? 113 LYS A O   1 
ATOM   974  C  CB  . LYS A 1 125 ? 1.757   19.117  -5.067  1.00 54.92 ? 113 LYS A CB  1 
ATOM   975  C  CG  . LYS A 1 125 ? 1.147   20.151  -4.109  1.00 57.14 ? 113 LYS A CG  1 
ATOM   976  C  CD  . LYS A 1 125 ? -0.060  20.849  -4.739  1.00 56.74 ? 113 LYS A CD  1 
ATOM   977  C  CE  . LYS A 1 125 ? -0.912  21.585  -3.706  1.00 55.24 ? 113 LYS A CE  1 
ATOM   978  N  NZ  . LYS A 1 125 ? -1.714  22.606  -4.399  1.00 53.12 ? 113 LYS A NZ  1 
ATOM   979  N  N   . ARG A 1 126 ? 2.344   16.822  -2.938  1.00 53.92 ? 114 ARG A N   1 
ATOM   980  C  CA  . ARG A 1 126 ? 2.013   16.318  -1.609  1.00 54.05 ? 114 ARG A CA  1 
ATOM   981  C  C   . ARG A 1 126 ? 1.579   14.869  -1.739  1.00 52.64 ? 114 ARG A C   1 
ATOM   982  O  O   . ARG A 1 126 ? 1.495   14.357  -2.868  1.00 51.20 ? 114 ARG A O   1 
ATOM   983  C  CB  . ARG A 1 126 ? 0.853   17.131  -1.006  1.00 53.40 ? 114 ARG A CB  1 
ATOM   984  C  CG  . ARG A 1 126 ? -0.439  17.079  -1.841  1.00 54.54 ? 114 ARG A CG  1 
ATOM   985  C  CD  . ARG A 1 126 ? -1.395  18.162  -1.395  1.00 54.14 ? 114 ARG A CD  1 
ATOM   986  N  NE  . ARG A 1 126 ? -2.700  18.066  -2.041  1.00 53.39 ? 114 ARG A NE  1 
ATOM   987  C  CZ  . ARG A 1 126 ? -3.635  17.165  -1.729  1.00 55.29 ? 114 ARG A CZ  1 
ATOM   988  N  NH1 . ARG A 1 126 ? -3.442  16.256  -0.766  1.00 47.84 ? 114 ARG A NH1 1 
ATOM   989  N  NH2 . ARG A 1 126 ? -4.787  17.184  -2.388  1.00 52.12 ? 114 ARG A NH2 1 
ATOM   990  N  N   . ILE A 1 127 ? 1.318   14.247  -0.578  1.00 50.66 ? 115 ILE A N   1 
ATOM   991  C  CA  . ILE A 1 127 ? 0.564   12.990  -0.449  1.00 49.63 ? 115 ILE A CA  1 
ATOM   992  C  C   . ILE A 1 127 ? -0.899  13.297  -0.059  1.00 51.33 ? 115 ILE A C   1 
ATOM   993  O  O   . ILE A 1 127 ? -1.264  14.456  0.263   1.00 50.33 ? 115 ILE A O   1 
ATOM   994  C  CB  . ILE A 1 127 ? 1.147   12.076  0.663   1.00 51.05 ? 115 ILE A CB  1 
ATOM   995  C  CG2 . ILE A 1 127 ? 2.542   11.534  0.287   1.00 43.47 ? 115 ILE A CG2 1 
ATOM   996  N  N   . SER A 1 128 ? -1.722  12.247  -0.062  1.00 49.22 ? 116 SER A N   1 
ATOM   997  C  CA  . SER A 1 128 ? -3.149  12.347  0.318   1.00 50.17 ? 116 SER A CA  1 
ATOM   998  C  C   . SER A 1 128 ? -3.471  13.041  1.646   1.00 52.28 ? 116 SER A C   1 
ATOM   999  O  O   . SER A 1 128 ? -2.752  12.856  2.643   1.00 52.24 ? 116 SER A O   1 
ATOM   1000 C  CB  . SER A 1 128 ? -3.749  10.947  0.466   1.00 45.27 ? 116 SER A CB  1 
ATOM   1001 O  OG  . SER A 1 128 ? -4.168  10.457  -0.753  1.00 37.68 ? 116 SER A OG  1 
ATOM   1002 N  N   . ASN A 1 129 ? -4.592  13.780  1.653   1.00 52.14 ? 117 ASN A N   1 
ATOM   1003 C  CA  . ASN A 1 129 ? -5.277  14.134  2.895   1.00 52.24 ? 117 ASN A CA  1 
ATOM   1004 C  C   . ASN A 1 129 ? -6.044  12.911  3.417   1.00 53.26 ? 117 ASN A C   1 
ATOM   1005 O  O   . ASN A 1 129 ? -6.198  11.902  2.719   1.00 51.09 ? 117 ASN A O   1 
ATOM   1006 C  CB  . ASN A 1 129 ? -6.286  15.282  2.695   1.00 51.29 ? 117 ASN A CB  1 
ATOM   1007 C  CG  . ASN A 1 129 ? -5.687  16.491  2.027   1.00 49.69 ? 117 ASN A CG  1 
ATOM   1008 O  OD1 . ASN A 1 129 ? -4.622  16.984  2.427   1.00 43.28 ? 117 ASN A OD1 1 
ATOM   1009 N  ND2 . ASN A 1 129 ? -6.385  17.001  1.015   1.00 42.52 ? 117 ASN A ND2 1 
ATOM   1010 N  N   . THR A 1 130 ? -6.543  13.041  4.649   1.00 54.96 ? 118 THR A N   1 
ATOM   1011 C  CA  . THR A 1 130 ? -7.354  12.004  5.298   1.00 54.51 ? 118 THR A CA  1 
ATOM   1012 C  C   . THR A 1 130 ? -8.277  12.654  6.328   1.00 52.35 ? 118 THR A C   1 
ATOM   1013 O  O   . THR A 1 130 ? -8.040  13.801  6.717   1.00 51.66 ? 118 THR A O   1 
ATOM   1014 C  CB  . THR A 1 130 ? -6.459  10.908  5.969   1.00 54.41 ? 118 THR A CB  1 
ATOM   1015 O  OG1 . THR A 1 130 ? -7.288  9.871   6.521   1.00 49.72 ? 118 THR A OG1 1 
ATOM   1016 C  CG2 . THR A 1 130 ? -5.570  11.506  7.067   1.00 51.65 ? 118 THR A CG2 1 
HETATM 1017 S  S   . SO4 B 2 .   ? -9.282  -3.757  11.469  1.00 63.00 ? 148 SO4 A S   1 
HETATM 1018 O  O1  . SO4 B 2 .   ? -8.142  -4.417  10.824  1.00 70.54 ? 148 SO4 A O1  1 
HETATM 1019 O  O2  . SO4 B 2 .   ? -9.909  -2.827  10.520  1.00 68.90 ? 148 SO4 A O2  1 
HETATM 1020 O  O3  . SO4 B 2 .   ? -8.866  -2.998  12.639  1.00 64.88 ? 148 SO4 A O3  1 
HETATM 1021 O  O4  . SO4 B 2 .   ? -10.213 -4.795  11.939  1.00 68.52 ? 148 SO4 A O4  1 
HETATM 1022 O  O1  . UNL C 3 .   ? -3.401  3.467   10.546  1.00 53.91 ? 149 UNL A O1  1 
HETATM 1023 O  O2  . UNL C 3 .   ? -4.615  0.620   10.147  1.00 26.42 ? 149 UNL A O2  1 
HETATM 1024 O  O3  . UNL C 3 .   ? -2.622  2.778   12.947  1.00 54.15 ? 149 UNL A O3  1 
HETATM 1025 O  O4  . UNL C 3 .   ? -1.258  2.813   14.678  1.00 38.08 ? 149 UNL A O4  1 
HETATM 1026 O  O5  . UNL C 3 .   ? 0.762   5.209   14.609  1.00 32.24 ? 149 UNL A O5  1 
HETATM 1027 O  O6  . UNL C 3 .   ? 0.603   3.507   14.027  1.00 29.52 ? 149 UNL A O6  1 
HETATM 1028 O  O7  . UNL C 3 .   ? -0.632  5.507   14.327  1.00 37.85 ? 149 UNL A O7  1 
HETATM 1029 O  O8  . UNL C 3 .   ? 1.374   6.776   17.653  1.00 56.89 ? 149 UNL A O8  1 
HETATM 1030 O  O9  . UNL C 3 .   ? 1.232   4.917   16.103  1.00 33.31 ? 149 UNL A O9  1 
HETATM 1031 O  O10 . UNL C 3 .   ? 1.823   6.342   14.221  1.00 36.48 ? 149 UNL A O10 1 
HETATM 1032 O  O   . HOH D 4 .   ? 7.361   -0.483  -3.735  1.00 20.32 ? 150 HOH A O   1 
HETATM 1033 O  O   . HOH D 4 .   ? 2.984   2.222   -11.138 1.00 21.23 ? 151 HOH A O   1 
HETATM 1034 O  O   . HOH D 4 .   ? -19.240 -5.790  -5.459  1.00 21.17 ? 152 HOH A O   1 
HETATM 1035 O  O   . HOH D 4 .   ? -16.303 -8.481  -5.871  1.00 21.07 ? 153 HOH A O   1 
HETATM 1036 O  O   . HOH D 4 .   ? 2.060   1.670   15.304  1.00 20.08 ? 154 HOH A O   1 
HETATM 1037 O  O   . HOH D 4 .   ? 13.006  12.851  -0.532  1.00 21.13 ? 155 HOH A O   1 
HETATM 1038 O  O   . HOH D 4 .   ? -15.140 -6.591  -7.340  0.50 20.48 ? 156 HOH A O   1 
HETATM 1039 O  O   . HOH D 4 .   ? 11.319  7.224   1.740   1.00 20.56 ? 157 HOH A O   1 
HETATM 1040 O  O   . HOH D 4 .   ? 9.992   7.111   8.283   1.00 21.98 ? 158 HOH A O   1 
HETATM 1041 O  O   . HOH D 4 .   ? -18.346 -1.589  0.274   1.00 22.37 ? 159 HOH A O   1 
HETATM 1042 O  O   . HOH D 4 .   ? -13.041 -0.421  6.083   1.00 24.93 ? 160 HOH A O   1 
HETATM 1043 O  O   . HOH D 4 .   ? 13.479  14.450  -2.930  1.00 25.10 ? 161 HOH A O   1 
HETATM 1044 O  O   . HOH D 4 .   ? 6.143   1.652   -9.778  1.00 27.61 ? 162 HOH A O   1 
HETATM 1045 O  O   . HOH D 4 .   ? 11.284  8.670   -7.471  1.00 25.33 ? 163 HOH A O   1 
HETATM 1046 O  O   . HOH D 4 .   ? -21.712 -4.721  -5.333  1.00 27.24 ? 164 HOH A O   1 
HETATM 1047 O  O   . HOH D 4 .   ? 6.408   3.801   20.075  1.00 26.63 ? 165 HOH A O   1 
HETATM 1048 O  O   . HOH D 4 .   ? 10.317  1.445   -5.596  1.00 26.50 ? 166 HOH A O   1 
HETATM 1049 O  O   . HOH D 4 .   ? -10.186 -6.121  -7.121  1.00 29.57 ? 167 HOH A O   1 
HETATM 1050 O  O   . HOH D 4 .   ? -20.042 -4.980  1.545   1.00 27.72 ? 168 HOH A O   1 
HETATM 1051 O  O   . HOH D 4 .   ? 6.321   -12.312 0.227   1.00 28.78 ? 169 HOH A O   1 
HETATM 1052 O  O   . HOH D 4 .   ? 8.435   13.143  5.065   1.00 29.47 ? 170 HOH A O   1 
HETATM 1053 O  O   . HOH D 4 .   ? -9.487  0.807   -4.572  1.00 30.34 ? 171 HOH A O   1 
HETATM 1054 O  O   . HOH D 4 .   ? -8.778  -0.552  1.137   1.00 31.90 ? 172 HOH A O   1 
HETATM 1055 O  O   . HOH D 4 .   ? 7.646   0.656   -6.327  1.00 31.27 ? 173 HOH A O   1 
HETATM 1056 O  O   . HOH D 4 .   ? 11.817  7.857   6.310   1.00 28.75 ? 174 HOH A O   1 
HETATM 1057 O  O   . HOH D 4 .   ? 3.898   4.521   20.996  1.00 30.68 ? 175 HOH A O   1 
HETATM 1058 O  O   . HOH D 4 .   ? -8.450  -14.900 -4.566  1.00 28.25 ? 176 HOH A O   1 
HETATM 1059 O  O   . HOH D 4 .   ? -7.538  -5.633  -11.394 0.50 37.51 ? 177 HOH A O   1 
HETATM 1060 O  O   . HOH D 4 .   ? 8.850   -11.369 0.750   1.00 31.95 ? 178 HOH A O   1 
HETATM 1061 O  O   . HOH D 4 .   ? -13.199 -2.185  7.988   1.00 31.88 ? 179 HOH A O   1 
HETATM 1062 O  O   . HOH D 4 .   ? -4.145  -10.521 4.334   1.00 34.24 ? 180 HOH A O   1 
HETATM 1063 O  O   . HOH D 4 .   ? 9.773   -4.145  -7.619  1.00 35.85 ? 181 HOH A O   1 
HETATM 1064 O  O   . HOH D 4 .   ? 8.343   -0.790  -8.288  1.00 33.53 ? 182 HOH A O   1 
HETATM 1065 O  O   . HOH D 4 .   ? 6.188   -9.761  14.908  1.00 33.58 ? 183 HOH A O   1 
HETATM 1066 O  O   . HOH D 4 .   ? -3.258  -7.780  14.934  1.00 31.46 ? 184 HOH A O   1 
HETATM 1067 O  O   . HOH D 4 .   ? -2.598  -10.800 17.797  1.00 34.86 ? 185 HOH A O   1 
HETATM 1068 O  O   . HOH D 4 .   ? -0.462  -1.872  20.380  1.00 33.44 ? 186 HOH A O   1 
HETATM 1069 O  O   . HOH D 4 .   ? 6.601   -14.514 -1.593  1.00 35.85 ? 187 HOH A O   1 
HETATM 1070 O  O   . HOH D 4 .   ? 9.202   -1.215  -11.894 1.00 40.55 ? 188 HOH A O   1 
HETATM 1071 O  O   . HOH D 4 .   ? 1.728   2.175   -13.462 1.00 33.74 ? 189 HOH A O   1 
HETATM 1072 O  O   . HOH D 4 .   ? -5.614  11.652  -3.087  1.00 34.90 ? 190 HOH A O   1 
HETATM 1073 O  O   . HOH D 4 .   ? 2.421   -11.621 7.307   1.00 36.85 ? 191 HOH A O   1 
HETATM 1074 O  O   . HOH D 4 .   ? 0.079   -8.304  -12.875 1.00 36.02 ? 192 HOH A O   1 
HETATM 1075 O  O   . HOH D 4 .   ? -7.246  2.964   -2.789  1.00 36.43 ? 193 HOH A O   1 
HETATM 1076 O  O   . HOH D 4 .   ? -5.930  10.477  -9.117  1.00 59.92 ? 194 HOH A O   1 
HETATM 1077 O  O   . HOH D 4 .   ? 8.471   8.489   12.711  1.00 37.25 ? 195 HOH A O   1 
HETATM 1078 O  O   . HOH D 4 .   ? -24.392 1.833   2.093   1.00 35.46 ? 196 HOH A O   1 
HETATM 1079 O  O   . HOH D 4 .   ? 9.679   -2.232  -5.840  1.00 36.20 ? 197 HOH A O   1 
HETATM 1080 O  O   . HOH D 4 .   ? -1.023  -9.943  6.443   1.00 36.98 ? 198 HOH A O   1 
HETATM 1081 O  O   . HOH D 4 .   ? -4.222  -13.394 -9.251  1.00 37.66 ? 199 HOH A O   1 
HETATM 1082 O  O   . HOH D 4 .   ? 16.083  12.205  2.491   1.00 33.65 ? 200 HOH A O   1 
HETATM 1083 O  O   . HOH D 4 .   ? -5.859  4.174   -8.028  1.00 35.47 ? 201 HOH A O   1 
HETATM 1084 O  O   . HOH D 4 .   ? 14.727  16.508  -5.552  1.00 39.32 ? 202 HOH A O   1 
HETATM 1085 O  O   . HOH D 4 .   ? 7.837   -13.559 4.746   1.00 36.68 ? 203 HOH A O   1 
HETATM 1086 O  O   . HOH D 4 .   ? -0.844  -7.500  7.843   1.00 34.55 ? 204 HOH A O   1 
HETATM 1087 O  O   . HOH D 4 .   ? 11.843  -0.782  -6.055  1.00 36.93 ? 205 HOH A O   1 
HETATM 1088 O  O   . HOH D 4 .   ? -21.875 -3.733  -0.127  1.00 36.60 ? 206 HOH A O   1 
HETATM 1089 O  O   . HOH D 4 .   ? 4.169   -13.671 6.617   1.00 40.01 ? 207 HOH A O   1 
HETATM 1090 O  O   . HOH D 4 .   ? 15.084  8.038   4.232   1.00 38.06 ? 208 HOH A O   1 
HETATM 1091 O  O   . HOH D 4 .   ? -4.105  -13.027 3.477   1.00 34.93 ? 209 HOH A O   1 
HETATM 1092 O  O   . HOH D 4 .   ? 6.835   7.157   14.473  1.00 39.49 ? 210 HOH A O   1 
HETATM 1093 O  O   . HOH D 4 .   ? 6.246   -13.697 2.621   1.00 34.99 ? 211 HOH A O   1 
HETATM 1094 O  O   . HOH D 4 .   ? -5.884  6.546   1.975   1.00 39.84 ? 212 HOH A O   1 
HETATM 1095 O  O   . HOH D 4 .   ? 3.468   11.371  9.486   1.00 40.03 ? 213 HOH A O   1 
HETATM 1096 O  O   . HOH D 4 .   ? -3.391  -6.412  -13.278 1.00 36.05 ? 214 HOH A O   1 
HETATM 1097 O  O   . HOH D 4 .   ? 9.263   14.768  3.051   1.00 35.53 ? 215 HOH A O   1 
HETATM 1098 O  O   . HOH D 4 .   ? 6.361   13.966  6.277   1.00 40.31 ? 216 HOH A O   1 
HETATM 1099 O  O   . HOH D 4 .   ? -15.939 -14.903 -2.840  1.00 41.39 ? 217 HOH A O   1 
HETATM 1100 O  O   . HOH D 4 .   ? 8.362   4.966   -7.773  1.00 38.99 ? 218 HOH A O   1 
HETATM 1101 O  O   . HOH D 4 .   ? -3.195  8.264   -12.451 1.00 37.95 ? 219 HOH A O   1 
HETATM 1102 O  O   . HOH D 4 .   ? -6.468  6.623   -2.809  1.00 38.06 ? 220 HOH A O   1 
HETATM 1103 O  O   . HOH D 4 .   ? 0.037   19.235  -8.160  1.00 38.87 ? 221 HOH A O   1 
HETATM 1104 O  O   . HOH D 4 .   ? 7.602   12.899  -11.741 1.00 43.39 ? 222 HOH A O   1 
HETATM 1105 O  O   . HOH D 4 .   ? 13.027  -9.552  11.895  1.00 39.60 ? 223 HOH A O   1 
HETATM 1106 O  O   . HOH D 4 .   ? 13.420  -3.588  -0.362  1.00 41.69 ? 224 HOH A O   1 
HETATM 1107 O  O   . HOH D 4 .   ? 15.640  14.750  2.459   0.50 37.01 ? 225 HOH A O   1 
HETATM 1108 O  O   . HOH D 4 .   ? 10.460  17.744  -4.723  1.00 43.97 ? 226 HOH A O   1 
HETATM 1109 O  O   . HOH D 4 .   ? 0.450   4.083   -13.162 1.00 40.89 ? 227 HOH A O   1 
HETATM 1110 O  O   . HOH D 4 .   ? -7.119  0.466   9.538   1.00 55.59 ? 228 HOH A O   1 
HETATM 1111 O  O   . HOH D 4 .   ? 0.924   -9.661  10.811  1.00 44.54 ? 229 HOH A O   1 
HETATM 1112 O  O   . HOH D 4 .   ? 3.935   -11.250 16.952  1.00 41.65 ? 230 HOH A O   1 
HETATM 1113 O  O   . HOH D 4 .   ? 9.989   7.990   10.929  1.00 40.98 ? 231 HOH A O   1 
HETATM 1114 O  O   . HOH D 4 .   ? 9.140   15.704  -11.968 1.00 46.76 ? 232 HOH A O   1 
HETATM 1115 O  O   . HOH D 4 .   ? -19.053 -6.001  5.891   1.00 41.20 ? 233 HOH A O   1 
HETATM 1116 O  O   . HOH D 4 .   ? 5.161   -9.494  -10.093 1.00 42.51 ? 234 HOH A O   1 
HETATM 1117 O  O   . HOH D 4 .   ? -4.207  -2.967  19.913  1.00 44.61 ? 235 HOH A O   1 
HETATM 1118 O  O   . HOH D 4 .   ? -3.043  -0.486  20.510  1.00 40.15 ? 236 HOH A O   1 
HETATM 1119 O  O   . HOH D 4 .   ? 0.305   8.441   -13.176 1.00 43.90 ? 237 HOH A O   1 
HETATM 1120 O  O   . HOH D 4 .   ? -2.975  -13.922 1.321   1.00 44.25 ? 238 HOH A O   1 
HETATM 1121 O  O   . HOH D 4 .   ? -7.146  1.061   -6.401  1.00 41.24 ? 239 HOH A O   1 
HETATM 1122 O  O   . HOH D 4 .   ? -17.406 -13.109 -1.304  1.00 45.66 ? 240 HOH A O   1 
HETATM 1123 O  O   . HOH D 4 .   ? -8.919  -15.422 -1.958  1.00 40.64 ? 241 HOH A O   1 
HETATM 1124 O  O   . HOH D 4 .   ? -12.708 -10.586 3.532   1.00 42.77 ? 242 HOH A O   1 
HETATM 1125 O  O   . HOH D 4 .   ? -0.691  -9.108  14.882  1.00 43.80 ? 243 HOH A O   1 
HETATM 1126 O  O   . HOH D 4 .   ? -6.663  1.014   6.890   1.00 44.71 ? 244 HOH A O   1 
HETATM 1127 O  O   . HOH D 4 .   ? -5.526  9.554   2.458   1.00 46.67 ? 245 HOH A O   1 
HETATM 1128 O  O   . HOH D 4 .   ? -1.505  -0.887  -13.516 1.00 46.47 ? 246 HOH A O   1 
HETATM 1129 O  O   . HOH D 4 .   ? 6.574   2.137   -16.922 1.00 42.70 ? 247 HOH A O   1 
HETATM 1130 O  O   . HOH D 4 .   ? -10.501 -0.751  9.335   1.00 44.82 ? 248 HOH A O   1 
HETATM 1131 O  O   . HOH D 4 .   ? 13.658  -1.929  -4.809  1.00 47.02 ? 249 HOH A O   1 
HETATM 1132 O  O   . HOH D 4 .   ? -17.328 -7.368  3.964   1.00 45.54 ? 250 HOH A O   1 
HETATM 1133 O  O   . HOH D 4 .   ? 13.859  17.056  -8.350  1.00 46.43 ? 251 HOH A O   1 
HETATM 1134 O  O   . HOH D 4 .   ? 4.849   9.074   16.219  1.00 46.55 ? 252 HOH A O   1 
HETATM 1135 O  O   . HOH D 4 .   ? 1.758   -10.161 12.817  1.00 52.19 ? 253 HOH A O   1 
HETATM 1136 O  O   . HOH D 4 .   ? 11.650  -10.221 8.606   1.00 42.96 ? 254 HOH A O   1 
HETATM 1137 O  O   . HOH D 4 .   ? -1.909  7.435   10.750  1.00 52.01 ? 255 HOH A O   1 
HETATM 1138 O  O   . HOH D 4 .   ? -3.563  8.532   8.915   1.00 47.07 ? 256 HOH A O   1 
HETATM 1139 O  O   . HOH D 4 .   ? 7.364   -14.003 14.863  1.00 49.79 ? 257 HOH A O   1 
HETATM 1140 O  O   . HOH D 4 .   ? 15.788  10.231  4.915   1.00 44.62 ? 258 HOH A O   1 
HETATM 1141 O  O   . HOH D 4 .   ? 3.946   -10.739 14.268  1.00 48.64 ? 259 HOH A O   1 
HETATM 1142 O  O   . HOH D 4 .   ? 2.370   10.273  3.230   1.00 38.22 ? 260 HOH A O   1 
HETATM 1143 O  O   . HOH D 4 .   ? -4.211  -15.045 -7.401  1.00 52.93 ? 261 HOH A O   1 
HETATM 1144 O  O   . HOH D 4 .   ? -5.774  -14.385 -4.774  1.00 46.64 ? 262 HOH A O   1 
HETATM 1145 O  O   . HOH D 4 .   ? -1.942  16.233  2.027   1.00 47.06 ? 263 HOH A O   1 
HETATM 1146 O  O   . HOH D 4 .   ? -0.422  -14.551 1.189   1.00 48.75 ? 264 HOH A O   1 
HETATM 1147 O  O   . HOH D 4 .   ? 14.193  2.097   7.154   1.00 49.89 ? 265 HOH A O   1 
HETATM 1148 O  O   . HOH D 4 .   ? 1.888   15.710  1.884   1.00 47.70 ? 266 HOH A O   1 
HETATM 1149 O  O   . HOH D 4 .   ? -25.352 -0.842  3.466   1.00 51.40 ? 267 HOH A O   1 
HETATM 1150 O  O   . HOH D 4 .   ? 0.455   -10.862 -11.277 1.00 51.88 ? 268 HOH A O   1 
HETATM 1151 O  O   . HOH D 4 .   ? 2.500   -13.841 -9.432  1.00 55.03 ? 269 HOH A O   1 
HETATM 1152 O  O   . HOH D 4 .   ? 1.968   -15.965 -3.732  1.00 59.49 ? 270 HOH A O   1 
HETATM 1153 O  O   . HOH D 4 .   ? 12.609  -7.771  10.022  1.00 46.22 ? 271 HOH A O   1 
# 
